data_4A59
#
_entry.id   4A59
#
_cell.length_a   89.170
_cell.length_b   166.030
_cell.length_c   97.940
_cell.angle_alpha   90.00
_cell.angle_beta   97.15
_cell.angle_gamma   90.00
#
_symmetry.space_group_name_H-M   'P 1 21 1'
#
loop_
_entity.id
_entity.type
_entity.pdbx_description
1 polymer 'NUCLEOSIDE-TRIPHOSPHATASE 1'
2 non-polymer 'ADENOSINE MONOPHOSPHATE'
3 water water
#
_entity_poly.entity_id   1
_entity_poly.type   'polypeptide(L)'
_entity_poly.pdbx_seq_one_letter_code
;MTDSSSLRGVDADTEKRINVGKKHLQTLRNLETRCHDSLQALVVIDAGSSSTRTNVFLAKTRSCPNKGRSIDPDSIQLIG
AGKRFAGLRVVLEEWLDTYAGKDWESRPVDARLLFQYVPQMHEGAKKLMQLLEEDTVAILDSQLNEKQKVQVKALGIPVM
LCSTAGVRDFHEWYRDALFVLLRHLINNPSPAHGYKFFTNPFWTRPITGAEEGLFAFITLNHLSRRLGEDPARCMIDEYG
VKQCRNDLAGVVEVGGASAQIVFPLQEGTVLPSSVRAVNLQRERLLPERYPSADVVSVSFMQLGMASSAGLFLKELCSND
EFLQGGICSNPCLFKGFQQSCSAGEVEVRPDGSASVNEDVRKNRLKPLATYCSVNNPEISFKVTNEMQCRENSIDPTKPL
AERMKIENCSIIKGTGNFDKCVSQVESILVAPKLPLPANIEAASSGFESVDQVFRFASSTAPMIVTGGGMLAAINTLKDH
RLLRSDFSGDVEELAEAAREFCSSEVIIRTDGPVIQLPNARGEQKLNSLNFDLCKTMALTVSLLRHMAAGENQPSFIKWE
KSIAGPDGKPLADLGWQVGVILHHVLFTEEWGRNAYEAGYSHNLEHHHHHH
;
_entity_poly.pdbx_strand_id   A,B,C,D
#
# COMPACT_ATOMS: atom_id res chain seq x y z
N ASP A 13 -52.64 -21.02 6.51
CA ASP A 13 -52.20 -22.13 5.66
C ASP A 13 -51.41 -21.59 4.46
N THR A 14 -52.08 -21.04 3.42
CA THR A 14 -51.44 -20.47 2.23
C THR A 14 -50.46 -19.34 2.58
N GLU A 15 -50.91 -18.31 3.33
CA GLU A 15 -50.06 -17.21 3.81
C GLU A 15 -48.89 -17.75 4.69
N LYS A 16 -49.22 -18.71 5.58
CA LYS A 16 -48.30 -19.41 6.48
C LYS A 16 -47.26 -20.24 5.67
N ARG A 17 -47.71 -21.01 4.62
CA ARG A 17 -46.84 -21.85 3.77
C ARG A 17 -45.92 -21.02 2.88
N ILE A 18 -46.41 -19.87 2.37
CA ILE A 18 -45.66 -18.91 1.55
C ILE A 18 -44.46 -18.37 2.37
N ASN A 19 -44.71 -17.96 3.64
CA ASN A 19 -43.71 -17.43 4.58
C ASN A 19 -42.63 -18.44 4.94
N VAL A 20 -43.00 -19.73 5.10
CA VAL A 20 -42.09 -20.86 5.37
C VAL A 20 -41.10 -21.04 4.18
N GLY A 21 -41.61 -20.92 2.96
CA GLY A 21 -40.83 -20.97 1.73
C GLY A 21 -39.88 -19.79 1.62
N LYS A 22 -40.34 -18.60 2.04
CA LYS A 22 -39.56 -17.34 2.07
C LYS A 22 -38.42 -17.44 3.09
N LYS A 23 -38.78 -17.88 4.31
CA LYS A 23 -37.89 -18.10 5.45
C LYS A 23 -36.78 -19.12 5.13
N HIS A 24 -37.13 -20.23 4.46
CA HIS A 24 -36.16 -21.26 4.09
C HIS A 24 -35.08 -20.70 3.14
N LEU A 25 -35.49 -19.90 2.13
CA LEU A 25 -34.58 -19.26 1.18
C LEU A 25 -33.68 -18.23 1.86
N GLN A 26 -34.24 -17.49 2.84
CA GLN A 26 -33.51 -16.51 3.63
C GLN A 26 -32.52 -17.21 4.56
N THR A 27 -32.89 -18.38 5.15
CA THR A 27 -31.97 -19.14 5.99
C THR A 27 -30.73 -19.51 5.16
N LEU A 28 -30.93 -20.14 3.98
CA LEU A 28 -29.92 -20.56 3.04
C LEU A 28 -29.03 -19.41 2.57
N ARG A 29 -29.66 -18.25 2.28
CA ARG A 29 -28.94 -17.06 1.82
CA ARG A 29 -28.97 -17.03 1.84
C ARG A 29 -28.03 -16.55 2.95
N ASN A 30 -28.52 -16.58 4.20
CA ASN A 30 -27.76 -16.17 5.38
C ASN A 30 -26.56 -17.08 5.62
N LEU A 31 -26.74 -18.39 5.44
CA LEU A 31 -25.70 -19.41 5.59
C LEU A 31 -24.50 -19.21 4.63
N GLU A 32 -24.77 -18.80 3.38
CA GLU A 32 -23.76 -18.53 2.36
C GLU A 32 -23.17 -17.09 2.34
N THR A 33 -23.68 -16.18 3.23
CA THR A 33 -23.14 -14.81 3.33
C THR A 33 -22.42 -14.52 4.67
N ARG A 34 -22.76 -15.27 5.73
CA ARG A 34 -22.19 -15.08 7.07
C ARG A 34 -20.88 -15.81 7.34
N CYS A 35 -20.21 -15.46 8.43
CA CYS A 35 -18.98 -16.12 8.85
C CYS A 35 -19.36 -17.48 9.47
N HIS A 36 -18.46 -18.48 9.35
CA HIS A 36 -18.67 -19.81 9.92
C HIS A 36 -17.56 -20.09 10.91
N ASP A 37 -17.91 -20.58 12.10
CA ASP A 37 -16.93 -20.94 13.14
C ASP A 37 -16.60 -22.42 13.07
N SER A 38 -15.38 -22.75 13.44
CA SER A 38 -14.87 -24.11 13.50
C SER A 38 -13.74 -24.15 14.54
N LEU A 39 -13.68 -25.24 15.28
CA LEU A 39 -12.71 -25.51 16.33
C LEU A 39 -11.39 -26.07 15.76
N GLN A 40 -10.26 -25.63 16.30
CA GLN A 40 -8.96 -26.09 15.86
C GLN A 40 -8.14 -26.48 17.09
N ALA A 41 -7.26 -27.50 16.95
CA ALA A 41 -6.34 -27.87 18.01
C ALA A 41 -4.98 -27.30 17.67
N LEU A 42 -4.25 -26.84 18.69
CA LEU A 42 -2.89 -26.30 18.52
C LEU A 42 -2.04 -27.01 19.57
N VAL A 43 -0.86 -27.47 19.20
CA VAL A 43 0.01 -28.15 20.18
C VAL A 43 1.30 -27.39 20.45
N VAL A 44 1.62 -27.19 21.74
CA VAL A 44 2.90 -26.55 22.10
C VAL A 44 3.70 -27.59 22.85
N ILE A 45 4.88 -27.95 22.35
CA ILE A 45 5.71 -28.92 23.05
C ILE A 45 6.76 -28.12 23.80
N ASP A 46 6.79 -28.27 25.09
CA ASP A 46 7.70 -27.56 25.96
C ASP A 46 8.93 -28.44 26.23
N ALA A 47 10.03 -28.15 25.52
CA ALA A 47 11.30 -28.83 25.66
C ALA A 47 12.21 -28.06 26.64
N GLY A 48 11.97 -28.28 27.93
CA GLY A 48 12.71 -27.64 29.00
C GLY A 48 13.99 -28.36 29.37
N SER A 49 14.72 -27.81 30.35
CA SER A 49 16.00 -28.40 30.74
C SER A 49 15.89 -29.80 31.32
N SER A 50 14.78 -30.11 32.01
CA SER A 50 14.63 -31.42 32.69
C SER A 50 13.63 -32.35 32.05
N SER A 51 12.77 -31.81 31.18
CA SER A 51 11.76 -32.63 30.52
C SER A 51 11.25 -32.01 29.21
N THR A 52 10.54 -32.85 28.45
CA THR A 52 9.83 -32.48 27.25
C THR A 52 8.37 -32.90 27.53
N ARG A 53 7.45 -31.94 27.45
CA ARG A 53 6.05 -32.17 27.74
C ARG A 53 5.12 -31.54 26.68
N THR A 54 4.06 -32.29 26.28
CA THR A 54 3.07 -31.78 25.33
C THR A 54 2.05 -30.92 26.05
N ASN A 55 1.52 -29.90 25.35
CA ASN A 55 0.47 -28.97 25.81
C ASN A 55 -0.52 -28.83 24.65
N VAL A 56 -1.75 -29.27 24.86
CA VAL A 56 -2.78 -29.32 23.85
C VAL A 56 -3.75 -28.19 24.10
N PHE A 57 -3.95 -27.35 23.06
CA PHE A 57 -4.85 -26.21 23.18
C PHE A 57 -5.97 -26.31 22.19
N LEU A 58 -7.00 -25.51 22.41
CA LEU A 58 -8.14 -25.36 21.52
C LEU A 58 -8.32 -23.87 21.29
N ALA A 59 -8.78 -23.52 20.10
CA ALA A 59 -9.07 -22.16 19.71
C ALA A 59 -10.26 -22.21 18.73
N LYS A 60 -11.01 -21.14 18.67
CA LYS A 60 -12.12 -21.01 17.75
C LYS A 60 -11.60 -20.26 16.51
N THR A 61 -11.85 -20.83 15.32
CA THR A 61 -11.46 -20.21 14.06
C THR A 61 -12.75 -19.66 13.46
N ARG A 62 -12.62 -18.65 12.62
CA ARG A 62 -13.74 -18.02 11.95
C ARG A 62 -13.39 -17.82 10.49
N SER A 63 -14.23 -18.39 9.65
CA SER A 63 -14.15 -18.36 8.20
C SER A 63 -15.18 -17.33 7.67
N CYS A 64 -14.69 -16.23 7.07
CA CYS A 64 -15.54 -15.15 6.54
C CYS A 64 -15.41 -14.96 5.04
N PRO A 65 -16.57 -14.88 4.29
CA PRO A 65 -16.50 -14.71 2.82
C PRO A 65 -15.55 -13.60 2.36
N ASN A 66 -14.61 -13.97 1.45
CA ASN A 66 -13.52 -13.13 0.92
C ASN A 66 -12.48 -12.66 1.94
N LYS A 67 -12.53 -13.16 3.17
CA LYS A 67 -11.62 -12.71 4.24
C LYS A 67 -10.69 -13.80 4.78
N GLY A 68 -10.90 -15.06 4.38
CA GLY A 68 -10.08 -16.16 4.85
C GLY A 68 -10.52 -16.66 6.21
N ARG A 69 -9.60 -17.27 6.93
CA ARG A 69 -9.86 -17.87 8.24
C ARG A 69 -8.88 -17.28 9.27
N SER A 70 -9.38 -16.92 10.44
CA SER A 70 -8.56 -16.38 11.52
C SER A 70 -8.93 -17.03 12.85
N ILE A 71 -8.10 -16.83 13.86
CA ILE A 71 -8.37 -17.37 15.20
C ILE A 71 -8.86 -16.23 16.11
N ASP A 72 -9.88 -16.50 16.97
CA ASP A 72 -10.33 -15.56 17.98
C ASP A 72 -9.26 -15.75 19.10
N PRO A 73 -8.39 -14.77 19.36
CA PRO A 73 -7.33 -15.00 20.37
C PRO A 73 -7.83 -15.21 21.79
N ASP A 74 -9.03 -14.72 22.13
CA ASP A 74 -9.56 -14.87 23.47
C ASP A 74 -10.15 -16.25 23.75
N SER A 75 -10.31 -17.09 22.70
CA SER A 75 -10.85 -18.46 22.74
C SER A 75 -9.76 -19.52 23.01
N ILE A 76 -8.45 -19.12 22.92
CA ILE A 76 -7.31 -20.03 23.18
C ILE A 76 -7.41 -20.64 24.61
N GLN A 77 -7.46 -21.97 24.69
CA GLN A 77 -7.55 -22.69 25.96
C GLN A 77 -6.75 -23.98 26.00
N LEU A 78 -6.05 -24.22 27.10
CA LEU A 78 -5.32 -25.47 27.34
C LEU A 78 -6.37 -26.51 27.72
N ILE A 79 -6.38 -27.67 27.02
CA ILE A 79 -7.29 -28.76 27.37
C ILE A 79 -6.56 -29.89 28.11
N GLY A 80 -5.23 -29.91 27.98
CA GLY A 80 -4.42 -30.89 28.67
C GLY A 80 -2.94 -30.73 28.44
N ALA A 81 -2.18 -30.89 29.52
CA ALA A 81 -0.71 -30.89 29.54
C ALA A 81 -0.36 -32.37 29.82
N GLY A 82 0.55 -32.94 29.04
CA GLY A 82 0.91 -34.35 29.15
C GLY A 82 1.98 -34.73 30.15
N LYS A 83 2.46 -35.96 30.02
CA LYS A 83 3.50 -36.57 30.84
C LYS A 83 4.85 -35.89 30.56
N ARG A 84 5.75 -35.95 31.55
CA ARG A 84 7.10 -35.40 31.43
C ARG A 84 7.98 -36.50 30.85
N PHE A 85 8.49 -36.29 29.65
CA PHE A 85 9.38 -37.24 28.99
C PHE A 85 10.81 -36.70 29.08
N ALA A 86 11.78 -37.45 28.57
CA ALA A 86 13.19 -37.05 28.62
C ALA A 86 13.42 -35.68 27.95
N GLY A 87 14.27 -34.87 28.60
CA GLY A 87 14.67 -33.59 28.06
C GLY A 87 15.52 -33.80 26.82
N LEU A 88 15.54 -32.81 25.91
CA LEU A 88 16.36 -32.86 24.70
C LEU A 88 17.84 -32.99 25.01
N ARG A 89 18.26 -32.50 26.19
CA ARG A 89 19.66 -32.57 26.59
C ARG A 89 20.04 -34.04 26.83
N VAL A 90 19.10 -34.83 27.40
CA VAL A 90 19.31 -36.24 27.66
C VAL A 90 19.50 -37.00 26.35
N VAL A 91 18.74 -36.65 25.32
CA VAL A 91 18.83 -37.24 23.97
C VAL A 91 20.23 -36.99 23.37
N LEU A 92 20.71 -35.74 23.42
CA LEU A 92 22.02 -35.39 22.90
C LEU A 92 23.15 -36.00 23.71
N GLU A 93 23.00 -36.01 25.07
CA GLU A 93 23.99 -36.62 25.97
C GLU A 93 24.10 -38.14 25.78
N GLU A 94 22.95 -38.85 25.62
CA GLU A 94 22.96 -40.29 25.39
CA GLU A 94 22.91 -40.30 25.37
C GLU A 94 23.61 -40.63 24.04
N TRP A 95 23.37 -39.78 23.01
CA TRP A 95 23.94 -39.91 21.67
C TRP A 95 25.45 -39.65 21.72
N LEU A 96 25.88 -38.65 22.50
CA LEU A 96 27.29 -38.28 22.66
C LEU A 96 28.07 -39.33 23.46
N ASP A 97 27.45 -39.90 24.51
CA ASP A 97 28.08 -40.96 25.31
C ASP A 97 28.36 -42.19 24.45
N THR A 98 27.45 -42.49 23.51
CA THR A 98 27.60 -43.65 22.65
C THR A 98 28.61 -43.45 21.51
N TYR A 99 28.44 -42.39 20.72
CA TYR A 99 29.19 -42.13 19.49
C TYR A 99 30.42 -41.27 19.56
N ALA A 100 30.55 -40.45 20.62
CA ALA A 100 31.73 -39.60 20.82
C ALA A 100 32.68 -40.24 21.86
N GLY A 101 32.10 -41.02 22.78
CA GLY A 101 32.78 -41.62 23.91
C GLY A 101 32.43 -40.84 25.16
N LYS A 102 32.30 -41.52 26.31
CA LYS A 102 31.92 -40.92 27.61
C LYS A 102 32.73 -39.72 28.14
N ASP A 103 34.03 -39.60 27.78
CA ASP A 103 34.89 -38.49 28.22
C ASP A 103 34.77 -37.18 27.40
N TRP A 104 33.74 -37.09 26.51
CA TRP A 104 33.46 -35.98 25.60
C TRP A 104 33.38 -34.57 26.25
N GLU A 105 32.83 -34.46 27.48
CA GLU A 105 32.70 -33.19 28.23
C GLU A 105 34.07 -32.66 28.72
N SER A 106 35.12 -33.50 28.67
CA SER A 106 36.47 -33.20 29.14
C SER A 106 37.57 -33.30 28.06
N ARG A 107 37.35 -34.11 27.01
CA ARG A 107 38.33 -34.32 25.93
C ARG A 107 37.99 -33.54 24.62
N PRO A 108 39.00 -33.09 23.81
CA PRO A 108 38.68 -32.40 22.55
C PRO A 108 37.99 -33.33 21.51
N VAL A 109 36.69 -33.09 21.27
CA VAL A 109 35.85 -33.89 20.37
C VAL A 109 35.94 -33.41 18.91
N ASP A 110 36.23 -34.33 17.96
CA ASP A 110 36.20 -34.01 16.52
C ASP A 110 34.74 -34.18 16.08
N ALA A 111 33.97 -33.06 16.10
CA ALA A 111 32.53 -33.02 15.76
C ALA A 111 32.22 -33.44 14.33
N ARG A 112 33.11 -33.16 13.38
CA ARG A 112 32.97 -33.54 11.96
C ARG A 112 32.79 -35.07 11.79
N LEU A 113 33.45 -35.85 12.66
CA LEU A 113 33.37 -37.31 12.66
C LEU A 113 31.97 -37.79 13.05
N LEU A 114 31.27 -37.05 13.94
CA LEU A 114 29.94 -37.39 14.43
C LEU A 114 28.79 -37.29 13.41
N PHE A 115 29.07 -36.81 12.17
CA PHE A 115 28.09 -36.69 11.09
C PHE A 115 27.71 -38.06 10.55
N GLN A 116 28.59 -39.08 10.77
CA GLN A 116 28.31 -40.46 10.35
C GLN A 116 27.24 -41.10 11.23
N TYR A 117 26.98 -40.49 12.42
CA TYR A 117 25.98 -40.95 13.38
C TYR A 117 24.64 -40.14 13.38
N VAL A 118 24.34 -39.43 12.28
CA VAL A 118 23.08 -38.70 12.07
C VAL A 118 21.85 -39.70 12.13
N PRO A 119 21.90 -40.92 11.49
CA PRO A 119 20.74 -41.84 11.62
C PRO A 119 20.46 -42.28 13.07
N GLN A 120 21.51 -42.40 13.90
CA GLN A 120 21.40 -42.76 15.32
C GLN A 120 20.84 -41.57 16.14
N MET A 121 21.15 -40.32 15.74
CA MET A 121 20.58 -39.12 16.38
C MET A 121 19.07 -39.09 16.08
N HIS A 122 18.71 -39.35 14.80
CA HIS A 122 17.31 -39.44 14.38
C HIS A 122 16.55 -40.50 15.20
N GLU A 123 17.18 -41.67 15.44
CA GLU A 123 16.59 -42.75 16.23
C GLU A 123 16.27 -42.36 17.69
N GLY A 124 17.18 -41.62 18.34
CA GLY A 124 17.00 -41.13 19.71
C GLY A 124 15.86 -40.15 19.78
N ALA A 125 15.80 -39.22 18.79
CA ALA A 125 14.75 -38.21 18.63
C ALA A 125 13.36 -38.86 18.29
N LYS A 126 13.38 -39.96 17.50
CA LYS A 126 12.16 -40.67 17.09
C LYS A 126 11.49 -41.30 18.31
N LYS A 127 12.26 -41.99 19.18
CA LYS A 127 11.73 -42.62 20.39
C LYS A 127 10.96 -41.60 21.24
N LEU A 128 11.54 -40.40 21.42
CA LEU A 128 10.91 -39.31 22.19
C LEU A 128 9.66 -38.80 21.47
N MET A 129 9.75 -38.55 20.16
CA MET A 129 8.62 -38.07 19.37
C MET A 129 7.42 -39.00 19.34
N GLN A 130 7.66 -40.35 19.28
CA GLN A 130 6.63 -41.41 19.34
C GLN A 130 5.84 -41.26 20.64
N LEU A 131 6.56 -41.09 21.78
CA LEU A 131 5.96 -40.90 23.11
C LEU A 131 5.10 -39.63 23.18
N LEU A 132 5.61 -38.49 22.65
CA LEU A 132 4.89 -37.22 22.64
C LEU A 132 3.65 -37.26 21.75
N GLU A 133 3.76 -37.87 20.56
CA GLU A 133 2.65 -38.02 19.61
C GLU A 133 1.52 -38.82 20.25
N GLU A 134 1.85 -39.98 20.84
CA GLU A 134 0.91 -40.87 21.51
C GLU A 134 0.19 -40.19 22.70
N ASP A 135 0.93 -39.40 23.47
CA ASP A 135 0.39 -38.64 24.62
C ASP A 135 -0.54 -37.51 24.14
N THR A 136 -0.15 -36.81 23.06
CA THR A 136 -0.95 -35.72 22.44
C THR A 136 -2.29 -36.28 21.92
N VAL A 137 -2.22 -37.40 21.18
CA VAL A 137 -3.38 -38.08 20.60
C VAL A 137 -4.31 -38.59 21.72
N ALA A 138 -3.73 -39.13 22.81
CA ALA A 138 -4.49 -39.60 23.98
C ALA A 138 -5.24 -38.42 24.66
N ILE A 139 -4.63 -37.20 24.75
CA ILE A 139 -5.29 -36.00 25.33
C ILE A 139 -6.46 -35.55 24.45
N LEU A 140 -6.22 -35.46 23.11
CA LEU A 140 -7.26 -35.13 22.12
C LEU A 140 -8.43 -36.13 22.21
N ASP A 141 -8.13 -37.44 22.23
CA ASP A 141 -9.15 -38.49 22.32
C ASP A 141 -9.98 -38.46 23.61
N SER A 142 -9.37 -38.06 24.74
CA SER A 142 -10.07 -37.98 26.01
C SER A 142 -10.90 -36.69 26.17
N GLN A 143 -10.42 -35.58 25.57
CA GLN A 143 -11.07 -34.27 25.71
C GLN A 143 -12.10 -33.91 24.69
N LEU A 144 -11.97 -34.41 23.46
CA LEU A 144 -12.91 -34.08 22.37
C LEU A 144 -14.02 -35.06 22.15
N ASN A 145 -15.27 -34.53 21.96
CA ASN A 145 -16.44 -35.36 21.62
C ASN A 145 -16.39 -35.61 20.10
N GLU A 146 -17.23 -36.50 19.56
CA GLU A 146 -17.23 -36.84 18.14
C GLU A 146 -17.32 -35.67 17.14
N LYS A 147 -18.20 -34.67 17.42
CA LYS A 147 -18.41 -33.50 16.55
C LYS A 147 -17.17 -32.59 16.60
N GLN A 148 -16.56 -32.48 17.78
CA GLN A 148 -15.33 -31.71 17.99
C GLN A 148 -14.17 -32.39 17.29
N LYS A 149 -14.14 -33.73 17.29
CA LYS A 149 -13.11 -34.51 16.61
C LYS A 149 -13.15 -34.24 15.09
N VAL A 150 -14.36 -34.27 14.47
CA VAL A 150 -14.53 -34.02 13.03
C VAL A 150 -13.83 -32.71 12.62
N GLN A 151 -14.09 -31.63 13.37
CA GLN A 151 -13.56 -30.30 13.13
C GLN A 151 -12.05 -30.21 13.30
N VAL A 152 -11.54 -30.73 14.41
CA VAL A 152 -10.11 -30.70 14.74
C VAL A 152 -9.26 -31.50 13.72
N LYS A 153 -9.78 -32.67 13.30
CA LYS A 153 -9.11 -33.53 12.32
C LYS A 153 -9.11 -32.91 10.92
N ALA A 154 -10.16 -32.16 10.58
CA ALA A 154 -10.23 -31.51 9.26
C ALA A 154 -9.31 -30.30 9.12
N LEU A 155 -9.22 -29.45 10.16
CA LEU A 155 -8.43 -28.22 10.08
C LEU A 155 -6.94 -28.29 10.02
N GLY A 156 -6.37 -29.37 10.54
CA GLY A 156 -4.93 -29.53 10.65
C GLY A 156 -4.48 -29.05 12.02
N ILE A 157 -3.41 -29.64 12.55
CA ILE A 157 -2.95 -29.26 13.88
C ILE A 157 -1.54 -28.69 13.92
N PRO A 158 -1.39 -27.33 13.96
CA PRO A 158 -0.06 -26.72 14.08
C PRO A 158 0.63 -27.11 15.39
N VAL A 159 1.90 -27.49 15.25
CA VAL A 159 2.72 -27.89 16.38
C VAL A 159 3.85 -26.87 16.49
N MET A 160 4.08 -26.41 17.71
CA MET A 160 5.16 -25.50 18.06
C MET A 160 5.99 -26.14 19.19
N LEU A 161 7.14 -26.73 18.86
CA LEU A 161 8.05 -27.28 19.85
C LEU A 161 9.15 -26.25 20.05
N CYS A 162 9.30 -25.72 21.25
CA CYS A 162 10.37 -24.76 21.51
C CYS A 162 11.20 -25.29 22.62
N SER A 163 12.52 -25.24 22.43
CA SER A 163 13.37 -25.63 23.53
C SER A 163 13.83 -24.37 24.27
N THR A 164 13.81 -24.45 25.60
CA THR A 164 14.29 -23.37 26.44
C THR A 164 15.74 -23.72 26.88
N ALA A 165 16.07 -23.71 28.18
CA ALA A 165 17.43 -24.03 28.65
C ALA A 165 17.78 -25.51 28.51
N GLY A 166 19.04 -25.85 28.75
CA GLY A 166 19.53 -27.22 28.71
C GLY A 166 20.07 -27.67 27.37
N VAL A 167 19.70 -27.02 26.26
CA VAL A 167 20.20 -27.42 24.93
C VAL A 167 21.14 -26.36 24.34
N ARG A 168 21.22 -25.21 24.99
CA ARG A 168 21.99 -24.02 24.58
C ARG A 168 23.53 -24.16 24.56
N ASP A 169 24.10 -25.18 25.23
CA ASP A 169 25.54 -25.25 25.42
C ASP A 169 26.41 -26.35 24.76
N PHE A 170 25.96 -26.98 23.66
CA PHE A 170 26.78 -28.02 23.00
C PHE A 170 27.87 -27.47 22.06
N HIS A 171 27.67 -26.23 21.59
CA HIS A 171 28.58 -25.42 20.75
C HIS A 171 28.99 -25.98 19.39
N GLU A 172 28.29 -26.99 18.84
CA GLU A 172 28.70 -27.51 17.53
C GLU A 172 27.57 -27.44 16.52
N TRP A 173 27.26 -28.53 15.82
CA TRP A 173 26.19 -28.57 14.81
C TRP A 173 24.96 -29.33 15.32
N TYR A 174 25.12 -30.02 16.48
CA TYR A 174 24.17 -30.94 17.12
C TYR A 174 22.73 -30.51 17.30
N ARG A 175 22.50 -29.37 17.99
CA ARG A 175 21.16 -28.84 18.30
C ARG A 175 20.39 -28.47 17.05
N ASP A 176 21.02 -27.72 16.14
CA ASP A 176 20.38 -27.32 14.88
C ASP A 176 20.05 -28.53 14.02
N ALA A 177 20.92 -29.57 14.00
CA ALA A 177 20.63 -30.83 13.30
C ALA A 177 19.46 -31.54 13.99
N LEU A 178 19.46 -31.61 15.36
CA LEU A 178 18.35 -32.18 16.15
C LEU A 178 17.00 -31.54 15.77
N PHE A 179 16.97 -30.20 15.67
CA PHE A 179 15.78 -29.45 15.27
C PHE A 179 15.30 -29.76 13.87
N VAL A 180 16.24 -29.98 12.91
CA VAL A 180 15.83 -30.35 11.56
C VAL A 180 15.14 -31.75 11.62
N LEU A 181 15.74 -32.67 12.40
CA LEU A 181 15.22 -34.02 12.61
C LEU A 181 13.84 -34.05 13.33
N LEU A 182 13.65 -33.21 14.38
CA LEU A 182 12.40 -33.09 15.15
C LEU A 182 11.23 -32.62 14.29
N ARG A 183 11.49 -31.60 13.43
CA ARG A 183 10.49 -31.04 12.52
C ARG A 183 10.08 -32.07 11.49
N HIS A 184 11.05 -32.86 11.02
CA HIS A 184 10.78 -33.92 10.06
C HIS A 184 9.89 -34.98 10.70
N LEU A 185 10.16 -35.30 11.98
CA LEU A 185 9.36 -36.26 12.74
C LEU A 185 7.92 -35.76 12.96
N ILE A 186 7.76 -34.48 13.39
CA ILE A 186 6.45 -33.83 13.55
C ILE A 186 5.66 -33.82 12.25
N ASN A 187 6.35 -33.57 11.12
CA ASN A 187 5.73 -33.53 9.78
C ASN A 187 5.38 -34.90 9.17
N ASN A 188 5.61 -36.00 9.92
CA ASN A 188 5.26 -37.37 9.53
C ASN A 188 4.45 -38.09 10.64
N PRO A 189 3.24 -37.61 11.00
CA PRO A 189 2.48 -38.32 12.05
C PRO A 189 1.94 -39.65 11.54
N SER A 190 1.52 -40.50 12.47
CA SER A 190 0.88 -41.76 12.15
C SER A 190 -0.47 -41.43 11.47
N PRO A 191 -0.72 -41.96 10.25
CA PRO A 191 -2.02 -41.66 9.58
C PRO A 191 -3.22 -42.35 10.21
N ALA A 192 -2.97 -43.35 11.09
CA ALA A 192 -3.98 -44.15 11.79
C ALA A 192 -4.97 -43.33 12.65
N HIS A 193 -4.43 -42.41 13.47
CA HIS A 193 -5.25 -41.58 14.37
C HIS A 193 -6.09 -40.48 13.73
N GLY A 194 -5.69 -40.02 12.56
CA GLY A 194 -6.42 -38.99 11.82
C GLY A 194 -6.13 -37.54 12.16
N TYR A 195 -5.28 -37.30 13.13
CA TYR A 195 -4.91 -35.94 13.52
C TYR A 195 -3.76 -35.49 12.64
N LYS A 196 -3.93 -34.32 12.00
CA LYS A 196 -2.95 -33.82 11.03
C LYS A 196 -1.93 -32.84 11.60
N PHE A 197 -0.99 -33.35 12.41
CA PHE A 197 0.10 -32.57 13.02
C PHE A 197 1.08 -32.15 11.96
N PHE A 198 1.53 -30.91 12.06
CA PHE A 198 2.49 -30.33 11.12
C PHE A 198 3.17 -29.16 11.77
N THR A 199 4.38 -28.85 11.28
CA THR A 199 5.18 -27.74 11.77
C THR A 199 6.02 -27.12 10.65
N ASN A 200 6.87 -26.15 11.02
CA ASN A 200 7.77 -25.47 10.13
C ASN A 200 8.91 -24.83 10.95
N PRO A 201 10.02 -24.37 10.30
CA PRO A 201 11.13 -23.77 11.06
C PRO A 201 10.81 -22.51 11.88
N PHE A 202 9.64 -21.89 11.63
CA PHE A 202 9.20 -20.68 12.31
C PHE A 202 8.47 -21.01 13.61
N TRP A 203 7.82 -22.18 13.66
CA TRP A 203 7.05 -22.65 14.81
C TRP A 203 7.89 -23.48 15.78
N THR A 204 8.75 -24.35 15.23
CA THR A 204 9.60 -25.27 15.99
C THR A 204 10.99 -24.77 15.89
N ARG A 205 11.48 -24.25 17.04
CA ARG A 205 12.81 -23.66 17.12
CA ARG A 205 12.81 -23.67 17.12
C ARG A 205 13.27 -23.45 18.58
N PRO A 206 14.60 -23.34 18.85
CA PRO A 206 15.01 -23.04 20.23
C PRO A 206 14.67 -21.58 20.55
N ILE A 207 14.37 -21.25 21.84
CA ILE A 207 14.10 -19.86 22.26
C ILE A 207 15.06 -19.49 23.39
N THR A 208 15.55 -18.23 23.44
CA THR A 208 16.49 -17.81 24.51
C THR A 208 15.70 -17.57 25.83
N GLY A 209 16.42 -17.31 26.90
CA GLY A 209 15.79 -16.97 28.17
C GLY A 209 15.03 -15.65 28.08
N ALA A 210 15.61 -14.64 27.39
CA ALA A 210 14.97 -13.32 27.23
C ALA A 210 13.73 -13.38 26.31
N GLU A 211 13.70 -14.29 25.30
CA GLU A 211 12.50 -14.53 24.46
C GLU A 211 11.43 -15.19 25.31
N GLU A 212 11.84 -16.11 26.19
CA GLU A 212 10.91 -16.77 27.12
C GLU A 212 10.24 -15.71 28.03
N GLY A 213 11.01 -14.70 28.46
CA GLY A 213 10.51 -13.61 29.29
C GLY A 213 9.44 -12.81 28.60
N LEU A 214 9.71 -12.41 27.35
CA LEU A 214 8.76 -11.66 26.50
C LEU A 214 7.51 -12.46 26.26
N PHE A 215 7.64 -13.79 25.98
CA PHE A 215 6.47 -14.68 25.76
C PHE A 215 5.62 -14.85 27.02
N ALA A 216 6.28 -15.03 28.19
CA ALA A 216 5.62 -15.11 29.50
C ALA A 216 4.88 -13.80 29.81
N PHE A 217 5.45 -12.65 29.37
CA PHE A 217 4.88 -11.31 29.57
C PHE A 217 3.60 -11.14 28.75
N ILE A 218 3.62 -11.64 27.52
CA ILE A 218 2.46 -11.62 26.63
C ILE A 218 1.36 -12.56 27.20
N THR A 219 1.75 -13.74 27.71
CA THR A 219 0.81 -14.69 28.33
C THR A 219 0.04 -14.01 29.45
N LEU A 220 0.75 -13.46 30.43
CA LEU A 220 0.19 -12.76 31.58
C LEU A 220 -0.82 -11.69 31.16
N ASN A 221 -0.39 -10.81 30.25
CA ASN A 221 -1.20 -9.70 29.78
C ASN A 221 -2.40 -10.10 28.92
N HIS A 222 -2.31 -11.27 28.29
CA HIS A 222 -3.42 -11.80 27.52
C HIS A 222 -4.44 -12.41 28.47
N LEU A 223 -3.98 -13.31 29.36
CA LEU A 223 -4.83 -13.99 30.35
C LEU A 223 -5.58 -13.03 31.28
N SER A 224 -4.94 -11.92 31.67
CA SER A 224 -5.51 -10.91 32.56
C SER A 224 -6.36 -9.86 31.83
N ARG A 225 -6.39 -9.92 30.49
CA ARG A 225 -7.18 -9.03 29.62
C ARG A 225 -6.68 -7.58 29.59
N ARG A 226 -5.38 -7.39 29.88
CA ARG A 226 -4.71 -6.09 29.85
C ARG A 226 -4.26 -5.78 28.45
N LEU A 227 -3.98 -6.84 27.68
CA LEU A 227 -3.54 -6.77 26.29
C LEU A 227 -4.73 -6.92 25.38
N GLY A 228 -4.90 -5.90 24.54
CA GLY A 228 -5.99 -5.83 23.57
C GLY A 228 -5.85 -4.66 22.61
N GLU A 229 -6.58 -4.73 21.49
CA GLU A 229 -6.57 -3.72 20.44
C GLU A 229 -7.04 -2.36 20.92
N ASP A 230 -7.98 -2.34 21.88
CA ASP A 230 -8.53 -1.12 22.47
C ASP A 230 -7.56 -0.54 23.51
N PRO A 231 -6.96 0.65 23.21
CA PRO A 231 -5.99 1.26 24.16
C PRO A 231 -6.59 1.70 25.49
N ALA A 232 -5.79 1.62 26.55
CA ALA A 232 -6.21 2.03 27.90
C ALA A 232 -6.14 3.54 28.08
N ARG A 233 -5.14 4.18 27.42
CA ARG A 233 -4.89 5.62 27.44
C ARG A 233 -4.12 6.07 26.20
N CYS A 234 -4.37 7.32 25.75
CA CYS A 234 -3.72 7.94 24.58
C CYS A 234 -3.12 9.28 24.95
N MET A 235 -1.98 9.63 24.32
CA MET A 235 -1.29 10.89 24.55
C MET A 235 -1.01 11.58 23.21
N ILE A 236 -1.54 12.80 23.01
CA ILE A 236 -1.32 13.60 21.80
C ILE A 236 0.09 14.21 21.95
N ASP A 237 1.00 13.90 21.01
CA ASP A 237 2.37 14.40 21.02
C ASP A 237 2.47 15.81 20.38
N GLU A 238 3.70 16.38 20.35
CA GLU A 238 4.04 17.72 19.83
C GLU A 238 3.54 18.02 18.41
N TYR A 239 3.41 16.98 17.56
CA TYR A 239 2.94 17.11 16.19
C TYR A 239 1.41 16.97 16.07
N GLY A 240 0.83 16.01 16.79
CA GLY A 240 -0.61 15.77 16.81
C GLY A 240 -1.03 14.32 16.76
N VAL A 241 -0.05 13.39 16.82
CA VAL A 241 -0.27 11.94 16.77
C VAL A 241 -0.60 11.39 18.18
N LYS A 242 -1.80 10.78 18.35
CA LYS A 242 -2.19 10.19 19.62
C LYS A 242 -1.48 8.84 19.77
N GLN A 243 -0.40 8.83 20.57
CA GLN A 243 0.40 7.63 20.81
C GLN A 243 -0.14 6.86 22.02
N CYS A 244 -0.98 5.86 21.70
CA CYS A 244 -1.70 5.03 22.67
C CYS A 244 -0.90 3.86 23.26
N ARG A 245 -1.27 3.50 24.49
CA ARG A 245 -0.68 2.39 25.24
C ARG A 245 -1.75 1.65 26.04
N ASN A 246 -1.52 0.35 26.29
CA ASN A 246 -2.37 -0.51 27.11
C ASN A 246 -1.83 -0.33 28.55
N ASP A 247 -2.59 -0.78 29.57
CA ASP A 247 -2.10 -0.74 30.95
C ASP A 247 -1.65 -2.15 31.31
N LEU A 248 -0.44 -2.48 30.85
CA LEU A 248 0.16 -3.81 31.00
C LEU A 248 0.85 -4.01 32.34
N ALA A 249 0.84 -5.27 32.81
CA ALA A 249 1.46 -5.69 34.06
C ALA A 249 2.82 -6.32 33.77
N GLY A 250 3.76 -6.09 34.65
CA GLY A 250 5.09 -6.68 34.53
C GLY A 250 5.11 -8.07 35.11
N VAL A 251 6.13 -8.85 34.77
CA VAL A 251 6.27 -10.22 35.25
C VAL A 251 7.65 -10.49 35.82
N VAL A 252 7.69 -11.15 36.98
CA VAL A 252 8.92 -11.64 37.60
C VAL A 252 8.69 -13.14 37.57
N GLU A 253 9.46 -13.87 36.74
CA GLU A 253 9.31 -15.31 36.63
CA GLU A 253 9.32 -15.32 36.62
C GLU A 253 10.60 -16.00 37.06
N VAL A 254 10.54 -16.76 38.16
CA VAL A 254 11.71 -17.49 38.65
C VAL A 254 11.54 -18.97 38.28
N GLY A 255 12.20 -19.40 37.21
CA GLY A 255 12.18 -20.79 36.78
C GLY A 255 13.32 -21.56 37.40
N GLY A 256 13.41 -22.83 37.07
CA GLY A 256 14.51 -23.68 37.53
C GLY A 256 15.84 -23.30 36.91
N ALA A 257 15.82 -22.91 35.63
CA ALA A 257 17.02 -22.60 34.84
C ALA A 257 17.40 -21.11 34.75
N SER A 258 16.44 -20.22 34.82
CA SER A 258 16.70 -18.77 34.75
C SER A 258 15.51 -18.05 35.32
N ALA A 259 15.70 -16.77 35.59
CA ALA A 259 14.70 -15.85 36.10
C ALA A 259 14.59 -14.72 35.08
N GLN A 260 13.34 -14.36 34.76
CA GLN A 260 13.05 -13.29 33.80
C GLN A 260 12.28 -12.18 34.49
N ILE A 261 12.63 -10.94 34.15
CA ILE A 261 11.95 -9.70 34.57
C ILE A 261 11.64 -8.91 33.28
N VAL A 262 10.34 -8.68 33.04
CA VAL A 262 9.84 -7.93 31.88
C VAL A 262 8.72 -7.05 32.36
N PHE A 263 8.81 -5.77 32.13
CA PHE A 263 7.78 -4.82 32.54
C PHE A 263 7.74 -3.63 31.62
N PRO A 264 6.55 -2.97 31.49
CA PRO A 264 6.47 -1.79 30.62
C PRO A 264 7.42 -0.67 31.04
N LEU A 265 8.09 -0.07 30.05
CA LEU A 265 8.99 1.06 30.27
C LEU A 265 8.14 2.26 30.76
N GLN A 266 8.60 2.94 31.81
CA GLN A 266 7.90 4.10 32.36
C GLN A 266 7.80 5.19 31.29
N GLU A 267 6.59 5.75 31.10
CA GLU A 267 6.35 6.77 30.08
C GLU A 267 7.27 7.98 30.21
N GLY A 268 7.84 8.38 29.08
CA GLY A 268 8.76 9.50 28.97
C GLY A 268 10.05 9.31 29.73
N THR A 269 10.57 8.06 29.80
CA THR A 269 11.83 7.82 30.48
C THR A 269 13.02 7.65 29.54
N VAL A 270 14.14 8.30 29.94
CA VAL A 270 15.42 8.31 29.24
C VAL A 270 16.28 7.12 29.66
N LEU A 271 16.38 6.11 28.77
CA LEU A 271 17.21 4.96 29.08
C LEU A 271 18.69 5.26 28.80
N PRO A 272 19.60 4.94 29.76
CA PRO A 272 21.05 5.13 29.49
C PRO A 272 21.46 4.46 28.17
N SER A 273 22.29 5.12 27.34
CA SER A 273 22.72 4.67 25.99
C SER A 273 23.47 3.29 25.88
N SER A 274 23.57 2.57 27.01
CA SER A 274 24.17 1.24 27.14
C SER A 274 23.09 0.15 27.25
N VAL A 275 21.84 0.54 27.59
CA VAL A 275 20.68 -0.36 27.66
C VAL A 275 19.64 0.08 26.61
N ARG A 276 18.63 -0.75 26.34
CA ARG A 276 17.60 -0.36 25.37
C ARG A 276 16.28 -0.98 25.68
N ALA A 277 15.20 -0.28 25.39
CA ALA A 277 13.86 -0.83 25.57
C ALA A 277 13.58 -1.82 24.42
N VAL A 278 12.78 -2.85 24.69
CA VAL A 278 12.42 -3.81 23.66
C VAL A 278 11.01 -3.42 23.18
N ASN A 279 10.87 -3.10 21.89
CA ASN A 279 9.55 -2.79 21.34
C ASN A 279 8.97 -4.09 20.74
N LEU A 280 7.83 -4.55 21.28
CA LEU A 280 7.19 -5.80 20.85
C LEU A 280 6.77 -5.82 19.41
N GLN A 281 6.39 -4.66 18.86
CA GLN A 281 6.00 -4.54 17.44
C GLN A 281 7.21 -4.64 16.52
N ARG A 282 8.32 -3.99 16.89
CA ARG A 282 9.56 -4.02 16.12
C ARG A 282 10.14 -5.43 16.10
N GLU A 283 9.96 -6.16 17.20
CA GLU A 283 10.42 -7.55 17.30
C GLU A 283 9.44 -8.56 16.65
N ARG A 284 8.35 -8.06 16.00
CA ARG A 284 7.29 -8.86 15.38
C ARG A 284 6.64 -9.85 16.37
N LEU A 285 6.44 -9.42 17.61
CA LEU A 285 5.81 -10.26 18.64
C LEU A 285 4.36 -9.90 18.78
N LEU A 286 4.02 -8.61 18.51
CA LEU A 286 2.64 -8.10 18.51
C LEU A 286 2.39 -7.38 17.20
N PRO A 287 1.17 -7.52 16.61
CA PRO A 287 0.86 -6.77 15.37
C PRO A 287 0.78 -5.26 15.63
N GLU A 288 0.91 -4.47 14.54
CA GLU A 288 0.87 -3.00 14.61
C GLU A 288 -0.49 -2.46 15.09
N ARG A 289 -1.60 -3.23 14.92
CA ARG A 289 -2.94 -2.82 15.38
C ARG A 289 -3.10 -2.78 16.90
N TYR A 290 -2.14 -3.36 17.64
CA TYR A 290 -2.12 -3.34 19.09
C TYR A 290 -1.35 -2.08 19.52
N PRO A 291 -1.69 -1.45 20.66
CA PRO A 291 -0.90 -0.29 21.10
C PRO A 291 0.57 -0.66 21.28
N SER A 292 1.46 0.28 20.95
CA SER A 292 2.90 0.16 21.09
C SER A 292 3.27 -0.36 22.50
N ALA A 293 4.15 -1.37 22.59
CA ALA A 293 4.57 -1.94 23.88
C ALA A 293 6.10 -1.94 24.04
N ASP A 294 6.61 -0.95 24.80
CA ASP A 294 8.04 -0.83 25.13
C ASP A 294 8.28 -1.41 26.49
N VAL A 295 9.26 -2.32 26.57
CA VAL A 295 9.53 -3.02 27.81
C VAL A 295 11.01 -3.05 28.19
N VAL A 296 11.24 -3.22 29.51
CA VAL A 296 12.54 -3.51 30.08
C VAL A 296 12.50 -5.06 30.07
N SER A 297 13.55 -5.72 29.52
CA SER A 297 13.60 -7.18 29.43
C SER A 297 14.92 -7.76 29.85
N VAL A 298 14.92 -8.51 30.96
CA VAL A 298 16.11 -9.19 31.51
C VAL A 298 15.89 -10.69 31.71
N SER A 299 16.96 -11.47 31.52
CA SER A 299 16.97 -12.91 31.78
C SER A 299 18.31 -13.24 32.39
N PHE A 300 18.30 -13.73 33.63
CA PHE A 300 19.53 -14.10 34.33
C PHE A 300 19.53 -15.57 34.67
N MET A 301 20.45 -16.32 34.04
CA MET A 301 20.67 -17.75 34.28
C MET A 301 21.00 -17.99 35.77
N GLN A 302 21.79 -17.11 36.35
CA GLN A 302 22.23 -17.20 37.75
C GLN A 302 21.12 -17.00 38.77
N LEU A 303 19.92 -16.57 38.34
CA LEU A 303 18.81 -16.40 39.27
C LEU A 303 17.75 -17.48 39.21
N GLY A 304 17.95 -18.44 38.31
CA GLY A 304 17.09 -19.61 38.22
C GLY A 304 17.30 -20.41 39.49
N MET A 305 16.31 -21.21 39.91
CA MET A 305 16.43 -21.96 41.15
C MET A 305 17.70 -22.84 41.23
N ALA A 306 18.04 -23.58 40.17
CA ALA A 306 19.21 -24.46 40.16
C ALA A 306 20.56 -23.71 40.17
N SER A 307 20.78 -22.78 39.25
CA SER A 307 22.02 -22.01 39.19
C SER A 307 22.21 -21.09 40.38
N SER A 308 21.14 -20.45 40.91
CA SER A 308 21.35 -19.54 42.07
C SER A 308 21.87 -20.32 43.26
N ALA A 309 21.38 -21.55 43.45
CA ALA A 309 21.78 -22.41 44.56
C ALA A 309 23.29 -22.76 44.47
N GLY A 310 23.77 -23.10 43.28
CA GLY A 310 25.16 -23.44 43.04
C GLY A 310 26.11 -22.24 43.14
N LEU A 311 25.73 -21.11 42.52
CA LEU A 311 26.55 -19.89 42.54
C LEU A 311 26.62 -19.33 43.96
N PHE A 312 25.48 -19.35 44.69
CA PHE A 312 25.46 -18.91 46.10
C PHE A 312 26.50 -19.67 46.94
N LEU A 313 26.56 -21.01 46.81
CA LEU A 313 27.56 -21.80 47.55
C LEU A 313 29.00 -21.50 47.07
N LYS A 314 29.19 -21.43 45.73
CA LYS A 314 30.50 -21.15 45.16
C LYS A 314 31.16 -19.89 45.73
N GLU A 315 30.41 -18.78 45.75
CA GLU A 315 30.91 -17.49 46.23
C GLU A 315 30.87 -17.38 47.76
N LEU A 316 29.79 -17.85 48.43
CA LEU A 316 29.75 -17.74 49.90
C LEU A 316 30.92 -18.48 50.56
N CYS A 317 31.17 -19.69 50.07
CA CYS A 317 32.20 -20.55 50.63
C CYS A 317 33.64 -20.23 50.19
N SER A 318 33.85 -19.16 49.37
CA SER A 318 35.17 -18.62 49.00
C SER A 318 35.42 -17.36 49.88
N ASN A 319 34.46 -17.02 50.75
CA ASN A 319 34.56 -15.83 51.56
C ASN A 319 35.04 -16.19 52.96
N ASP A 320 36.13 -15.51 53.38
CA ASP A 320 36.84 -15.68 54.65
C ASP A 320 35.95 -15.55 55.88
N GLU A 321 34.89 -14.71 55.76
CA GLU A 321 33.92 -14.51 56.82
C GLU A 321 33.13 -15.80 57.04
N PHE A 322 32.89 -16.56 55.95
CA PHE A 322 32.07 -17.77 56.02
C PHE A 322 32.85 -19.09 56.05
N LEU A 323 33.98 -19.14 55.34
CA LEU A 323 34.86 -20.32 55.32
C LEU A 323 35.99 -20.18 56.34
N GLN A 324 35.98 -21.05 57.37
CA GLN A 324 37.00 -21.09 58.41
C GLN A 324 37.31 -22.55 58.75
N GLY A 325 38.58 -22.96 58.57
CA GLY A 325 39.09 -24.30 58.88
C GLY A 325 38.32 -25.49 58.33
N GLY A 326 38.01 -25.42 57.03
CA GLY A 326 37.27 -26.46 56.31
C GLY A 326 35.75 -26.40 56.47
N ILE A 327 35.23 -25.43 57.23
CA ILE A 327 33.78 -25.34 57.46
C ILE A 327 33.22 -24.06 56.86
N CYS A 328 32.21 -24.21 55.99
CA CYS A 328 31.53 -23.08 55.43
C CYS A 328 30.20 -22.95 56.16
N SER A 329 30.09 -21.87 56.95
CA SER A 329 28.91 -21.52 57.73
C SER A 329 27.97 -20.77 56.79
N ASN A 330 26.83 -21.39 56.45
CA ASN A 330 25.82 -20.85 55.53
C ASN A 330 24.62 -20.29 56.29
N PRO A 331 24.44 -18.95 56.26
CA PRO A 331 23.31 -18.33 56.99
C PRO A 331 21.93 -18.64 56.42
N CYS A 332 21.87 -19.15 55.17
CA CYS A 332 20.64 -19.51 54.44
C CYS A 332 20.11 -20.92 54.72
N LEU A 333 20.90 -21.74 55.43
CA LEU A 333 20.53 -23.11 55.81
C LEU A 333 20.26 -23.19 57.29
N PHE A 334 19.28 -24.01 57.68
CA PHE A 334 18.81 -24.14 59.06
C PHE A 334 19.89 -24.63 60.02
N LYS A 335 19.82 -24.19 61.28
CA LYS A 335 20.67 -24.69 62.34
C LYS A 335 20.29 -26.20 62.48
N GLY A 336 21.30 -27.07 62.56
CA GLY A 336 21.09 -28.51 62.65
C GLY A 336 21.29 -29.25 61.34
N PHE A 337 21.35 -28.51 60.24
CA PHE A 337 21.58 -29.08 58.92
C PHE A 337 23.01 -28.87 58.46
N GLN A 338 23.60 -29.91 57.87
CA GLN A 338 24.89 -29.84 57.24
C GLN A 338 24.94 -30.77 56.01
N GLN A 339 25.94 -30.55 55.14
CA GLN A 339 26.17 -31.30 53.91
C GLN A 339 27.66 -31.23 53.47
N SER A 340 28.08 -32.17 52.58
CA SER A 340 29.40 -32.17 51.92
C SER A 340 29.56 -30.85 51.15
N CYS A 341 30.78 -30.35 51.07
CA CYS A 341 31.06 -29.08 50.44
C CYS A 341 31.20 -29.11 48.94
N SER A 342 30.08 -28.94 48.22
CA SER A 342 30.03 -28.89 46.77
C SER A 342 28.67 -28.41 46.28
N ALA A 343 28.57 -28.03 44.99
CA ALA A 343 27.27 -27.59 44.44
C ALA A 343 26.48 -28.78 43.87
N GLY A 344 26.93 -30.00 44.18
CA GLY A 344 26.26 -31.23 43.76
C GLY A 344 24.83 -31.29 44.27
N GLU A 345 23.95 -31.90 43.47
CA GLU A 345 22.53 -32.04 43.78
C GLU A 345 22.31 -32.68 45.18
N VAL A 346 21.45 -32.06 46.00
CA VAL A 346 21.20 -32.55 47.36
C VAL A 346 19.94 -33.42 47.51
N GLU A 347 20.10 -34.55 48.22
CA GLU A 347 18.98 -35.42 48.59
C GLU A 347 18.97 -35.49 50.11
N VAL A 348 17.88 -35.07 50.75
CA VAL A 348 17.76 -35.16 52.22
C VAL A 348 17.38 -36.62 52.59
N ARG A 349 18.12 -37.24 53.53
CA ARG A 349 17.89 -38.63 53.96
C ARG A 349 16.95 -38.76 55.20
N PRO A 350 16.32 -39.94 55.46
CA PRO A 350 15.43 -40.08 56.64
C PRO A 350 16.08 -39.81 57.99
N ASP A 351 17.42 -39.91 58.10
CA ASP A 351 18.16 -39.61 59.34
C ASP A 351 18.59 -38.12 59.41
N GLY A 352 18.14 -37.34 58.44
CA GLY A 352 18.42 -35.91 58.35
C GLY A 352 19.73 -35.57 57.69
N SER A 353 20.55 -36.61 57.39
CA SER A 353 21.83 -36.43 56.71
C SER A 353 21.55 -36.11 55.24
N ALA A 354 22.54 -35.50 54.56
CA ALA A 354 22.36 -35.13 53.17
C ALA A 354 23.28 -35.92 52.28
N SER A 355 22.72 -36.39 51.15
CA SER A 355 23.46 -37.10 50.12
C SER A 355 23.76 -36.04 49.05
N VAL A 356 25.04 -35.68 48.89
CA VAL A 356 25.44 -34.70 47.90
C VAL A 356 26.01 -35.45 46.71
N ASN A 357 25.32 -35.33 45.56
CA ASN A 357 25.69 -36.04 44.34
C ASN A 357 26.92 -35.43 43.68
N GLU A 358 27.96 -36.25 43.45
CA GLU A 358 29.20 -35.82 42.80
C GLU A 358 29.24 -35.97 41.27
N ASP A 359 28.19 -36.57 40.67
CA ASP A 359 28.06 -36.67 39.21
C ASP A 359 28.01 -35.23 38.71
N VAL A 360 28.91 -34.94 37.78
CA VAL A 360 29.17 -33.65 37.13
C VAL A 360 27.91 -33.09 36.46
N ARG A 361 27.05 -33.97 35.87
CA ARG A 361 25.81 -33.56 35.20
C ARG A 361 24.74 -33.18 36.18
N LYS A 362 24.96 -33.50 37.47
CA LYS A 362 24.05 -33.21 38.56
C LYS A 362 24.56 -32.05 39.43
N ASN A 363 25.72 -31.48 39.07
CA ASN A 363 26.25 -30.34 39.81
C ASN A 363 25.46 -29.07 39.38
N ARG A 364 24.89 -28.32 40.37
CA ARG A 364 24.08 -27.14 40.03
CA ARG A 364 24.10 -27.10 40.12
C ARG A 364 24.88 -26.03 39.32
N LEU A 365 26.24 -26.05 39.45
CA LEU A 365 27.11 -25.11 38.75
C LEU A 365 27.38 -25.53 37.30
N LYS A 366 27.01 -26.77 36.91
CA LYS A 366 27.23 -27.29 35.56
C LYS A 366 26.80 -26.31 34.43
N PRO A 367 25.58 -25.73 34.40
CA PRO A 367 25.27 -24.78 33.30
C PRO A 367 26.09 -23.47 33.32
N LEU A 368 26.36 -22.88 34.51
CA LEU A 368 27.17 -21.65 34.62
C LEU A 368 28.61 -21.92 34.21
N ALA A 369 29.18 -23.05 34.69
CA ALA A 369 30.54 -23.47 34.38
C ALA A 369 30.77 -23.70 32.87
N THR A 370 29.78 -24.27 32.17
CA THR A 370 29.82 -24.53 30.72
C THR A 370 29.72 -23.20 29.98
N TYR A 371 28.92 -22.28 30.53
CA TYR A 371 28.77 -20.93 30.00
C TYR A 371 30.11 -20.17 30.14
N CYS A 372 30.68 -20.17 31.35
CA CYS A 372 31.95 -19.51 31.67
C CYS A 372 33.16 -20.36 31.26
N SER A 373 33.38 -20.49 29.95
CA SER A 373 34.42 -21.34 29.39
C SER A 373 35.01 -20.75 28.12
N VAL A 374 36.25 -21.16 27.77
CA VAL A 374 36.94 -20.75 26.55
C VAL A 374 36.21 -21.29 25.32
N ASN A 375 35.59 -22.51 25.44
CA ASN A 375 34.82 -23.23 24.43
C ASN A 375 33.49 -22.54 24.04
N ASN A 376 33.15 -21.43 24.75
CA ASN A 376 31.96 -20.62 24.50
C ASN A 376 32.39 -19.32 23.82
N PRO A 377 31.95 -19.09 22.54
CA PRO A 377 32.36 -17.86 21.83
C PRO A 377 31.78 -16.58 22.47
N GLU A 378 30.67 -16.73 23.23
CA GLU A 378 29.99 -15.64 23.96
C GLU A 378 30.93 -14.99 24.97
N ILE A 379 31.91 -15.76 25.49
CA ILE A 379 32.95 -15.27 26.42
C ILE A 379 34.05 -14.50 25.67
N SER A 380 34.57 -15.08 24.57
CA SER A 380 35.68 -14.55 23.77
C SER A 380 35.36 -13.23 23.10
N PHE A 381 34.07 -13.02 22.81
CA PHE A 381 33.57 -11.85 22.13
C PHE A 381 33.84 -10.52 22.81
N LYS A 382 33.33 -10.30 24.04
CA LYS A 382 33.51 -9.07 24.81
C LYS A 382 34.67 -9.29 25.82
N VAL A 383 35.59 -8.33 25.88
CA VAL A 383 36.81 -8.35 26.72
C VAL A 383 36.59 -8.73 28.20
N THR A 384 35.76 -7.97 28.91
CA THR A 384 35.49 -8.15 30.33
C THR A 384 34.79 -9.44 30.71
N ASN A 385 34.10 -10.13 29.77
CA ASN A 385 33.37 -11.40 30.03
C ASN A 385 34.13 -12.42 30.85
N GLU A 386 35.36 -12.79 30.41
CA GLU A 386 36.22 -13.76 31.11
C GLU A 386 36.52 -13.38 32.56
N MET A 387 36.77 -12.08 32.81
CA MET A 387 37.06 -11.50 34.10
C MET A 387 35.79 -11.53 34.96
N GLN A 388 34.62 -11.30 34.34
CA GLN A 388 33.32 -11.34 35.02
C GLN A 388 32.99 -12.75 35.55
N CYS A 389 33.38 -13.78 34.79
CA CYS A 389 33.26 -15.18 35.20
C CYS A 389 34.20 -15.47 36.38
N ARG A 390 35.52 -15.23 36.18
CA ARG A 390 36.56 -15.47 37.18
CA ARG A 390 36.58 -15.45 37.18
C ARG A 390 36.32 -14.73 38.50
N GLU A 391 35.88 -13.46 38.45
CA GLU A 391 35.59 -12.67 39.66
C GLU A 391 34.36 -13.13 40.43
N ASN A 392 33.53 -14.00 39.81
CA ASN A 392 32.35 -14.59 40.42
C ASN A 392 32.63 -16.05 40.75
N SER A 393 33.93 -16.41 40.80
CA SER A 393 34.45 -17.74 41.16
C SER A 393 34.14 -18.88 40.16
N ILE A 394 33.96 -18.55 38.87
CA ILE A 394 33.73 -19.53 37.79
C ILE A 394 34.85 -19.25 36.80
N ASP A 395 36.02 -19.80 37.08
CA ASP A 395 37.23 -19.51 36.31
C ASP A 395 37.33 -20.24 34.97
N PRO A 396 37.15 -19.57 33.80
CA PRO A 396 37.21 -20.28 32.50
C PRO A 396 38.52 -20.98 32.17
N THR A 397 39.60 -20.62 32.89
CA THR A 397 40.91 -21.20 32.63
C THR A 397 41.14 -22.47 33.45
N LYS A 398 40.24 -22.73 34.42
CA LYS A 398 40.27 -23.95 35.22
C LYS A 398 39.56 -25.09 34.49
N PRO A 399 40.12 -26.34 34.48
CA PRO A 399 39.39 -27.46 33.84
C PRO A 399 38.03 -27.65 34.53
N LEU A 400 37.02 -28.20 33.81
CA LEU A 400 35.66 -28.31 34.34
C LEU A 400 35.47 -28.70 35.84
N ALA A 401 36.01 -29.86 36.28
CA ALA A 401 35.85 -30.31 37.67
C ALA A 401 36.46 -29.30 38.67
N GLU A 402 37.62 -28.76 38.32
CA GLU A 402 38.35 -27.75 39.09
C GLU A 402 37.59 -26.41 39.14
N ARG A 403 36.86 -26.05 38.02
CA ARG A 403 36.08 -24.82 37.91
C ARG A 403 34.89 -24.80 38.88
N MET A 404 34.29 -25.97 39.13
CA MET A 404 33.15 -26.12 40.02
C MET A 404 33.51 -26.46 41.47
N LYS A 405 34.72 -26.97 41.73
CA LYS A 405 35.16 -27.33 43.08
C LYS A 405 35.24 -26.12 44.03
N ILE A 406 34.68 -26.27 45.24
CA ILE A 406 34.79 -25.28 46.32
C ILE A 406 36.03 -25.73 47.10
N GLU A 407 37.16 -25.00 46.92
CA GLU A 407 38.45 -25.30 47.51
C GLU A 407 38.51 -25.09 49.01
N ASN A 408 39.34 -25.91 49.70
CA ASN A 408 39.62 -25.91 51.15
C ASN A 408 38.36 -25.96 51.98
N CYS A 409 37.39 -26.73 51.51
CA CYS A 409 36.11 -26.81 52.16
C CYS A 409 35.65 -28.26 52.25
N SER A 410 35.26 -28.69 53.46
CA SER A 410 34.80 -30.05 53.74
C SER A 410 33.30 -30.13 53.95
N ILE A 411 32.76 -29.26 54.81
CA ILE A 411 31.35 -29.26 55.16
C ILE A 411 30.73 -27.88 55.11
N ILE A 412 29.48 -27.81 54.62
CA ILE A 412 28.63 -26.62 54.63
C ILE A 412 27.68 -26.84 55.80
N LYS A 413 27.75 -25.96 56.81
CA LYS A 413 26.91 -26.06 58.01
C LYS A 413 25.91 -24.87 58.07
N GLY A 414 24.64 -25.17 58.35
CA GLY A 414 23.62 -24.14 58.46
C GLY A 414 23.73 -23.33 59.74
N THR A 415 23.59 -21.97 59.65
CA THR A 415 23.58 -21.11 60.85
C THR A 415 22.20 -20.42 61.04
N GLY A 416 21.33 -20.55 60.04
CA GLY A 416 19.97 -19.98 60.09
C GLY A 416 19.90 -18.53 60.53
N ASN A 417 20.70 -17.67 59.90
CA ASN A 417 20.72 -16.22 60.21
C ASN A 417 20.15 -15.48 58.98
N PHE A 418 18.83 -15.19 59.02
CA PHE A 418 18.13 -14.55 57.88
C PHE A 418 18.71 -13.23 57.40
N ASP A 419 19.04 -12.32 58.32
CA ASP A 419 19.64 -11.03 57.95
C ASP A 419 20.96 -11.19 57.21
N LYS A 420 21.81 -12.10 57.68
CA LYS A 420 23.08 -12.43 57.04
C LYS A 420 22.85 -13.17 55.72
N CYS A 421 21.77 -13.96 55.62
CA CYS A 421 21.38 -14.62 54.39
C CYS A 421 21.00 -13.53 53.33
N VAL A 422 20.17 -12.53 53.75
CA VAL A 422 19.78 -11.42 52.85
C VAL A 422 21.03 -10.63 52.35
N SER A 423 21.98 -10.29 53.25
CA SER A 423 23.20 -9.54 52.90
C SER A 423 24.07 -10.29 51.89
N GLN A 424 24.14 -11.62 52.00
CA GLN A 424 24.90 -12.46 51.05
C GLN A 424 24.16 -12.62 49.73
N VAL A 425 22.82 -12.67 49.77
CA VAL A 425 21.98 -12.73 48.57
C VAL A 425 22.19 -11.41 47.78
N GLU A 426 22.28 -10.28 48.51
CA GLU A 426 22.61 -8.97 47.94
C GLU A 426 24.01 -8.99 47.27
N SER A 427 25.07 -9.42 47.99
CA SER A 427 26.45 -9.47 47.50
C SER A 427 26.64 -10.39 46.31
N ILE A 428 25.96 -11.54 46.33
CA ILE A 428 26.20 -12.56 45.30
C ILE A 428 25.24 -12.49 44.16
N LEU A 429 23.96 -12.38 44.47
CA LEU A 429 22.92 -12.53 43.47
C LEU A 429 22.22 -11.31 42.90
N VAL A 430 21.80 -10.38 43.79
CA VAL A 430 20.99 -9.21 43.45
C VAL A 430 21.78 -7.97 43.04
N ALA A 431 22.77 -7.61 43.87
CA ALA A 431 23.58 -6.42 43.62
C ALA A 431 25.09 -6.77 43.74
N PRO A 432 25.61 -7.75 42.96
CA PRO A 432 27.05 -8.04 43.07
C PRO A 432 27.92 -6.87 42.63
N LYS A 433 29.10 -6.70 43.27
CA LYS A 433 30.10 -5.67 42.93
C LYS A 433 30.41 -5.78 41.42
N LEU A 434 30.60 -6.99 40.90
CA LEU A 434 30.82 -7.19 39.48
C LEU A 434 29.93 -8.37 39.01
N PRO A 435 28.88 -8.09 38.22
CA PRO A 435 27.98 -9.18 37.81
C PRO A 435 28.62 -10.12 36.79
N LEU A 436 28.02 -11.31 36.69
CA LEU A 436 28.37 -12.31 35.70
C LEU A 436 28.06 -11.71 34.31
N PRO A 437 28.75 -12.15 33.25
CA PRO A 437 28.48 -11.55 31.95
C PRO A 437 27.15 -12.00 31.33
N ALA A 438 26.45 -11.05 30.72
CA ALA A 438 25.21 -11.28 29.97
C ALA A 438 25.32 -10.43 28.74
N ASN A 439 25.60 -11.06 27.59
CA ASN A 439 25.70 -10.32 26.34
C ASN A 439 24.29 -9.90 25.89
N ILE A 440 24.14 -8.65 25.44
CA ILE A 440 22.87 -8.16 24.92
C ILE A 440 22.43 -9.04 23.72
N GLU A 441 21.13 -9.11 23.47
CA GLU A 441 20.50 -9.79 22.34
C GLU A 441 19.23 -8.98 21.95
N ALA A 442 18.60 -9.29 20.80
CA ALA A 442 17.41 -8.59 20.32
C ALA A 442 16.24 -8.56 21.35
N ALA A 443 16.06 -9.63 22.11
CA ALA A 443 14.98 -9.78 23.10
C ALA A 443 15.29 -9.21 24.48
N SER A 444 16.53 -8.75 24.68
CA SER A 444 16.89 -8.21 25.99
C SER A 444 17.34 -6.76 25.95
N SER A 445 17.34 -6.10 27.12
CA SER A 445 17.72 -4.70 27.30
C SER A 445 19.21 -4.43 27.51
N GLY A 446 19.94 -5.44 27.96
CA GLY A 446 21.37 -5.29 28.15
C GLY A 446 21.81 -5.06 29.56
N PHE A 447 20.92 -5.28 30.53
CA PHE A 447 21.29 -5.16 31.94
C PHE A 447 21.98 -6.44 32.38
N GLU A 448 22.91 -6.31 33.31
CA GLU A 448 23.63 -7.47 33.82
C GLU A 448 23.25 -7.76 35.28
N SER A 449 22.52 -6.84 35.92
CA SER A 449 22.15 -6.97 37.33
C SER A 449 20.77 -6.44 37.67
N VAL A 450 20.12 -7.06 38.66
CA VAL A 450 18.80 -6.67 39.20
C VAL A 450 18.88 -5.27 39.79
N ASP A 451 20.02 -4.97 40.45
CA ASP A 451 20.33 -3.67 41.03
C ASP A 451 20.20 -2.54 40.04
N GLN A 452 20.87 -2.65 38.83
CA GLN A 452 20.82 -1.63 37.76
C GLN A 452 19.38 -1.43 37.31
N VAL A 453 18.62 -2.53 37.13
CA VAL A 453 17.22 -2.52 36.68
C VAL A 453 16.35 -1.53 37.46
N PHE A 454 16.26 -1.68 38.80
CA PHE A 454 15.41 -0.81 39.63
C PHE A 454 15.98 0.57 39.96
N ARG A 455 17.33 0.72 39.87
CA ARG A 455 18.04 1.99 40.04
C ARG A 455 17.91 2.88 38.81
N PHE A 456 17.82 2.30 37.59
CA PHE A 456 17.80 3.13 36.36
C PHE A 456 16.58 3.01 35.46
N ALA A 457 15.79 1.95 35.60
CA ALA A 457 14.65 1.76 34.75
C ALA A 457 13.37 1.37 35.50
N SER A 458 13.19 1.81 36.76
CA SER A 458 11.97 1.57 37.54
C SER A 458 10.70 2.08 36.82
N SER A 459 9.58 1.39 37.04
CA SER A 459 8.28 1.67 36.46
C SER A 459 7.16 1.53 37.52
N THR A 460 6.02 2.22 37.29
CA THR A 460 4.80 2.24 38.12
C THR A 460 3.86 1.08 37.70
N ALA A 461 4.26 0.31 36.69
CA ALA A 461 3.45 -0.83 36.23
C ALA A 461 3.30 -1.89 37.33
N PRO A 462 2.09 -2.48 37.52
CA PRO A 462 1.96 -3.54 38.54
C PRO A 462 2.84 -4.75 38.20
N MET A 463 3.34 -5.44 39.21
CA MET A 463 4.24 -6.58 39.03
C MET A 463 3.65 -7.88 39.50
N ILE A 464 3.78 -8.93 38.69
CA ILE A 464 3.31 -10.26 39.07
C ILE A 464 4.49 -11.19 39.21
N VAL A 465 4.65 -11.77 40.43
CA VAL A 465 5.70 -12.72 40.80
C VAL A 465 5.20 -14.16 40.55
N THR A 466 5.94 -14.93 39.73
CA THR A 466 5.59 -16.32 39.40
C THR A 466 6.81 -17.24 39.58
N GLY A 467 6.52 -18.54 39.60
CA GLY A 467 7.49 -19.61 39.81
C GLY A 467 7.14 -20.36 41.08
N GLY A 468 7.25 -21.68 41.03
CA GLY A 468 6.95 -22.59 42.14
C GLY A 468 7.71 -22.36 43.43
N GLY A 469 9.01 -22.07 43.32
CA GLY A 469 9.84 -21.79 44.49
C GLY A 469 9.49 -20.46 45.13
N MET A 470 9.18 -19.44 44.30
CA MET A 470 8.80 -18.10 44.79
C MET A 470 7.49 -18.18 45.57
N LEU A 471 6.50 -18.94 45.03
CA LEU A 471 5.21 -19.14 45.68
C LEU A 471 5.29 -20.02 46.93
N ALA A 472 6.12 -21.07 46.92
CA ALA A 472 6.36 -21.92 48.08
C ALA A 472 6.96 -21.10 49.21
N ALA A 473 7.86 -20.14 48.92
CA ALA A 473 8.45 -19.25 49.94
C ALA A 473 7.37 -18.49 50.69
N ILE A 474 6.39 -17.92 49.94
CA ILE A 474 5.26 -17.17 50.52
C ILE A 474 4.25 -18.10 51.22
N ASN A 475 3.83 -19.21 50.54
CA ASN A 475 2.86 -20.18 51.06
C ASN A 475 3.29 -20.84 52.34
N THR A 476 4.60 -21.16 52.46
CA THR A 476 5.21 -21.77 53.65
C THR A 476 4.99 -20.89 54.88
N LEU A 477 5.22 -19.58 54.76
CA LEU A 477 5.05 -18.62 55.84
C LEU A 477 3.56 -18.42 56.23
N LYS A 478 2.67 -18.36 55.20
CA LYS A 478 1.22 -18.26 55.37
C LYS A 478 0.67 -19.48 56.11
N ASP A 479 1.14 -20.71 55.73
CA ASP A 479 0.72 -22.00 56.32
C ASP A 479 1.09 -22.12 57.81
N HIS A 480 2.18 -21.49 58.23
CA HIS A 480 2.62 -21.45 59.62
C HIS A 480 2.02 -20.29 60.38
N ARG A 481 1.21 -19.45 59.69
CA ARG A 481 0.55 -18.26 60.25
C ARG A 481 1.56 -17.12 60.62
N LEU A 482 2.69 -17.07 59.94
CA LEU A 482 3.71 -16.03 60.18
C LEU A 482 3.44 -14.81 59.28
N LEU A 483 2.67 -15.05 58.20
CA LEU A 483 2.22 -14.08 57.23
C LEU A 483 0.72 -14.24 57.12
N ARG A 484 0.01 -13.12 57.00
CA ARG A 484 -1.44 -13.08 56.78
C ARG A 484 -1.70 -13.59 55.37
N SER A 485 -2.88 -14.19 55.23
CA SER A 485 -3.42 -14.74 54.02
C SER A 485 -3.53 -13.64 52.94
N ASP A 486 -3.82 -12.40 53.35
CA ASP A 486 -3.95 -11.27 52.43
C ASP A 486 -2.61 -10.48 52.23
N PHE A 487 -1.44 -11.11 52.51
CA PHE A 487 -0.11 -10.50 52.34
C PHE A 487 -0.03 -9.85 50.94
N SER A 488 0.30 -8.56 50.91
CA SER A 488 0.34 -7.84 49.64
C SER A 488 1.69 -7.26 49.27
N GLY A 489 2.73 -7.80 49.87
CA GLY A 489 4.08 -7.41 49.50
C GLY A 489 4.89 -6.59 50.48
N ASP A 490 4.35 -6.26 51.67
CA ASP A 490 5.13 -5.47 52.63
C ASP A 490 6.43 -6.17 53.01
N VAL A 491 7.57 -5.52 52.70
CA VAL A 491 8.96 -5.97 52.89
C VAL A 491 9.25 -6.36 54.35
N GLU A 492 8.92 -5.47 55.29
CA GLU A 492 9.17 -5.74 56.71
C GLU A 492 8.30 -6.84 57.30
N GLU A 493 7.04 -6.95 56.86
CA GLU A 493 6.15 -8.04 57.27
C GLU A 493 6.78 -9.39 56.82
N LEU A 494 7.26 -9.45 55.57
CA LEU A 494 7.89 -10.66 55.00
C LEU A 494 9.19 -11.02 55.70
N ALA A 495 10.11 -10.04 55.86
CA ALA A 495 11.40 -10.26 56.56
C ALA A 495 11.24 -10.74 58.03
N GLU A 496 10.24 -10.21 58.77
CA GLU A 496 9.94 -10.64 60.16
C GLU A 496 9.49 -12.10 60.22
N ALA A 497 8.67 -12.53 59.22
CA ALA A 497 8.14 -13.89 59.12
C ALA A 497 9.23 -14.84 58.76
N ALA A 498 10.02 -14.49 57.72
CA ALA A 498 11.15 -15.31 57.26
C ALA A 498 12.24 -15.43 58.31
N ARG A 499 12.57 -14.34 59.02
CA ARG A 499 13.57 -14.37 60.06
C ARG A 499 13.23 -15.41 61.14
N GLU A 500 11.95 -15.46 61.55
CA GLU A 500 11.39 -16.40 62.51
C GLU A 500 11.47 -17.85 61.97
N PHE A 501 10.93 -18.09 60.76
CA PHE A 501 10.94 -19.41 60.10
C PHE A 501 12.37 -19.93 59.89
N CYS A 502 13.24 -19.06 59.40
CA CYS A 502 14.61 -19.40 59.07
C CYS A 502 15.53 -19.63 60.27
N SER A 503 15.08 -19.24 61.48
CA SER A 503 15.84 -19.52 62.69
C SER A 503 15.38 -20.88 63.30
N SER A 504 14.65 -21.69 62.52
CA SER A 504 14.19 -23.01 62.95
C SER A 504 15.33 -24.00 63.14
N GLU A 505 15.14 -24.97 64.06
CA GLU A 505 16.14 -26.01 64.31
C GLU A 505 15.73 -27.24 63.50
N VAL A 506 16.69 -27.96 62.90
CA VAL A 506 16.39 -29.23 62.26
C VAL A 506 16.40 -30.30 63.38
N ILE A 507 15.30 -31.03 63.58
CA ILE A 507 15.18 -32.08 64.60
C ILE A 507 14.95 -33.44 63.93
N ILE A 508 15.66 -34.50 64.37
CA ILE A 508 15.49 -35.83 63.79
C ILE A 508 14.49 -36.64 64.60
N ARG A 509 13.25 -36.67 64.09
CA ARG A 509 12.13 -37.41 64.71
C ARG A 509 12.14 -38.87 64.24
N THR A 510 11.32 -39.73 64.85
CA THR A 510 11.20 -41.16 64.50
C THR A 510 10.93 -41.33 63.00
N ASP A 511 10.01 -40.52 62.45
CA ASP A 511 9.61 -40.61 61.04
C ASP A 511 10.39 -39.77 60.05
N GLY A 512 11.51 -39.19 60.47
CA GLY A 512 12.33 -38.36 59.60
C GLY A 512 12.67 -36.98 60.13
N PRO A 513 13.48 -36.21 59.35
CA PRO A 513 13.89 -34.86 59.80
C PRO A 513 12.77 -33.83 59.66
N VAL A 514 12.70 -32.95 60.66
CA VAL A 514 11.66 -31.94 60.80
C VAL A 514 12.31 -30.53 60.92
N ILE A 515 11.63 -29.50 60.39
CA ILE A 515 12.03 -28.11 60.55
C ILE A 515 11.16 -27.72 61.75
N GLN A 516 11.76 -27.46 62.95
CA GLN A 516 11.01 -27.12 64.16
CA GLN A 516 11.00 -27.11 64.16
C GLN A 516 11.05 -25.61 64.38
N LEU A 517 9.90 -24.95 64.23
CA LEU A 517 9.82 -23.51 64.41
C LEU A 517 10.09 -23.10 65.87
N PRO A 518 10.77 -21.94 66.09
CA PRO A 518 11.02 -21.53 67.48
C PRO A 518 9.73 -21.18 68.21
N ASN A 519 9.78 -21.16 69.57
CA ASN A 519 8.65 -20.82 70.46
C ASN A 519 7.41 -21.71 70.25
N ALA A 520 7.61 -23.06 70.19
CA ALA A 520 6.56 -24.09 70.02
C ALA A 520 5.49 -23.84 68.90
N ARG A 521 5.86 -23.02 67.89
CA ARG A 521 5.03 -22.62 66.75
C ARG A 521 4.66 -23.74 65.76
N GLY A 522 5.16 -24.95 65.97
CA GLY A 522 4.86 -26.07 65.09
C GLY A 522 6.05 -26.52 64.26
N GLU A 523 5.83 -27.49 63.37
CA GLU A 523 6.88 -28.07 62.55
C GLU A 523 6.42 -28.54 61.18
N GLN A 524 7.37 -28.77 60.28
CA GLN A 524 7.12 -29.34 58.96
C GLN A 524 8.28 -30.26 58.59
N LYS A 525 8.04 -31.24 57.73
CA LYS A 525 9.04 -32.19 57.28
C LYS A 525 10.12 -31.47 56.48
N LEU A 526 11.37 -31.88 56.69
CA LEU A 526 12.51 -31.39 55.94
C LEU A 526 12.69 -32.31 54.76
N ASN A 527 12.85 -31.75 53.56
CA ASN A 527 13.02 -32.51 52.35
C ASN A 527 13.94 -31.80 51.38
N SER A 528 14.23 -32.47 50.26
CA SER A 528 15.13 -32.03 49.20
C SER A 528 14.66 -30.76 48.52
N LEU A 529 13.35 -30.52 48.55
CA LEU A 529 12.77 -29.35 47.91
C LEU A 529 12.80 -28.09 48.76
N ASN A 530 12.62 -28.23 50.09
CA ASN A 530 12.50 -27.10 51.00
C ASN A 530 13.71 -26.77 51.87
N PHE A 531 14.77 -27.61 51.91
CA PHE A 531 15.90 -27.44 52.82
C PHE A 531 16.63 -26.11 52.67
N ASP A 532 16.66 -25.56 51.45
CA ASP A 532 17.33 -24.29 51.18
C ASP A 532 16.37 -23.18 50.79
N LEU A 533 15.08 -23.34 51.12
CA LEU A 533 14.02 -22.36 50.81
C LEU A 533 14.25 -20.92 51.36
N CYS A 534 14.96 -20.80 52.50
CA CYS A 534 15.32 -19.51 53.06
C CYS A 534 16.11 -18.64 52.11
N LYS A 535 16.94 -19.24 51.23
CA LYS A 535 17.64 -18.44 50.22
C LYS A 535 16.64 -17.72 49.24
N THR A 536 15.51 -18.39 48.86
CA THR A 536 14.42 -17.86 48.03
C THR A 536 13.61 -16.78 48.76
N MET A 537 13.37 -16.96 50.10
CA MET A 537 12.71 -15.95 50.94
C MET A 537 13.63 -14.68 50.97
N ALA A 538 14.98 -14.88 51.08
CA ALA A 538 15.95 -13.77 51.10
C ALA A 538 15.99 -13.07 49.75
N LEU A 539 15.92 -13.83 48.64
CA LEU A 539 15.86 -13.24 47.31
C LEU A 539 14.58 -12.39 47.15
N THR A 540 13.43 -12.84 47.73
CA THR A 540 12.15 -12.10 47.65
C THR A 540 12.25 -10.77 48.39
N VAL A 541 12.78 -10.80 49.63
CA VAL A 541 13.01 -9.62 50.46
C VAL A 541 13.90 -8.63 49.71
N SER A 542 15.01 -9.14 49.17
CA SER A 542 15.98 -8.36 48.40
C SER A 542 15.35 -7.74 47.17
N LEU A 543 14.58 -8.51 46.37
CA LEU A 543 13.89 -8.00 45.18
C LEU A 543 12.94 -6.87 45.54
N LEU A 544 12.16 -7.06 46.63
CA LEU A 544 11.14 -6.14 47.12
C LEU A 544 11.74 -4.86 47.62
N ARG A 545 12.88 -4.93 48.31
CA ARG A 545 13.64 -3.77 48.76
C ARG A 545 14.14 -2.96 47.55
N HIS A 546 14.69 -3.63 46.52
CA HIS A 546 15.15 -2.92 45.32
C HIS A 546 14.01 -2.24 44.58
N MET A 547 12.82 -2.91 44.51
CA MET A 547 11.64 -2.32 43.87
C MET A 547 11.08 -1.12 44.66
N ALA A 548 11.11 -1.21 46.03
CA ALA A 548 10.60 -0.15 46.89
C ALA A 548 11.45 1.12 46.86
N ALA A 549 12.79 0.98 46.62
CA ALA A 549 13.75 2.07 46.55
C ALA A 549 13.82 2.70 45.15
N GLY A 550 13.15 2.10 44.17
CA GLY A 550 13.07 2.64 42.81
C GLY A 550 12.40 4.01 42.79
N GLU A 551 12.78 4.87 41.84
CA GLU A 551 12.19 6.21 41.65
C GLU A 551 10.66 6.07 41.55
N ASN A 552 10.22 5.05 40.79
CA ASN A 552 8.83 4.70 40.54
C ASN A 552 8.59 3.35 41.17
N GLN A 553 7.41 3.19 41.77
CA GLN A 553 7.08 1.93 42.41
C GLN A 553 5.92 1.23 41.71
N PRO A 554 6.01 -0.12 41.55
CA PRO A 554 4.87 -0.86 41.00
C PRO A 554 3.60 -0.51 41.74
N SER A 555 2.49 -0.30 41.03
CA SER A 555 1.21 0.09 41.65
C SER A 555 0.76 -0.98 42.66
N PHE A 556 1.02 -2.26 42.34
CA PHE A 556 0.80 -3.40 43.23
C PHE A 556 1.72 -4.51 42.85
N ILE A 557 1.93 -5.44 43.78
CA ILE A 557 2.75 -6.64 43.62
C ILE A 557 1.89 -7.83 44.06
N LYS A 558 1.70 -8.80 43.17
CA LYS A 558 0.93 -10.02 43.44
C LYS A 558 1.73 -11.26 43.10
N TRP A 559 1.48 -12.35 43.82
CA TRP A 559 2.10 -13.65 43.68
C TRP A 559 1.02 -14.53 43.10
N GLU A 560 1.23 -15.06 41.87
CA GLU A 560 0.20 -15.84 41.19
C GLU A 560 0.70 -17.14 40.59
N LYS A 561 -0.11 -18.20 40.67
CA LYS A 561 0.15 -19.53 40.06
C LYS A 561 -0.70 -19.67 38.79
N SER A 562 -1.85 -18.98 38.76
CA SER A 562 -2.82 -18.97 37.66
C SER A 562 -3.62 -17.64 37.57
N ILE A 563 -4.23 -17.37 36.41
CA ILE A 563 -5.05 -16.19 36.13
C ILE A 563 -6.48 -16.64 35.77
N ALA A 564 -7.49 -15.97 36.37
CA ALA A 564 -8.89 -16.25 36.11
C ALA A 564 -9.26 -15.86 34.69
N GLY A 565 -9.99 -16.74 34.02
CA GLY A 565 -10.46 -16.51 32.66
C GLY A 565 -11.64 -15.54 32.59
N PRO A 566 -12.23 -15.34 31.38
CA PRO A 566 -13.40 -14.43 31.27
C PRO A 566 -14.58 -14.84 32.14
N ASP A 567 -14.74 -16.17 32.36
CA ASP A 567 -15.75 -16.78 33.22
C ASP A 567 -15.11 -17.31 34.53
N GLY A 568 -13.97 -16.73 34.91
CA GLY A 568 -13.24 -17.05 36.13
C GLY A 568 -12.38 -18.30 36.13
N LYS A 569 -12.80 -19.37 35.41
CA LYS A 569 -12.00 -20.61 35.29
C LYS A 569 -10.78 -20.28 34.41
N PRO A 570 -9.52 -20.61 34.84
CA PRO A 570 -8.36 -20.30 33.98
C PRO A 570 -8.49 -20.96 32.63
N LEU A 571 -8.31 -20.19 31.55
CA LEU A 571 -8.36 -20.72 30.19
C LEU A 571 -7.07 -21.46 29.87
N ALA A 572 -5.96 -20.94 30.37
CA ALA A 572 -4.64 -21.46 30.11
C ALA A 572 -3.72 -21.17 31.31
N ASP A 573 -2.46 -21.63 31.23
CA ASP A 573 -1.47 -21.44 32.29
C ASP A 573 -0.49 -20.30 32.03
N LEU A 574 0.06 -19.74 33.12
CA LEU A 574 1.12 -18.74 33.11
C LEU A 574 2.36 -19.45 32.58
N GLY A 575 3.21 -18.70 31.90
CA GLY A 575 4.39 -19.26 31.26
C GLY A 575 4.47 -18.77 29.83
N TRP A 576 5.42 -19.26 29.08
CA TRP A 576 5.69 -18.81 27.71
C TRP A 576 4.78 -19.37 26.61
N GLN A 577 4.04 -20.46 26.87
CA GLN A 577 3.25 -21.21 25.86
C GLN A 577 2.20 -20.42 25.10
N VAL A 578 1.36 -19.66 25.82
CA VAL A 578 0.31 -18.84 25.19
C VAL A 578 0.90 -17.69 24.35
N GLY A 579 1.95 -17.06 24.87
CA GLY A 579 2.69 -15.99 24.19
C GLY A 579 3.25 -16.44 22.87
N VAL A 580 3.78 -17.68 22.80
CA VAL A 580 4.32 -18.28 21.57
C VAL A 580 3.19 -18.43 20.56
N ILE A 581 2.04 -19.01 20.99
CA ILE A 581 0.85 -19.14 20.13
C ILE A 581 0.45 -17.75 19.62
N LEU A 582 0.19 -16.82 20.53
CA LEU A 582 -0.21 -15.46 20.16
C LEU A 582 0.67 -14.74 19.14
N HIS A 583 2.01 -14.78 19.31
CA HIS A 583 2.90 -14.14 18.36
C HIS A 583 2.83 -14.71 16.93
N HIS A 584 2.19 -15.91 16.75
CA HIS A 584 1.97 -16.50 15.42
C HIS A 584 0.56 -16.15 14.91
N VAL A 585 -0.42 -16.44 15.73
CA VAL A 585 -1.85 -16.35 15.48
C VAL A 585 -2.40 -14.92 15.26
N LEU A 586 -1.78 -13.94 15.92
CA LEU A 586 -2.19 -12.54 15.85
C LEU A 586 -1.88 -11.85 14.51
N PHE A 587 -0.88 -12.37 13.76
CA PHE A 587 -0.49 -11.89 12.44
C PHE A 587 -1.40 -12.59 11.43
N THR A 588 -2.64 -12.05 11.26
CA THR A 588 -3.74 -12.61 10.46
C THR A 588 -3.35 -13.25 9.10
N GLU A 589 -2.77 -12.46 8.22
CA GLU A 589 -2.37 -12.86 6.87
C GLU A 589 -1.29 -13.94 6.91
N GLU A 590 -0.24 -13.72 7.72
CA GLU A 590 0.89 -14.65 7.90
C GLU A 590 0.37 -15.96 8.41
N TRP A 591 -0.47 -15.96 9.44
CA TRP A 591 -1.06 -17.18 10.00
C TRP A 591 -1.95 -17.93 9.00
N GLY A 592 -2.82 -17.21 8.31
CA GLY A 592 -3.70 -17.79 7.29
C GLY A 592 -2.92 -18.47 6.18
N ARG A 593 -1.79 -17.85 5.78
CA ARG A 593 -0.90 -18.43 4.78
C ARG A 593 -0.23 -19.73 5.29
N ASN A 594 0.35 -19.71 6.51
CA ASN A 594 1.06 -20.87 7.05
C ASN A 594 0.18 -22.00 7.56
N ALA A 595 -0.81 -21.66 8.43
CA ALA A 595 -1.68 -22.69 8.99
C ALA A 595 -2.69 -23.24 8.02
N TYR A 596 -3.22 -22.44 7.12
CA TYR A 596 -4.31 -22.92 6.28
C TYR A 596 -3.97 -23.14 4.80
N GLU A 597 -3.33 -22.16 4.15
CA GLU A 597 -3.00 -22.27 2.71
C GLU A 597 -1.95 -23.33 2.46
N ALA A 598 -0.82 -23.25 3.18
CA ALA A 598 0.25 -24.23 3.13
C ALA A 598 -0.26 -25.47 3.86
N GLY A 599 -0.52 -25.32 5.17
CA GLY A 599 -1.06 -26.35 6.05
C GLY A 599 -0.33 -27.67 6.09
N TYR A 600 -1.03 -28.74 6.52
CA TYR A 600 -0.49 -30.09 6.56
C TYR A 600 -0.26 -30.61 5.13
N SER A 601 -1.03 -30.11 4.13
CA SER A 601 -0.91 -30.50 2.72
C SER A 601 0.46 -30.16 2.11
N HIS A 602 1.21 -29.22 2.73
CA HIS A 602 2.57 -28.88 2.31
C HIS A 602 3.46 -30.13 2.40
N ASN A 603 3.16 -31.02 3.37
CA ASN A 603 3.88 -32.28 3.61
C ASN A 603 3.59 -33.39 2.60
N LEU A 604 2.57 -33.23 1.71
CA LEU A 604 2.21 -34.19 0.64
C LEU A 604 3.43 -34.47 -0.26
N GLU A 605 3.58 -35.72 -0.70
CA GLU A 605 4.66 -36.15 -1.60
C GLU A 605 4.33 -35.73 -3.03
N ALA B 12 4.61 25.54 -55.46
CA ALA B 12 3.74 25.45 -54.28
C ALA B 12 4.49 24.88 -53.06
N ASP B 13 5.22 25.76 -52.38
CA ASP B 13 5.96 25.49 -51.14
C ASP B 13 5.01 25.75 -49.95
N THR B 14 3.70 25.59 -50.22
CA THR B 14 2.57 25.70 -49.30
C THR B 14 2.68 24.54 -48.29
N GLU B 15 3.18 23.36 -48.76
CA GLU B 15 3.40 22.16 -47.95
C GLU B 15 4.45 22.40 -46.88
N LYS B 16 5.53 23.14 -47.24
CA LYS B 16 6.61 23.51 -46.33
C LYS B 16 6.06 24.39 -45.18
N ARG B 17 5.29 25.44 -45.50
CA ARG B 17 4.74 26.33 -44.47
C ARG B 17 3.58 25.74 -43.61
N ILE B 18 2.93 24.64 -44.11
CA ILE B 18 1.92 23.84 -43.41
C ILE B 18 2.67 23.06 -42.30
N ASN B 19 3.79 22.38 -42.68
CA ASN B 19 4.62 21.57 -41.77
C ASN B 19 5.27 22.40 -40.66
N VAL B 20 5.59 23.68 -40.95
CA VAL B 20 6.17 24.63 -39.99
C VAL B 20 5.14 24.89 -38.88
N GLY B 21 3.87 25.01 -39.28
CA GLY B 21 2.72 25.21 -38.40
C GLY B 21 2.41 23.98 -37.57
N LYS B 22 2.51 22.79 -38.19
CA LYS B 22 2.30 21.49 -37.54
C LYS B 22 3.37 21.25 -36.49
N LYS B 23 4.64 21.48 -36.85
CA LYS B 23 5.81 21.30 -35.98
C LYS B 23 5.81 22.31 -34.83
N HIS B 24 5.29 23.55 -35.08
CA HIS B 24 5.18 24.61 -34.09
C HIS B 24 4.24 24.15 -32.97
N LEU B 25 3.08 23.59 -33.34
CA LEU B 25 2.10 23.04 -32.43
C LEU B 25 2.64 21.81 -31.69
N GLN B 26 3.45 20.99 -32.38
CA GLN B 26 4.08 19.82 -31.74
C GLN B 26 5.11 20.27 -30.71
N THR B 27 5.91 21.29 -31.05
CA THR B 27 6.88 21.85 -30.12
C THR B 27 6.18 22.33 -28.83
N LEU B 28 5.02 23.03 -28.99
CA LEU B 28 4.26 23.53 -27.85
C LEU B 28 3.62 22.41 -27.02
N ARG B 29 3.14 21.35 -27.68
CA ARG B 29 2.53 20.18 -27.02
C ARG B 29 3.61 19.44 -26.20
N ASN B 30 4.81 19.28 -26.78
CA ASN B 30 5.91 18.61 -26.08
C ASN B 30 6.31 19.35 -24.83
N LEU B 31 6.32 20.67 -24.90
CA LEU B 31 6.68 21.57 -23.83
C LEU B 31 5.71 21.46 -22.62
N GLU B 32 4.42 21.22 -22.87
CA GLU B 32 3.43 21.05 -21.80
C GLU B 32 3.25 19.61 -21.27
N THR B 33 3.91 18.60 -21.91
CA THR B 33 3.78 17.19 -21.51
C THR B 33 5.09 16.58 -20.94
N ARG B 34 6.23 17.18 -21.26
CA ARG B 34 7.55 16.72 -20.84
C ARG B 34 8.00 17.32 -19.53
N CYS B 35 9.05 16.74 -18.94
CA CYS B 35 9.63 17.21 -17.69
C CYS B 35 10.46 18.50 -17.91
N HIS B 36 10.45 19.39 -16.91
CA HIS B 36 11.23 20.62 -16.98
C HIS B 36 12.28 20.59 -15.88
N ASP B 37 13.49 21.02 -16.23
CA ASP B 37 14.63 21.04 -15.34
C ASP B 37 14.87 22.44 -14.82
N SER B 38 15.20 22.52 -13.54
CA SER B 38 15.48 23.75 -12.83
C SER B 38 16.56 23.51 -11.78
N LEU B 39 17.50 24.45 -11.67
CA LEU B 39 18.59 24.38 -10.73
C LEU B 39 18.16 24.80 -9.32
N GLN B 40 18.69 24.11 -8.32
CA GLN B 40 18.44 24.38 -6.90
C GLN B 40 19.74 24.41 -6.08
N ALA B 41 19.88 25.40 -5.21
CA ALA B 41 20.99 25.44 -4.28
C ALA B 41 20.57 24.75 -2.97
N LEU B 42 21.52 24.01 -2.37
CA LEU B 42 21.39 23.29 -1.09
C LEU B 42 22.56 23.70 -0.17
N VAL B 43 22.27 23.97 1.12
CA VAL B 43 23.29 24.40 2.06
C VAL B 43 23.43 23.47 3.26
N VAL B 44 24.67 22.98 3.46
CA VAL B 44 25.00 22.11 4.59
C VAL B 44 25.96 22.88 5.48
N ILE B 45 25.51 23.23 6.68
CA ILE B 45 26.37 23.94 7.62
C ILE B 45 27.06 22.88 8.50
N ASP B 46 28.40 22.79 8.36
CA ASP B 46 29.23 21.85 9.10
C ASP B 46 29.63 22.48 10.45
N ALA B 47 28.86 22.16 11.50
CA ALA B 47 29.10 22.69 12.82
C ALA B 47 29.93 21.69 13.65
N GLY B 48 31.24 21.70 13.41
CA GLY B 48 32.21 20.84 14.07
C GLY B 48 32.54 21.29 15.48
N SER B 49 33.48 20.59 16.14
CA SER B 49 33.90 20.87 17.50
C SER B 49 34.50 22.27 17.68
N SER B 50 35.50 22.64 16.85
CA SER B 50 36.18 23.93 16.95
C SER B 50 35.86 24.94 15.84
N SER B 51 34.96 24.60 14.92
CA SER B 51 34.56 25.50 13.83
C SER B 51 33.18 25.21 13.27
N THR B 52 32.57 26.24 12.68
CA THR B 52 31.27 26.21 11.99
C THR B 52 31.56 26.80 10.60
N ARG B 53 31.26 26.04 9.55
CA ARG B 53 31.54 26.35 8.16
C ARG B 53 30.35 26.04 7.24
N THR B 54 30.09 26.92 6.25
CA THR B 54 29.02 26.75 5.28
C THR B 54 29.51 25.94 4.09
N ASN B 55 28.63 25.10 3.52
CA ASN B 55 28.91 24.28 2.34
C ASN B 55 27.73 24.46 1.39
N VAL B 56 28.02 25.05 0.21
CA VAL B 56 27.01 25.38 -0.80
C VAL B 56 27.03 24.38 -1.94
N PHE B 57 25.88 23.74 -2.18
CA PHE B 57 25.69 22.71 -3.21
C PHE B 57 24.69 23.17 -4.24
N LEU B 58 24.80 22.62 -5.45
CA LEU B 58 23.83 22.81 -6.54
C LEU B 58 23.33 21.44 -6.93
N ALA B 59 22.06 21.36 -7.35
CA ALA B 59 21.43 20.13 -7.80
C ALA B 59 20.40 20.44 -8.88
N LYS B 60 20.21 19.46 -9.77
CA LYS B 60 19.23 19.57 -10.84
C LYS B 60 17.92 18.99 -10.33
N THR B 61 16.85 19.80 -10.37
CA THR B 61 15.51 19.37 -10.00
C THR B 61 14.80 19.06 -11.32
N ARG B 62 13.89 18.09 -11.29
CA ARG B 62 13.07 17.70 -12.42
C ARG B 62 11.59 17.82 -12.00
N SER B 63 10.81 18.58 -12.74
CA SER B 63 9.38 18.84 -12.54
C SER B 63 8.62 18.09 -13.67
N CYS B 64 7.83 17.06 -13.32
CA CYS B 64 7.12 16.22 -14.31
C CYS B 64 5.59 16.31 -14.16
N PRO B 65 4.79 16.46 -15.26
CA PRO B 65 3.32 16.49 -15.12
C PRO B 65 2.77 15.35 -14.27
N ASN B 66 1.89 15.69 -13.28
CA ASN B 66 1.28 14.75 -12.32
C ASN B 66 2.25 13.97 -11.41
N LYS B 67 3.53 14.34 -11.37
CA LYS B 67 4.53 13.62 -10.57
C LYS B 67 5.28 14.48 -9.56
N GLY B 68 5.11 15.79 -9.63
CA GLY B 68 5.77 16.71 -8.71
C GLY B 68 7.20 17.03 -9.14
N ARG B 69 8.02 17.42 -8.19
CA ARG B 69 9.40 17.81 -8.43
C ARG B 69 10.35 16.96 -7.59
N SER B 70 11.49 16.55 -8.20
CA SER B 70 12.50 15.73 -7.54
C SER B 70 13.92 16.17 -7.94
N ILE B 71 14.93 15.71 -7.18
CA ILE B 71 16.32 16.05 -7.48
C ILE B 71 16.97 14.85 -8.15
N ASP B 72 17.78 15.09 -9.20
CA ASP B 72 18.61 14.05 -9.81
C ASP B 72 19.79 13.95 -8.79
N PRO B 73 19.92 12.84 -8.00
CA PRO B 73 21.01 12.79 -7.00
C PRO B 73 22.43 12.83 -7.56
N ASP B 74 22.63 12.36 -8.81
CA ASP B 74 23.94 12.37 -9.47
C ASP B 74 24.40 13.79 -9.84
N SER B 75 23.48 14.77 -9.84
CA SER B 75 23.75 16.16 -10.18
C SER B 75 24.37 16.96 -9.03
N ILE B 76 24.24 16.47 -7.78
CA ILE B 76 24.74 17.14 -6.58
C ILE B 76 26.23 17.49 -6.67
N GLN B 77 26.55 18.79 -6.54
CA GLN B 77 27.92 19.27 -6.62
C GLN B 77 28.18 20.44 -5.68
N LEU B 78 29.35 20.42 -5.01
CA LEU B 78 29.81 21.46 -4.09
C LEU B 78 30.34 22.63 -4.92
N ILE B 79 29.84 23.82 -4.63
CA ILE B 79 30.25 25.02 -5.37
C ILE B 79 31.07 25.97 -4.50
N GLY B 80 31.08 25.69 -3.19
CA GLY B 80 31.83 26.49 -2.23
C GLY B 80 31.78 26.04 -0.78
N ALA B 81 32.96 26.05 -0.17
CA ALA B 81 33.21 25.78 1.25
C ALA B 81 33.56 27.16 1.80
N GLY B 82 32.88 27.57 2.85
CA GLY B 82 33.05 28.90 3.42
C GLY B 82 34.15 29.08 4.44
N LYS B 83 34.10 30.23 5.11
CA LYS B 83 35.04 30.59 6.16
C LYS B 83 34.77 29.77 7.41
N ARG B 84 35.84 29.33 8.08
CA ARG B 84 35.77 28.57 9.31
C ARG B 84 35.52 29.58 10.43
N PHE B 85 34.26 29.67 10.88
CA PHE B 85 33.87 30.56 11.96
C PHE B 85 34.00 29.85 13.32
N ALA B 86 33.53 30.49 14.39
CA ALA B 86 33.61 29.90 15.72
C ALA B 86 32.69 28.70 15.86
N GLY B 87 33.17 27.70 16.58
CA GLY B 87 32.42 26.50 16.88
C GLY B 87 31.19 26.86 17.70
N LEU B 88 30.15 26.06 17.57
CA LEU B 88 28.87 26.24 18.25
C LEU B 88 29.06 26.28 19.78
N ARG B 89 30.05 25.52 20.29
CA ARG B 89 30.51 25.41 21.67
C ARG B 89 30.80 26.79 22.26
N VAL B 90 31.46 27.65 21.46
CA VAL B 90 31.87 29.02 21.78
C VAL B 90 30.65 29.86 22.14
N VAL B 91 29.53 29.71 21.38
CA VAL B 91 28.29 30.45 21.67
C VAL B 91 27.84 30.11 23.10
N LEU B 92 27.77 28.80 23.45
CA LEU B 92 27.36 28.37 24.79
C LEU B 92 28.37 28.67 25.89
N GLU B 93 29.69 28.49 25.61
CA GLU B 93 30.76 28.79 26.56
C GLU B 93 30.71 30.28 26.97
N GLU B 94 30.58 31.20 25.97
CA GLU B 94 30.50 32.65 26.19
C GLU B 94 29.23 33.05 26.92
N TRP B 95 28.11 32.39 26.60
CA TRP B 95 26.83 32.62 27.26
C TRP B 95 26.94 32.18 28.73
N LEU B 96 27.59 31.03 28.98
CA LEU B 96 27.82 30.52 30.33
C LEU B 96 28.89 31.32 31.06
N ASP B 97 29.75 32.05 30.34
CA ASP B 97 30.81 32.88 30.94
C ASP B 97 30.26 34.20 31.46
N THR B 98 29.30 34.74 30.73
CA THR B 98 28.65 36.01 31.04
C THR B 98 27.53 35.82 32.07
N TYR B 99 26.68 34.80 31.91
CA TYR B 99 25.50 34.61 32.76
C TYR B 99 25.56 33.58 33.89
N ALA B 100 26.42 32.56 33.77
CA ALA B 100 26.56 31.56 34.84
C ALA B 100 27.86 31.79 35.65
N GLY B 101 28.76 32.64 35.12
CA GLY B 101 30.05 32.94 35.70
C GLY B 101 31.13 32.10 35.05
N LYS B 102 32.33 32.68 34.82
CA LYS B 102 33.48 32.00 34.17
C LYS B 102 33.92 30.69 34.87
N ASP B 103 33.44 30.49 36.10
CA ASP B 103 33.68 29.38 37.02
C ASP B 103 32.81 28.13 36.76
N TRP B 104 31.89 28.21 35.77
CA TRP B 104 30.93 27.17 35.40
C TRP B 104 31.49 25.79 35.08
N GLU B 105 32.71 25.72 34.48
CA GLU B 105 33.38 24.47 34.11
C GLU B 105 33.82 23.62 35.31
N SER B 106 33.88 24.21 36.53
CA SER B 106 34.29 23.54 37.77
C SER B 106 33.19 23.51 38.84
N ARG B 107 32.64 24.69 39.18
CA ARG B 107 31.60 24.86 40.20
C ARG B 107 30.23 24.32 39.73
N PRO B 108 29.40 23.73 40.63
CA PRO B 108 28.06 23.27 40.19
C PRO B 108 27.15 24.45 39.86
N VAL B 109 26.39 24.34 38.74
CA VAL B 109 25.50 25.41 38.28
C VAL B 109 24.05 24.95 38.23
N ASP B 110 23.13 25.76 38.80
CA ASP B 110 21.69 25.50 38.75
C ASP B 110 21.22 25.98 37.37
N ALA B 111 20.93 25.02 36.47
CA ALA B 111 20.50 25.26 35.09
C ALA B 111 19.17 26.01 34.96
N ARG B 112 18.27 25.82 35.96
CA ARG B 112 16.93 26.44 36.04
C ARG B 112 17.00 27.96 35.95
N LEU B 113 17.97 28.57 36.65
CA LEU B 113 18.18 30.02 36.69
C LEU B 113 18.56 30.63 35.34
N LEU B 114 19.19 29.82 34.48
CA LEU B 114 19.66 30.26 33.17
C LEU B 114 18.57 30.55 32.12
N PHE B 115 17.32 30.10 32.36
CA PHE B 115 16.15 30.37 31.50
C PHE B 115 15.82 31.89 31.40
N GLN B 116 16.43 32.69 32.28
CA GLN B 116 16.28 34.14 32.31
C GLN B 116 17.05 34.75 31.16
N TYR B 117 18.11 34.06 30.71
CA TYR B 117 19.01 34.55 29.67
C TYR B 117 18.82 33.96 28.26
N VAL B 118 17.60 33.46 27.98
CA VAL B 118 17.19 32.89 26.70
C VAL B 118 17.36 33.88 25.51
N PRO B 119 16.96 35.19 25.60
CA PRO B 119 17.19 36.08 24.45
C PRO B 119 18.63 36.55 24.32
N GLN B 120 19.44 36.35 25.38
CA GLN B 120 20.88 36.65 25.44
C GLN B 120 21.65 35.54 24.72
N MET B 121 21.15 34.28 24.83
CA MET B 121 21.67 33.10 24.14
C MET B 121 21.32 33.27 22.67
N HIS B 122 20.08 33.74 22.41
CA HIS B 122 19.54 34.00 21.07
C HIS B 122 20.40 35.02 20.32
N GLU B 123 20.89 36.06 21.03
CA GLU B 123 21.77 37.09 20.47
C GLU B 123 23.13 36.56 20.07
N GLY B 124 23.70 35.70 20.93
CA GLY B 124 24.99 35.05 20.70
C GLY B 124 24.98 34.20 19.45
N ALA B 125 23.91 33.42 19.29
CA ALA B 125 23.67 32.54 18.14
C ALA B 125 23.35 33.37 16.89
N LYS B 126 22.72 34.55 17.09
CA LYS B 126 22.35 35.46 15.99
C LYS B 126 23.61 35.99 15.30
N LYS B 127 24.62 36.43 16.11
CA LYS B 127 25.91 36.94 15.65
C LYS B 127 26.58 35.95 14.69
N LEU B 128 26.72 34.69 15.12
CA LEU B 128 27.29 33.59 14.35
C LEU B 128 26.49 33.28 13.08
N MET B 129 25.16 33.14 13.20
CA MET B 129 24.28 32.85 12.06
C MET B 129 24.29 33.92 10.98
N GLN B 130 24.40 35.22 11.38
CA GLN B 130 24.51 36.35 10.45
C GLN B 130 25.80 36.21 9.61
N LEU B 131 26.90 35.82 10.27
CA LEU B 131 28.19 35.59 9.63
C LEU B 131 28.16 34.40 8.67
N LEU B 132 27.45 33.33 9.03
CA LEU B 132 27.31 32.16 8.14
C LEU B 132 26.43 32.53 6.94
N GLU B 133 25.30 33.25 7.21
CA GLU B 133 24.36 33.71 6.18
C GLU B 133 25.07 34.64 5.20
N GLU B 134 25.86 35.61 5.72
CA GLU B 134 26.64 36.55 4.91
C GLU B 134 27.57 35.80 3.96
N ASP B 135 28.35 34.85 4.52
CA ASP B 135 29.32 34.00 3.82
C ASP B 135 28.65 33.08 2.78
N THR B 136 27.44 32.56 3.07
CA THR B 136 26.72 31.71 2.15
C THR B 136 26.29 32.53 0.93
N VAL B 137 25.70 33.73 1.17
CA VAL B 137 25.23 34.67 0.15
C VAL B 137 26.38 35.08 -0.76
N ALA B 138 27.58 35.26 -0.16
CA ALA B 138 28.83 35.63 -0.85
C ALA B 138 29.21 34.55 -1.87
N ILE B 139 29.17 33.28 -1.46
CA ILE B 139 29.50 32.12 -2.29
C ILE B 139 28.53 31.96 -3.46
N LEU B 140 27.21 32.13 -3.21
CA LEU B 140 26.18 32.02 -4.26
C LEU B 140 26.38 33.11 -5.33
N ASP B 141 26.51 34.37 -4.89
CA ASP B 141 26.71 35.56 -5.73
C ASP B 141 27.96 35.50 -6.59
N SER B 142 29.03 34.88 -6.08
CA SER B 142 30.30 34.74 -6.78
C SER B 142 30.38 33.54 -7.72
N GLN B 143 29.56 32.51 -7.49
CA GLN B 143 29.61 31.30 -8.31
C GLN B 143 28.48 31.15 -9.36
N LEU B 144 27.31 31.81 -9.15
CA LEU B 144 26.15 31.70 -10.06
C LEU B 144 25.97 32.85 -11.06
N ASN B 145 25.66 32.51 -12.33
CA ASN B 145 25.35 33.53 -13.34
C ASN B 145 23.91 34.02 -13.12
N GLU B 146 23.52 35.15 -13.74
CA GLU B 146 22.17 35.73 -13.58
C GLU B 146 21.00 34.80 -13.85
N LYS B 147 21.10 33.92 -14.87
CA LYS B 147 20.07 32.94 -15.22
C LYS B 147 19.87 31.91 -14.10
N GLN B 148 21.00 31.36 -13.58
CA GLN B 148 21.05 30.39 -12.49
C GLN B 148 20.49 30.99 -11.20
N LYS B 149 20.80 32.28 -10.93
CA LYS B 149 20.33 33.03 -9.76
C LYS B 149 18.79 33.12 -9.76
N VAL B 150 18.16 33.30 -10.95
CA VAL B 150 16.70 33.36 -11.08
C VAL B 150 16.07 32.04 -10.64
N GLN B 151 16.65 30.89 -11.07
CA GLN B 151 16.16 29.54 -10.74
C GLN B 151 16.32 29.23 -9.24
N VAL B 152 17.53 29.48 -8.70
CA VAL B 152 17.91 29.30 -7.29
C VAL B 152 17.06 30.18 -6.34
N LYS B 153 16.82 31.46 -6.70
CA LYS B 153 16.01 32.33 -5.85
C LYS B 153 14.52 31.93 -5.79
N ALA B 154 13.96 31.45 -6.92
CA ALA B 154 12.56 31.04 -7.01
C ALA B 154 12.21 29.73 -6.28
N LEU B 155 13.15 28.76 -6.26
CA LEU B 155 12.93 27.43 -5.68
C LEU B 155 13.03 27.27 -4.16
N GLY B 156 13.68 28.22 -3.50
CA GLY B 156 13.92 28.14 -2.07
C GLY B 156 15.21 27.38 -1.82
N ILE B 157 15.87 27.66 -0.69
CA ILE B 157 17.14 27.03 -0.39
C ILE B 157 17.10 26.25 0.91
N PRO B 158 16.87 24.92 0.83
CA PRO B 158 16.93 24.09 2.05
C PRO B 158 18.30 24.20 2.71
N VAL B 159 18.30 24.33 4.05
CA VAL B 159 19.51 24.43 4.88
C VAL B 159 19.56 23.27 5.86
N MET B 160 20.69 22.58 5.87
CA MET B 160 20.97 21.46 6.76
C MET B 160 22.13 21.82 7.70
N LEU B 161 21.81 22.29 8.93
CA LEU B 161 22.85 22.56 9.93
C LEU B 161 22.98 21.33 10.85
N CYS B 162 24.16 20.69 10.84
CA CYS B 162 24.38 19.51 11.67
C CYS B 162 25.62 19.68 12.53
N SER B 163 25.43 19.58 13.85
CA SER B 163 26.56 19.64 14.74
C SER B 163 27.08 18.24 14.95
N THR B 164 28.40 18.09 14.80
CA THR B 164 29.10 16.84 15.02
C THR B 164 29.49 16.90 16.50
N ALA B 165 30.77 17.08 16.83
CA ALA B 165 31.18 17.14 18.24
C ALA B 165 31.11 18.55 18.87
N GLY B 166 31.48 18.62 20.15
CA GLY B 166 31.55 19.85 20.92
C GLY B 166 30.32 20.19 21.74
N VAL B 167 29.18 20.27 21.05
CA VAL B 167 27.88 20.66 21.64
C VAL B 167 27.27 19.54 22.48
N ARG B 168 27.45 18.29 22.05
CA ARG B 168 26.93 17.07 22.70
C ARG B 168 27.38 16.84 24.15
N ASP B 169 28.38 17.63 24.61
CA ASP B 169 29.01 17.54 25.94
C ASP B 169 28.44 18.45 27.07
N PHE B 170 27.29 19.16 26.86
CA PHE B 170 26.76 20.09 27.89
C PHE B 170 25.87 19.52 29.02
N HIS B 171 25.01 18.54 28.69
CA HIS B 171 24.13 17.77 29.58
C HIS B 171 23.07 18.51 30.41
N GLU B 172 22.45 19.56 29.82
CA GLU B 172 21.35 20.33 30.39
C GLU B 172 20.31 20.63 29.28
N TRP B 173 19.56 21.74 29.40
CA TRP B 173 18.55 22.14 28.43
C TRP B 173 19.12 23.01 27.31
N TYR B 174 20.28 23.67 27.58
CA TYR B 174 21.00 24.61 26.70
C TYR B 174 21.13 24.17 25.26
N ARG B 175 21.66 22.94 25.07
CA ARG B 175 21.96 22.34 23.77
C ARG B 175 20.78 22.32 22.82
N ASP B 176 19.69 21.63 23.20
CA ASP B 176 18.49 21.51 22.37
C ASP B 176 17.81 22.88 22.20
N ALA B 177 17.88 23.75 23.24
CA ALA B 177 17.33 25.13 23.16
C ALA B 177 18.08 25.92 22.12
N LEU B 178 19.43 25.77 22.07
CA LEU B 178 20.26 26.43 21.06
C LEU B 178 19.77 26.06 19.66
N PHE B 179 19.45 24.77 19.43
CA PHE B 179 18.97 24.28 18.13
C PHE B 179 17.67 24.90 17.68
N VAL B 180 16.70 24.99 18.63
CA VAL B 180 15.41 25.66 18.39
C VAL B 180 15.69 27.10 17.91
N LEU B 181 16.68 27.78 18.54
CA LEU B 181 17.08 29.15 18.23
C LEU B 181 17.78 29.28 16.87
N LEU B 182 18.66 28.33 16.51
CA LEU B 182 19.39 28.34 15.23
C LEU B 182 18.43 28.20 14.06
N ARG B 183 17.43 27.30 14.19
CA ARG B 183 16.41 27.08 13.18
C ARG B 183 15.54 28.33 13.01
N HIS B 184 15.20 29.01 14.13
CA HIS B 184 14.42 30.26 14.06
C HIS B 184 15.19 31.34 13.24
N LEU B 185 16.51 31.40 13.44
CA LEU B 185 17.41 32.31 12.75
C LEU B 185 17.59 31.92 11.27
N ILE B 186 17.75 30.62 10.97
CA ILE B 186 17.87 30.15 9.59
C ILE B 186 16.61 30.48 8.77
N ASN B 187 15.42 30.28 9.38
CA ASN B 187 14.12 30.51 8.74
C ASN B 187 13.74 31.99 8.63
N ASN B 188 14.58 32.88 9.16
CA ASN B 188 14.37 34.33 9.10
C ASN B 188 15.55 35.02 8.40
N PRO B 189 15.84 34.73 7.10
CA PRO B 189 16.97 35.43 6.45
C PRO B 189 16.56 36.84 6.02
N SER B 190 17.56 37.73 5.85
CA SER B 190 17.33 39.11 5.41
C SER B 190 16.79 39.08 3.98
N PRO B 191 15.73 39.87 3.68
CA PRO B 191 15.13 39.78 2.34
C PRO B 191 15.90 40.48 1.23
N ALA B 192 16.83 41.39 1.60
CA ALA B 192 17.63 42.20 0.66
C ALA B 192 18.44 41.42 -0.38
N HIS B 193 18.91 40.22 -0.03
CA HIS B 193 19.67 39.37 -0.96
C HIS B 193 18.80 38.50 -1.89
N GLY B 194 17.57 38.20 -1.45
CA GLY B 194 16.61 37.42 -2.21
C GLY B 194 16.71 35.90 -2.19
N TYR B 195 17.75 35.33 -1.50
CA TYR B 195 17.93 33.88 -1.36
C TYR B 195 17.00 33.36 -0.26
N LYS B 196 16.11 32.41 -0.63
CA LYS B 196 15.07 31.87 0.26
C LYS B 196 15.52 30.73 1.17
N PHE B 197 16.42 31.02 2.13
CA PHE B 197 16.92 30.02 3.07
C PHE B 197 15.85 29.55 4.02
N PHE B 198 15.81 28.25 4.25
CA PHE B 198 14.85 27.66 5.16
C PHE B 198 15.34 26.32 5.69
N THR B 199 14.83 25.95 6.86
CA THR B 199 15.11 24.66 7.50
C THR B 199 13.91 24.14 8.30
N ASN B 200 14.09 22.98 8.98
CA ASN B 200 13.11 22.34 9.85
C ASN B 200 13.85 21.45 10.87
N PRO B 201 13.21 20.94 11.94
CA PRO B 201 13.95 20.07 12.89
C PRO B 201 14.46 18.74 12.31
N PHE B 202 14.01 18.33 11.11
CA PHE B 202 14.51 17.09 10.50
C PHE B 202 15.80 17.29 9.74
N TRP B 203 16.02 18.50 9.21
CA TRP B 203 17.21 18.87 8.46
C TRP B 203 18.29 19.47 9.36
N THR B 204 17.91 20.29 10.37
CA THR B 204 18.82 20.94 11.31
C THR B 204 18.72 20.26 12.66
N ARG B 205 19.78 19.52 13.04
CA ARG B 205 19.84 18.75 14.29
C ARG B 205 21.25 18.26 14.54
N PRO B 206 21.61 17.90 15.79
CA PRO B 206 22.94 17.30 16.01
C PRO B 206 22.96 15.87 15.46
N ILE B 207 24.15 15.37 15.07
CA ILE B 207 24.37 13.99 14.62
C ILE B 207 25.44 13.36 15.49
N THR B 208 25.40 12.03 15.69
CA THR B 208 26.38 11.32 16.53
C THR B 208 27.54 10.85 15.63
N GLY B 209 28.64 10.44 16.25
CA GLY B 209 29.80 9.92 15.54
C GLY B 209 29.41 8.77 14.63
N ALA B 210 28.52 7.87 15.12
CA ALA B 210 28.02 6.70 14.37
C ALA B 210 27.19 7.11 13.15
N GLU B 211 26.29 8.10 13.30
CA GLU B 211 25.47 8.61 12.19
C GLU B 211 26.39 9.27 11.18
N GLU B 212 27.47 9.97 11.65
CA GLU B 212 28.47 10.62 10.79
C GLU B 212 29.17 9.61 9.88
N GLY B 213 29.54 8.45 10.43
CA GLY B 213 30.13 7.34 9.69
C GLY B 213 29.23 6.82 8.59
N LEU B 214 27.93 6.62 8.88
CA LEU B 214 26.96 6.12 7.88
C LEU B 214 26.82 7.11 6.75
N PHE B 215 26.81 8.43 7.07
CA PHE B 215 26.72 9.51 6.07
C PHE B 215 27.99 9.55 5.23
N ALA B 216 29.17 9.35 5.86
CA ALA B 216 30.47 9.29 5.15
C ALA B 216 30.51 8.05 4.19
N PHE B 217 29.90 6.94 4.60
CA PHE B 217 29.79 5.71 3.80
C PHE B 217 28.93 5.96 2.57
N ILE B 218 27.81 6.68 2.76
CA ILE B 218 26.89 7.01 1.68
C ILE B 218 27.58 7.95 0.68
N THR B 219 28.27 8.98 1.20
CA THR B 219 29.02 9.97 0.41
C THR B 219 30.06 9.27 -0.49
N LEU B 220 30.87 8.39 0.13
CA LEU B 220 31.91 7.66 -0.56
C LEU B 220 31.34 6.90 -1.72
N ASN B 221 30.28 6.13 -1.44
CA ASN B 221 29.64 5.24 -2.39
C ASN B 221 28.86 5.92 -3.49
N HIS B 222 28.32 7.12 -3.23
CA HIS B 222 27.62 7.90 -4.24
C HIS B 222 28.63 8.50 -5.21
N LEU B 223 29.64 9.23 -4.68
CA LEU B 223 30.69 9.87 -5.47
C LEU B 223 31.47 8.90 -6.36
N SER B 224 31.79 7.71 -5.82
CA SER B 224 32.49 6.65 -6.58
C SER B 224 31.55 5.83 -7.50
N ARG B 225 30.25 6.18 -7.50
CA ARG B 225 29.20 5.59 -8.35
C ARG B 225 28.93 4.09 -8.08
N ARG B 226 29.22 3.63 -6.87
CA ARG B 226 29.02 2.23 -6.46
C ARG B 226 27.58 2.01 -6.00
N LEU B 227 26.99 3.07 -5.43
CA LEU B 227 25.63 3.15 -4.93
C LEU B 227 24.76 3.66 -6.07
N GLY B 228 23.70 2.92 -6.34
CA GLY B 228 22.72 3.19 -7.39
C GLY B 228 21.60 2.18 -7.33
N GLU B 229 20.42 2.54 -7.87
CA GLU B 229 19.21 1.70 -7.89
C GLU B 229 19.44 0.34 -8.53
N ASP B 230 20.30 0.29 -9.54
CA ASP B 230 20.62 -0.94 -10.25
C ASP B 230 21.62 -1.78 -9.45
N PRO B 231 21.24 -3.01 -9.06
CA PRO B 231 22.17 -3.87 -8.30
C PRO B 231 23.40 -4.30 -9.10
N ALA B 232 24.55 -4.43 -8.41
CA ALA B 232 25.79 -4.87 -9.04
C ALA B 232 25.75 -6.39 -9.27
N ARG B 233 25.18 -7.13 -8.30
CA ARG B 233 25.04 -8.57 -8.36
C ARG B 233 23.83 -9.08 -7.59
N CYS B 234 23.20 -10.12 -8.14
CA CYS B 234 22.06 -10.79 -7.54
C CYS B 234 22.39 -12.24 -7.26
N MET B 235 21.68 -12.83 -6.30
CA MET B 235 21.89 -14.20 -5.82
C MET B 235 20.55 -14.76 -5.32
N ILE B 236 20.33 -16.08 -5.49
CA ILE B 236 19.11 -16.77 -5.02
C ILE B 236 19.40 -17.43 -3.64
N ASP B 237 18.59 -17.07 -2.63
CA ASP B 237 18.73 -17.59 -1.26
C ASP B 237 18.09 -18.99 -1.12
N GLU B 238 18.09 -19.55 0.12
CA GLU B 238 17.55 -20.87 0.44
C GLU B 238 16.03 -21.06 0.16
N TYR B 239 15.25 -19.97 0.22
CA TYR B 239 13.79 -19.96 -0.01
C TYR B 239 13.37 -19.82 -1.47
N GLY B 240 14.30 -19.39 -2.33
CA GLY B 240 14.05 -19.18 -3.75
C GLY B 240 13.82 -17.73 -4.15
N VAL B 241 14.06 -16.77 -3.23
CA VAL B 241 13.90 -15.35 -3.52
C VAL B 241 15.23 -14.67 -3.89
N LYS B 242 15.23 -13.93 -5.01
CA LYS B 242 16.39 -13.20 -5.54
C LYS B 242 16.84 -12.10 -4.55
N GLN B 243 18.09 -12.17 -4.08
CA GLN B 243 18.68 -11.19 -3.16
C GLN B 243 19.75 -10.39 -3.90
N CYS B 244 19.50 -9.06 -4.03
CA CYS B 244 20.36 -8.16 -4.78
C CYS B 244 21.13 -7.14 -3.95
N ARG B 245 22.36 -6.82 -4.40
CA ARG B 245 23.24 -5.87 -3.73
C ARG B 245 24.14 -5.12 -4.69
N ASN B 246 24.65 -3.97 -4.21
CA ASN B 246 25.64 -3.15 -4.90
C ASN B 246 27.00 -3.62 -4.39
N ASP B 247 28.09 -3.31 -5.14
CA ASP B 247 29.47 -3.63 -4.73
C ASP B 247 30.02 -2.39 -4.08
N LEU B 248 29.75 -2.25 -2.77
CA LEU B 248 30.13 -1.06 -2.02
C LEU B 248 31.49 -1.15 -1.39
N ALA B 249 32.13 0.00 -1.23
CA ALA B 249 33.43 0.13 -0.60
C ALA B 249 33.22 0.62 0.83
N GLY B 250 34.08 0.14 1.71
CA GLY B 250 34.10 0.59 3.10
C GLY B 250 34.92 1.86 3.28
N VAL B 251 34.78 2.48 4.43
CA VAL B 251 35.42 3.73 4.76
C VAL B 251 35.99 3.74 6.17
N VAL B 252 37.21 4.29 6.31
CA VAL B 252 37.87 4.54 7.59
C VAL B 252 38.02 6.05 7.55
N GLU B 253 37.30 6.72 8.47
CA GLU B 253 37.27 8.17 8.57
C GLU B 253 37.77 8.56 9.96
N VAL B 254 38.96 9.20 10.00
CA VAL B 254 39.55 9.65 11.25
C VAL B 254 39.35 11.17 11.36
N GLY B 255 38.44 11.58 12.23
CA GLY B 255 38.17 12.99 12.46
C GLY B 255 38.89 13.50 13.69
N GLY B 256 38.50 14.70 14.12
CA GLY B 256 39.07 15.35 15.29
C GLY B 256 38.63 14.75 16.59
N ALA B 257 37.35 14.38 16.69
CA ALA B 257 36.76 13.82 17.91
C ALA B 257 36.53 12.33 17.91
N SER B 258 36.56 11.70 16.73
CA SER B 258 36.36 10.26 16.65
C SER B 258 36.76 9.73 15.30
N ALA B 259 36.89 8.42 15.24
CA ALA B 259 37.17 7.71 14.02
C ALA B 259 36.01 6.76 13.77
N GLN B 260 35.57 6.71 12.51
CA GLN B 260 34.50 5.83 12.07
C GLN B 260 35.03 4.78 11.14
N ILE B 261 34.48 3.57 11.27
CA ILE B 261 34.79 2.43 10.39
C ILE B 261 33.42 1.89 9.97
N VAL B 262 33.10 2.01 8.67
CA VAL B 262 31.82 1.54 8.12
C VAL B 262 32.09 0.77 6.84
N PHE B 263 31.71 -0.52 6.81
CA PHE B 263 31.93 -1.31 5.60
C PHE B 263 30.81 -2.34 5.40
N PRO B 264 30.57 -2.80 4.15
CA PRO B 264 29.50 -3.79 3.93
C PRO B 264 29.73 -5.11 4.66
N LEU B 265 28.64 -5.68 5.18
CA LEU B 265 28.72 -6.97 5.89
C LEU B 265 29.08 -8.07 4.87
N GLN B 266 30.03 -8.95 5.23
CA GLN B 266 30.46 -10.02 4.33
C GLN B 266 29.28 -10.94 4.03
N GLU B 267 29.07 -11.22 2.73
CA GLU B 267 27.99 -12.06 2.25
C GLU B 267 28.04 -13.45 2.91
N GLY B 268 26.93 -13.87 3.50
CA GLY B 268 26.78 -15.15 4.19
C GLY B 268 27.33 -15.16 5.61
N THR B 269 27.65 -13.98 6.16
CA THR B 269 28.17 -13.79 7.50
C THR B 269 27.00 -13.61 8.47
N VAL B 270 27.07 -14.31 9.60
CA VAL B 270 26.10 -14.21 10.67
C VAL B 270 26.87 -13.70 11.90
N LEU B 271 26.52 -12.46 12.30
CA LEU B 271 27.16 -11.80 13.42
C LEU B 271 26.75 -12.40 14.75
N PRO B 272 27.60 -12.33 15.80
CA PRO B 272 27.13 -12.73 17.14
C PRO B 272 25.91 -11.89 17.52
N SER B 273 25.00 -12.50 18.35
CA SER B 273 23.75 -11.94 18.86
C SER B 273 23.90 -10.52 19.46
N SER B 274 25.06 -10.25 20.12
CA SER B 274 25.33 -9.00 20.81
C SER B 274 25.67 -7.82 19.90
N VAL B 275 25.92 -8.09 18.63
CA VAL B 275 26.21 -7.05 17.64
C VAL B 275 25.21 -7.16 16.50
N ARG B 276 25.08 -6.10 15.69
CA ARG B 276 24.11 -6.17 14.60
C ARG B 276 24.53 -5.42 13.38
N ALA B 277 24.13 -5.88 12.19
CA ALA B 277 24.41 -5.13 10.96
C ALA B 277 23.38 -4.00 10.97
N VAL B 278 23.80 -2.81 10.56
CA VAL B 278 22.95 -1.65 10.45
C VAL B 278 22.41 -1.71 9.01
N ASN B 279 21.08 -1.78 8.86
CA ASN B 279 20.46 -1.84 7.54
C ASN B 279 20.00 -0.43 7.20
N LEU B 280 20.63 0.16 6.19
CA LEU B 280 20.37 1.52 5.72
C LEU B 280 18.92 1.78 5.32
N GLN B 281 18.22 0.77 4.74
CA GLN B 281 16.81 0.88 4.38
C GLN B 281 15.94 0.94 5.64
N ARG B 282 16.23 0.09 6.64
CA ARG B 282 15.53 0.03 7.91
C ARG B 282 15.73 1.31 8.71
N GLU B 283 16.95 1.88 8.65
CA GLU B 283 17.30 3.13 9.33
C GLU B 283 16.85 4.40 8.57
N ARG B 284 16.16 4.23 7.43
CA ARG B 284 15.67 5.31 6.56
C ARG B 284 16.79 6.23 6.03
N LEU B 285 17.95 5.64 5.70
CA LEU B 285 19.10 6.34 5.14
C LEU B 285 19.09 6.17 3.63
N LEU B 286 18.59 5.01 3.18
CA LEU B 286 18.39 4.69 1.75
C LEU B 286 16.94 4.26 1.51
N PRO B 287 16.31 4.68 0.39
CA PRO B 287 14.98 4.15 0.09
C PRO B 287 15.01 2.68 -0.35
N GLU B 288 13.82 2.03 -0.37
CA GLU B 288 13.63 0.62 -0.71
C GLU B 288 13.99 0.29 -2.14
N ARG B 289 13.99 1.29 -3.03
CA ARG B 289 14.32 1.12 -4.44
C ARG B 289 15.81 0.92 -4.67
N TYR B 290 16.63 1.17 -3.63
CA TYR B 290 18.08 0.94 -3.67
C TYR B 290 18.37 -0.48 -3.15
N PRO B 291 19.35 -1.22 -3.74
CA PRO B 291 19.67 -2.57 -3.22
C PRO B 291 19.90 -2.52 -1.72
N SER B 292 19.43 -3.57 -0.99
CA SER B 292 19.58 -3.64 0.46
C SER B 292 21.05 -3.48 0.89
N ALA B 293 21.29 -2.62 1.89
CA ALA B 293 22.62 -2.37 2.38
C ALA B 293 22.73 -2.62 3.88
N ASP B 294 23.46 -3.69 4.26
CA ASP B 294 23.76 -4.13 5.62
C ASP B 294 25.25 -3.87 5.84
N VAL B 295 25.56 -3.09 6.88
CA VAL B 295 26.92 -2.62 7.16
C VAL B 295 27.34 -2.86 8.60
N VAL B 296 28.66 -2.98 8.81
CA VAL B 296 29.29 -2.99 10.11
C VAL B 296 29.55 -1.50 10.30
N SER B 297 29.01 -0.90 11.37
CA SER B 297 29.14 0.50 11.69
C SER B 297 29.78 0.66 13.07
N VAL B 298 30.91 1.37 13.12
CA VAL B 298 31.63 1.58 14.38
C VAL B 298 32.23 3.00 14.48
N SER B 299 32.03 3.66 15.64
CA SER B 299 32.56 4.99 15.94
C SER B 299 33.35 4.92 17.25
N PHE B 300 34.66 5.20 17.17
CA PHE B 300 35.61 5.13 18.28
C PHE B 300 36.02 6.51 18.71
N MET B 301 35.48 6.90 19.84
CA MET B 301 35.69 8.18 20.48
C MET B 301 37.11 8.47 20.90
N GLN B 302 37.91 7.43 21.19
CA GLN B 302 39.30 7.58 21.62
C GLN B 302 40.24 7.61 20.43
N LEU B 303 39.71 7.38 19.21
CA LEU B 303 40.52 7.36 17.99
C LEU B 303 40.50 8.62 17.13
N GLY B 304 39.86 9.67 17.64
CA GLY B 304 39.90 10.99 16.98
C GLY B 304 41.28 11.59 17.15
N MET B 305 41.68 12.50 16.25
CA MET B 305 43.00 13.15 16.30
C MET B 305 43.22 13.81 17.65
N ALA B 306 42.23 14.59 18.14
CA ALA B 306 42.29 15.33 19.41
C ALA B 306 42.16 14.41 20.63
N SER B 307 41.13 13.54 20.64
CA SER B 307 40.91 12.62 21.77
C SER B 307 42.03 11.58 21.91
N SER B 308 42.59 11.08 20.81
CA SER B 308 43.68 10.11 20.88
C SER B 308 44.95 10.76 21.45
N ALA B 309 45.22 12.05 21.09
CA ALA B 309 46.37 12.81 21.58
C ALA B 309 46.33 13.00 23.10
N GLY B 310 45.15 13.35 23.60
CA GLY B 310 44.92 13.53 25.02
C GLY B 310 45.08 12.26 25.81
N LEU B 311 44.41 11.16 25.37
CA LEU B 311 44.47 9.85 26.05
C LEU B 311 45.86 9.22 26.04
N PHE B 312 46.55 9.34 24.89
CA PHE B 312 47.89 8.83 24.70
C PHE B 312 48.85 9.38 25.78
N LEU B 313 48.87 10.71 25.98
CA LEU B 313 49.69 11.38 26.99
C LEU B 313 49.36 10.97 28.40
N LYS B 314 48.05 10.92 28.71
CA LYS B 314 47.56 10.53 30.02
C LYS B 314 48.03 9.13 30.44
N GLU B 315 47.98 8.18 29.50
CA GLU B 315 48.34 6.78 29.68
C GLU B 315 49.81 6.49 29.55
N LEU B 316 50.49 7.06 28.56
CA LEU B 316 51.93 6.87 28.39
C LEU B 316 52.74 7.47 29.55
N CYS B 317 52.37 8.68 29.96
CA CYS B 317 53.05 9.42 31.01
C CYS B 317 52.71 8.97 32.44
N SER B 318 51.82 7.96 32.61
CA SER B 318 51.49 7.31 33.88
C SER B 318 52.13 5.89 33.92
N ASN B 319 52.93 5.55 32.87
CA ASN B 319 53.65 4.28 32.73
C ASN B 319 55.11 4.46 33.19
N ASP B 320 55.53 3.65 34.17
CA ASP B 320 56.88 3.69 34.74
C ASP B 320 58.05 3.52 33.78
N GLU B 321 57.84 2.82 32.64
CA GLU B 321 58.84 2.65 31.60
C GLU B 321 59.17 4.00 30.91
N PHE B 322 58.19 4.92 30.89
CA PHE B 322 58.30 6.21 30.19
C PHE B 322 58.48 7.42 31.07
N LEU B 323 58.05 7.34 32.34
CA LEU B 323 58.15 8.45 33.27
C LEU B 323 59.23 8.20 34.29
N GLN B 324 60.23 9.10 34.31
CA GLN B 324 61.36 9.08 35.25
C GLN B 324 61.67 10.50 35.70
N GLY B 325 61.72 10.72 37.02
CA GLY B 325 62.03 12.00 37.65
C GLY B 325 61.36 13.24 37.06
N GLY B 326 60.05 13.14 36.80
CA GLY B 326 59.25 14.22 36.25
C GLY B 326 59.37 14.42 34.75
N ILE B 327 60.11 13.53 34.06
CA ILE B 327 60.29 13.62 32.60
C ILE B 327 59.64 12.41 31.91
N CYS B 328 58.63 12.68 31.06
CA CYS B 328 57.95 11.66 30.28
C CYS B 328 58.66 11.56 28.93
N SER B 329 59.25 10.39 28.66
CA SER B 329 59.96 10.14 27.40
C SER B 329 58.91 9.62 26.40
N ASN B 330 58.54 10.45 25.40
CA ASN B 330 57.52 10.11 24.41
C ASN B 330 58.14 9.56 23.13
N PRO B 331 57.87 8.27 22.80
CA PRO B 331 58.46 7.68 21.57
C PRO B 331 57.82 8.18 20.26
N CYS B 332 56.63 8.79 20.34
CA CYS B 332 55.88 9.35 19.21
C CYS B 332 56.30 10.80 18.87
N LEU B 333 57.11 11.45 19.73
CA LEU B 333 57.58 12.80 19.48
C LEU B 333 59.05 12.78 19.07
N PHE B 334 59.45 13.76 18.25
CA PHE B 334 60.81 13.89 17.74
C PHE B 334 61.88 14.16 18.81
N LYS B 335 63.12 13.65 18.58
CA LYS B 335 64.29 13.92 19.43
C LYS B 335 64.54 15.44 19.24
N GLY B 336 64.69 16.15 20.36
CA GLY B 336 64.87 17.59 20.31
C GLY B 336 63.61 18.36 20.66
N PHE B 337 62.44 17.69 20.59
CA PHE B 337 61.16 18.29 20.98
C PHE B 337 60.91 18.15 22.50
N GLN B 338 60.31 19.18 23.08
CA GLN B 338 59.97 19.23 24.48
C GLN B 338 58.74 20.10 24.68
N GLN B 339 57.89 19.70 25.61
CA GLN B 339 56.71 20.46 25.96
C GLN B 339 56.36 20.27 27.43
N SER B 340 55.51 21.15 27.94
CA SER B 340 54.96 21.09 29.28
C SER B 340 54.12 19.79 29.39
N CYS B 341 54.21 19.11 30.54
CA CYS B 341 53.48 17.86 30.73
C CYS B 341 51.99 18.04 31.03
N SER B 342 51.16 18.07 29.96
CA SER B 342 49.68 18.14 29.98
C SER B 342 49.09 17.84 28.61
N ALA B 343 47.80 17.45 28.59
CA ALA B 343 47.08 17.16 27.36
C ALA B 343 46.49 18.45 26.70
N GLY B 344 46.90 19.63 27.18
CA GLY B 344 46.49 20.91 26.64
C GLY B 344 46.96 21.11 25.20
N GLU B 345 46.26 21.97 24.44
CA GLU B 345 46.53 22.29 23.03
C GLU B 345 47.93 22.93 22.82
N VAL B 346 48.72 22.33 21.93
CA VAL B 346 50.11 22.70 21.66
C VAL B 346 50.29 23.67 20.50
N GLU B 347 51.06 24.75 20.74
CA GLU B 347 51.44 25.72 19.74
C GLU B 347 52.96 25.71 19.62
N VAL B 348 53.45 25.31 18.43
CA VAL B 348 54.90 25.34 18.13
C VAL B 348 55.20 26.80 17.76
N ARG B 349 56.01 27.46 18.58
CA ARG B 349 56.38 28.87 18.39
C ARG B 349 57.61 29.03 17.47
N PRO B 350 57.70 30.14 16.67
CA PRO B 350 58.87 30.33 15.78
C PRO B 350 60.24 30.22 16.47
N ASP B 351 60.24 30.51 17.78
CA ASP B 351 61.34 30.40 18.74
C ASP B 351 61.95 28.96 18.71
N GLY B 352 61.10 27.96 18.47
CA GLY B 352 61.46 26.53 18.43
C GLY B 352 60.81 25.75 19.55
N SER B 353 60.37 26.47 20.60
CA SER B 353 59.72 25.93 21.79
C SER B 353 58.22 25.62 21.57
N ALA B 354 57.62 24.93 22.55
CA ALA B 354 56.20 24.57 22.52
C ALA B 354 55.44 25.29 23.62
N SER B 355 54.34 25.95 23.24
CA SER B 355 53.44 26.61 24.17
C SER B 355 52.23 25.70 24.40
N VAL B 356 51.98 25.33 25.67
CA VAL B 356 50.85 24.46 25.97
C VAL B 356 49.75 25.27 26.67
N ASN B 357 48.56 25.39 26.00
CA ASN B 357 47.40 26.09 26.54
C ASN B 357 46.84 25.25 27.69
N GLU B 358 46.97 25.79 28.91
CA GLU B 358 46.54 25.14 30.15
C GLU B 358 45.06 25.31 30.48
N ASP B 359 44.31 26.06 29.64
CA ASP B 359 42.87 26.28 29.78
C ASP B 359 42.12 24.95 29.68
N VAL B 360 41.21 24.69 30.63
CA VAL B 360 40.34 23.52 30.77
C VAL B 360 39.55 23.26 29.46
N ARG B 361 39.12 24.36 28.83
CA ARG B 361 38.37 24.44 27.58
C ARG B 361 39.23 23.95 26.40
N LYS B 362 40.55 24.12 26.50
CA LYS B 362 41.51 23.76 25.46
C LYS B 362 42.20 22.41 25.70
N ASN B 363 41.84 21.72 26.80
CA ASN B 363 42.41 20.41 27.11
C ASN B 363 41.85 19.30 26.19
N ARG B 364 42.77 18.56 25.52
CA ARG B 364 42.37 17.48 24.61
C ARG B 364 41.71 16.27 25.30
N LEU B 365 41.87 16.16 26.64
CA LEU B 365 41.20 15.17 27.47
C LEU B 365 39.78 15.58 27.89
N LYS B 366 39.40 16.88 27.74
CA LYS B 366 38.08 17.36 28.21
C LYS B 366 36.87 16.48 27.80
N PRO B 367 36.65 16.11 26.51
CA PRO B 367 35.50 15.23 26.18
C PRO B 367 35.46 13.91 26.95
N LEU B 368 36.64 13.22 27.06
CA LEU B 368 36.81 11.96 27.78
C LEU B 368 36.67 12.14 29.29
N ALA B 369 37.23 13.21 29.85
CA ALA B 369 37.12 13.48 31.29
C ALA B 369 35.70 13.89 31.72
N THR B 370 34.90 14.50 30.80
CA THR B 370 33.51 14.87 31.13
C THR B 370 32.63 13.64 31.07
N TYR B 371 32.98 12.70 30.19
CA TYR B 371 32.34 11.41 29.97
C TYR B 371 32.62 10.49 31.16
N CYS B 372 33.78 10.65 31.84
CA CYS B 372 34.25 9.88 33.01
C CYS B 372 34.01 10.63 34.32
N SER B 373 32.74 10.89 34.68
CA SER B 373 32.41 11.61 35.91
C SER B 373 31.35 10.91 36.76
N VAL B 374 31.42 11.11 38.10
CA VAL B 374 30.45 10.56 39.06
C VAL B 374 29.08 11.27 38.93
N ASN B 375 29.11 12.59 38.73
CA ASN B 375 27.93 13.44 38.62
C ASN B 375 27.01 13.16 37.43
N ASN B 376 27.55 12.63 36.31
CA ASN B 376 26.72 12.50 35.11
C ASN B 376 26.24 11.13 34.58
N PRO B 377 27.06 10.28 33.89
CA PRO B 377 26.45 9.15 33.18
C PRO B 377 26.51 7.70 33.69
N GLU B 378 26.90 6.81 32.75
CA GLU B 378 27.04 5.36 32.74
C GLU B 378 28.01 4.80 33.79
N ILE B 379 28.80 5.67 34.42
CA ILE B 379 29.82 5.35 35.42
C ILE B 379 29.25 4.58 36.64
N SER B 380 28.14 5.05 37.22
CA SER B 380 27.45 4.40 38.34
C SER B 380 26.68 3.15 37.85
N PHE B 381 26.20 3.16 36.57
CA PHE B 381 25.45 2.08 35.95
C PHE B 381 26.21 0.73 35.89
N LYS B 382 27.25 0.63 35.05
CA LYS B 382 28.08 -0.56 34.88
C LYS B 382 29.41 -0.34 35.58
N VAL B 383 29.80 -1.31 36.39
CA VAL B 383 31.01 -1.31 37.22
C VAL B 383 32.26 -1.21 36.38
N THR B 384 32.22 -1.87 35.20
CA THR B 384 33.31 -1.89 34.23
C THR B 384 33.57 -0.50 33.67
N ASN B 385 32.51 0.36 33.58
CA ASN B 385 32.61 1.73 33.07
C ASN B 385 33.50 2.60 33.95
N GLU B 386 33.28 2.56 35.28
CA GLU B 386 34.09 3.27 36.27
C GLU B 386 35.50 2.65 36.31
N MET B 387 35.60 1.32 36.10
CA MET B 387 36.82 0.54 36.06
C MET B 387 37.71 0.99 34.90
N GLN B 388 37.11 1.25 33.70
CA GLN B 388 37.79 1.76 32.50
C GLN B 388 38.34 3.20 32.66
N CYS B 389 37.66 4.04 33.45
CA CYS B 389 38.12 5.40 33.68
C CYS B 389 39.34 5.42 34.61
N ARG B 390 39.26 4.66 35.73
CA ARG B 390 40.35 4.57 36.71
CA ARG B 390 40.32 4.52 36.74
C ARG B 390 41.62 4.00 36.08
N GLU B 391 41.47 3.06 35.10
CA GLU B 391 42.59 2.45 34.39
C GLU B 391 43.44 3.49 33.68
N ASN B 392 42.78 4.54 33.13
CA ASN B 392 43.42 5.65 32.43
C ASN B 392 43.75 6.82 33.38
N SER B 393 43.93 6.52 34.69
CA SER B 393 44.25 7.45 35.81
C SER B 393 43.27 8.65 35.97
N ILE B 394 42.03 8.51 35.45
CA ILE B 394 40.95 9.51 35.52
C ILE B 394 39.92 8.92 36.48
N ASP B 395 40.05 9.18 37.80
CA ASP B 395 39.05 8.66 38.72
C ASP B 395 37.84 9.60 38.77
N PRO B 396 36.65 9.12 38.35
CA PRO B 396 35.45 9.98 38.30
C PRO B 396 35.06 10.76 39.55
N THR B 397 35.59 10.39 40.74
CA THR B 397 35.31 11.07 42.01
C THR B 397 36.05 12.41 42.21
N LYS B 398 37.08 12.66 41.41
CA LYS B 398 37.90 13.87 41.51
C LYS B 398 37.41 15.04 40.65
N PRO B 399 37.72 16.32 41.02
CA PRO B 399 37.33 17.45 40.16
C PRO B 399 38.05 17.38 38.80
N LEU B 400 37.47 18.03 37.77
CA LEU B 400 37.90 18.08 36.36
C LEU B 400 39.39 18.29 36.11
N ALA B 401 39.98 19.35 36.70
CA ALA B 401 41.40 19.70 36.59
C ALA B 401 42.29 18.51 36.97
N GLU B 402 42.00 17.90 38.15
CA GLU B 402 42.71 16.74 38.71
C GLU B 402 42.55 15.51 37.83
N ARG B 403 41.35 15.29 37.29
CA ARG B 403 41.06 14.18 36.39
C ARG B 403 41.94 14.25 35.12
N MET B 404 42.13 15.47 34.56
CA MET B 404 42.92 15.66 33.33
C MET B 404 44.41 15.75 33.58
N LYS B 405 44.81 16.07 34.81
CA LYS B 405 46.20 16.24 35.23
C LYS B 405 47.06 14.99 35.07
N ILE B 406 48.26 15.16 34.49
CA ILE B 406 49.25 14.09 34.39
C ILE B 406 50.16 14.32 35.59
N GLU B 407 50.00 13.46 36.60
CA GLU B 407 50.68 13.47 37.90
C GLU B 407 52.16 13.13 37.83
N ASN B 408 52.97 13.72 38.74
CA ASN B 408 54.41 13.49 38.91
C ASN B 408 55.18 13.68 37.61
N CYS B 409 54.69 14.60 36.77
CA CYS B 409 55.22 14.87 35.44
C CYS B 409 55.33 16.36 35.17
N SER B 410 56.52 16.82 34.81
CA SER B 410 56.78 18.23 34.54
C SER B 410 56.96 18.49 33.05
N ILE B 411 57.84 17.71 32.38
CA ILE B 411 58.04 17.89 30.95
C ILE B 411 57.87 16.59 30.17
N ILE B 412 57.63 16.74 28.86
CA ILE B 412 57.56 15.66 27.91
C ILE B 412 58.70 15.90 26.89
N LYS B 413 59.60 14.90 26.74
CA LYS B 413 60.71 14.92 25.79
C LYS B 413 60.44 13.84 24.73
N GLY B 414 60.66 14.19 23.47
CA GLY B 414 60.53 13.25 22.37
C GLY B 414 61.76 12.38 22.26
N THR B 415 61.57 11.08 21.96
CA THR B 415 62.67 10.12 21.80
C THR B 415 62.74 9.57 20.36
N GLY B 416 61.75 9.88 19.53
CA GLY B 416 61.69 9.45 18.14
C GLY B 416 61.99 7.98 17.88
N ASN B 417 61.28 7.09 18.58
CA ASN B 417 61.38 5.63 18.48
C ASN B 417 60.03 5.08 17.97
N PHE B 418 59.90 4.90 16.63
CA PHE B 418 58.66 4.47 15.97
C PHE B 418 58.06 3.14 16.44
N ASP B 419 58.91 2.12 16.63
CA ASP B 419 58.48 0.81 17.11
C ASP B 419 57.86 0.88 18.49
N LYS B 420 58.45 1.69 19.41
CA LYS B 420 57.90 1.91 20.76
C LYS B 420 56.62 2.70 20.67
N CYS B 421 56.56 3.66 19.74
CA CYS B 421 55.36 4.45 19.43
C CYS B 421 54.21 3.51 18.98
N VAL B 422 54.47 2.57 18.03
CA VAL B 422 53.50 1.58 17.53
C VAL B 422 53.02 0.69 18.69
N SER B 423 53.96 0.15 19.44
CA SER B 423 53.65 -0.69 20.58
C SER B 423 52.73 0.05 21.60
N GLN B 424 52.97 1.37 21.85
CA GLN B 424 52.13 2.14 22.78
C GLN B 424 50.77 2.50 22.20
N VAL B 425 50.71 2.83 20.90
CA VAL B 425 49.43 3.12 20.24
C VAL B 425 48.53 1.86 20.29
N GLU B 426 49.11 0.68 20.06
CA GLU B 426 48.47 -0.63 20.13
C GLU B 426 47.87 -0.86 21.53
N SER B 427 48.72 -0.72 22.55
CA SER B 427 48.41 -0.92 23.96
C SER B 427 47.45 0.11 24.56
N ILE B 428 47.59 1.40 24.19
CA ILE B 428 46.74 2.46 24.73
C ILE B 428 45.46 2.71 23.92
N LEU B 429 45.58 2.85 22.60
CA LEU B 429 44.42 3.27 21.80
C LEU B 429 43.67 2.20 21.04
N VAL B 430 44.40 1.26 20.42
CA VAL B 430 43.79 0.27 19.50
C VAL B 430 43.29 -1.00 20.18
N ALA B 431 44.12 -1.59 21.02
CA ALA B 431 43.69 -2.76 21.77
C ALA B 431 43.89 -2.54 23.26
N PRO B 432 43.16 -1.59 23.90
CA PRO B 432 43.33 -1.40 25.34
C PRO B 432 42.85 -2.63 26.12
N LYS B 433 43.47 -2.88 27.30
CA LYS B 433 43.10 -3.97 28.21
C LYS B 433 41.61 -3.94 28.55
N LEU B 434 41.03 -2.75 28.71
CA LEU B 434 39.62 -2.57 29.01
C LEU B 434 39.02 -1.52 28.06
N PRO B 435 38.26 -1.96 27.02
CA PRO B 435 37.68 -1.00 26.06
C PRO B 435 36.63 -0.11 26.70
N LEU B 436 36.38 1.08 26.10
CA LEU B 436 35.34 2.00 26.53
C LEU B 436 33.98 1.37 26.24
N PRO B 437 32.89 1.74 26.96
CA PRO B 437 31.60 1.06 26.73
C PRO B 437 31.15 1.03 25.27
N ALA B 438 30.58 -0.10 24.83
CA ALA B 438 30.08 -0.27 23.45
C ALA B 438 28.87 0.64 23.26
N ASN B 439 28.79 1.31 22.11
CA ASN B 439 27.66 2.18 21.79
C ASN B 439 26.59 1.35 21.05
N ILE B 440 25.38 1.30 21.61
CA ILE B 440 24.25 0.52 21.06
C ILE B 440 23.12 1.30 20.37
N GLU B 441 23.37 2.56 19.98
CA GLU B 441 22.38 3.37 19.26
C GLU B 441 22.05 2.71 17.88
N ALA B 442 20.92 3.07 17.26
CA ALA B 442 20.49 2.52 15.97
C ALA B 442 21.58 2.53 14.88
N ALA B 443 22.33 3.65 14.76
CA ALA B 443 23.43 3.81 13.78
C ALA B 443 24.69 2.99 14.05
N SER B 444 24.80 2.39 15.23
CA SER B 444 25.97 1.63 15.66
C SER B 444 25.73 0.13 15.71
N SER B 445 26.73 -0.66 15.27
CA SER B 445 26.68 -2.14 15.28
C SER B 445 26.84 -2.70 16.70
N GLY B 446 27.48 -1.94 17.59
CA GLY B 446 27.65 -2.32 18.99
C GLY B 446 28.98 -2.97 19.31
N PHE B 447 29.99 -2.73 18.46
CA PHE B 447 31.36 -3.24 18.69
C PHE B 447 32.07 -2.34 19.71
N GLU B 448 33.07 -2.88 20.38
CA GLU B 448 33.79 -2.15 21.43
C GLU B 448 35.25 -1.88 21.08
N SER B 449 35.85 -2.71 20.22
CA SER B 449 37.25 -2.53 19.81
C SER B 449 37.47 -2.83 18.32
N VAL B 450 38.61 -2.35 17.79
CA VAL B 450 39.11 -2.57 16.44
C VAL B 450 39.40 -4.08 16.20
N ASP B 451 40.03 -4.78 17.17
CA ASP B 451 40.31 -6.23 17.04
C ASP B 451 39.04 -7.06 16.88
N GLN B 452 38.01 -6.76 17.70
CA GLN B 452 36.72 -7.44 17.71
C GLN B 452 36.01 -7.29 16.35
N VAL B 453 36.15 -6.11 15.71
CA VAL B 453 35.62 -5.83 14.38
C VAL B 453 36.25 -6.76 13.34
N PHE B 454 37.58 -6.80 13.28
CA PHE B 454 38.34 -7.58 12.31
C PHE B 454 38.48 -9.07 12.64
N ARG B 455 38.25 -9.45 13.91
CA ARG B 455 38.26 -10.85 14.33
C ARG B 455 36.93 -11.51 13.97
N PHE B 456 35.82 -10.80 14.23
CA PHE B 456 34.47 -11.36 14.05
C PHE B 456 33.70 -10.92 12.82
N ALA B 457 33.98 -9.73 12.29
CA ALA B 457 33.19 -9.26 11.17
C ALA B 457 33.97 -8.74 9.96
N SER B 458 35.15 -9.32 9.66
CA SER B 458 36.00 -8.89 8.53
C SER B 458 35.28 -9.11 7.18
N SER B 459 35.63 -8.34 6.16
CA SER B 459 34.99 -8.35 4.84
C SER B 459 36.02 -8.20 3.70
N THR B 460 35.67 -8.66 2.49
CA THR B 460 36.55 -8.51 1.29
C THR B 460 36.30 -7.19 0.55
N ALA B 461 35.35 -6.37 1.03
CA ALA B 461 35.02 -5.08 0.41
C ALA B 461 36.25 -4.16 0.47
N PRO B 462 36.53 -3.41 -0.63
CA PRO B 462 37.64 -2.47 -0.60
C PRO B 462 37.45 -1.40 0.46
N MET B 463 38.58 -0.85 0.99
CA MET B 463 38.56 0.15 2.05
C MET B 463 39.20 1.45 1.62
N ILE B 464 38.52 2.58 1.89
CA ILE B 464 39.06 3.92 1.61
C ILE B 464 39.40 4.60 2.95
N VAL B 465 40.67 5.02 3.11
CA VAL B 465 41.17 5.72 4.30
C VAL B 465 41.05 7.24 4.02
N THR B 466 40.34 7.95 4.93
CA THR B 466 40.05 9.38 4.81
C THR B 466 40.34 10.11 6.13
N GLY B 467 40.46 11.43 6.01
CA GLY B 467 40.77 12.34 7.10
C GLY B 467 42.11 13.00 6.82
N GLY B 468 42.16 14.32 6.95
CA GLY B 468 43.33 15.14 6.70
C GLY B 468 44.61 14.70 7.37
N GLY B 469 44.50 14.29 8.63
CA GLY B 469 45.63 13.79 9.41
C GLY B 469 46.17 12.47 8.87
N MET B 470 45.26 11.54 8.47
CA MET B 470 45.64 10.24 7.90
C MET B 470 46.36 10.41 6.59
N LEU B 471 45.86 11.28 5.73
CA LEU B 471 46.49 11.57 4.44
C LEU B 471 47.79 12.30 4.61
N ALA B 472 47.91 13.18 5.63
CA ALA B 472 49.15 13.89 5.92
C ALA B 472 50.27 12.91 6.27
N ALA B 473 49.96 11.87 7.06
CA ALA B 473 50.88 10.80 7.49
C ALA B 473 51.54 10.11 6.30
N ILE B 474 50.74 9.76 5.25
CA ILE B 474 51.20 9.07 4.05
C ILE B 474 51.94 10.03 3.12
N ASN B 475 51.32 11.19 2.82
CA ASN B 475 51.87 12.19 1.92
C ASN B 475 53.22 12.72 2.38
N THR B 476 53.42 12.90 3.71
CA THR B 476 54.70 13.35 4.29
C THR B 476 55.83 12.38 3.93
N LEU B 477 55.55 11.07 4.06
CA LEU B 477 56.51 10.02 3.74
C LEU B 477 56.79 9.96 2.25
N LYS B 478 55.75 10.15 1.44
CA LYS B 478 55.89 10.21 -0.02
C LYS B 478 56.71 11.42 -0.42
N ASP B 479 56.45 12.60 0.21
CA ASP B 479 57.13 13.87 -0.07
C ASP B 479 58.65 13.77 0.12
N HIS B 480 59.09 13.00 1.13
CA HIS B 480 60.51 12.82 1.45
C HIS B 480 61.17 11.62 0.69
N ARG B 481 60.40 10.96 -0.21
CA ARG B 481 60.78 9.79 -1.02
C ARG B 481 61.15 8.55 -0.17
N LEU B 482 60.48 8.42 0.99
CA LEU B 482 60.61 7.29 1.91
C LEU B 482 59.57 6.23 1.55
N LEU B 483 58.43 6.69 1.02
CA LEU B 483 57.35 5.85 0.54
C LEU B 483 57.21 6.12 -0.92
N ARG B 484 56.94 5.06 -1.72
CA ARG B 484 56.77 5.21 -3.17
C ARG B 484 55.41 5.82 -3.47
N SER B 485 55.25 6.48 -4.63
CA SER B 485 53.95 7.06 -4.99
C SER B 485 52.87 5.98 -5.23
N ASP B 486 53.32 4.75 -5.61
CA ASP B 486 52.48 3.58 -5.88
C ASP B 486 52.15 2.75 -4.62
N PHE B 487 52.52 3.28 -3.42
CA PHE B 487 52.24 2.64 -2.13
C PHE B 487 50.78 2.22 -2.08
N SER B 488 50.55 0.92 -1.82
CA SER B 488 49.23 0.31 -1.85
C SER B 488 48.74 -0.20 -0.49
N GLY B 489 49.41 0.17 0.57
CA GLY B 489 48.96 -0.21 1.91
C GLY B 489 49.72 -1.30 2.62
N ASP B 490 50.88 -1.74 2.07
CA ASP B 490 51.75 -2.77 2.69
C ASP B 490 52.33 -2.21 3.99
N VAL B 491 52.09 -2.93 5.11
CA VAL B 491 52.47 -2.60 6.49
C VAL B 491 53.95 -2.32 6.68
N GLU B 492 54.79 -3.31 6.32
CA GLU B 492 56.25 -3.29 6.48
C GLU B 492 56.88 -2.10 5.76
N GLU B 493 56.33 -1.73 4.60
CA GLU B 493 56.77 -0.64 3.73
C GLU B 493 56.55 0.66 4.48
N LEU B 494 55.36 0.80 5.06
CA LEU B 494 54.94 1.95 5.87
C LEU B 494 55.80 2.08 7.13
N ALA B 495 55.94 0.99 7.91
CA ALA B 495 56.70 0.94 9.15
C ALA B 495 58.15 1.32 8.92
N GLU B 496 58.80 0.78 7.86
CA GLU B 496 60.20 1.12 7.54
C GLU B 496 60.39 2.59 7.14
N ALA B 497 59.39 3.16 6.43
CA ALA B 497 59.37 4.56 5.99
C ALA B 497 59.20 5.48 7.21
N ALA B 498 58.23 5.15 8.10
CA ALA B 498 57.95 5.93 9.28
C ALA B 498 59.06 5.85 10.31
N ARG B 499 59.74 4.70 10.42
CA ARG B 499 60.88 4.49 11.32
C ARG B 499 62.01 5.50 10.99
N GLU B 500 62.27 5.77 9.67
CA GLU B 500 63.25 6.75 9.20
C GLU B 500 62.82 8.17 9.55
N PHE B 501 61.62 8.56 9.13
CA PHE B 501 61.08 9.90 9.37
C PHE B 501 60.93 10.20 10.86
N CYS B 502 60.47 9.22 11.62
CA CYS B 502 60.22 9.43 13.03
C CYS B 502 61.45 9.55 13.92
N SER B 503 62.63 9.16 13.41
CA SER B 503 63.92 9.29 14.10
C SER B 503 64.63 10.66 13.80
N SER B 504 63.91 11.56 13.12
CA SER B 504 64.40 12.91 12.78
C SER B 504 64.57 13.77 14.06
N GLU B 505 65.47 14.75 13.96
CA GLU B 505 65.84 15.69 15.02
C GLU B 505 65.21 17.05 14.80
N VAL B 506 64.76 17.69 15.89
CA VAL B 506 64.25 19.07 15.81
C VAL B 506 65.47 20.01 15.78
N ILE B 507 65.64 20.74 14.66
CA ILE B 507 66.75 21.68 14.47
C ILE B 507 66.21 23.12 14.42
N ILE B 508 66.82 24.03 15.21
CA ILE B 508 66.40 25.44 15.24
C ILE B 508 67.23 26.28 14.25
N ARG B 509 66.54 26.81 13.24
CA ARG B 509 67.10 27.67 12.19
C ARG B 509 66.49 29.09 12.30
N THR B 510 67.12 30.10 11.65
CA THR B 510 66.66 31.50 11.66
C THR B 510 65.20 31.64 11.22
N ASP B 511 64.79 30.84 10.21
CA ASP B 511 63.44 30.82 9.66
C ASP B 511 62.44 29.98 10.52
N GLY B 512 62.89 29.52 11.69
CA GLY B 512 62.09 28.74 12.63
C GLY B 512 62.54 27.30 12.82
N PRO B 513 61.76 26.49 13.60
CA PRO B 513 62.17 25.09 13.82
C PRO B 513 61.88 24.16 12.65
N VAL B 514 62.80 23.19 12.40
CA VAL B 514 62.71 22.18 11.34
C VAL B 514 62.83 20.74 11.87
N ILE B 515 62.19 19.81 11.15
CA ILE B 515 62.28 18.37 11.38
C ILE B 515 63.39 18.01 10.41
N GLN B 516 64.59 17.66 10.91
CA GLN B 516 65.71 17.30 10.05
C GLN B 516 65.82 15.78 9.96
N LEU B 517 65.68 15.23 8.74
CA LEU B 517 65.70 13.80 8.47
C LEU B 517 67.09 13.18 8.63
N PRO B 518 67.19 11.89 9.05
CA PRO B 518 68.54 11.26 9.15
C PRO B 518 69.21 11.08 7.77
N ASN B 519 70.52 10.81 7.75
CA ASN B 519 71.32 10.58 6.52
C ASN B 519 71.20 11.74 5.49
N ALA B 520 71.12 12.99 5.97
CA ALA B 520 70.96 14.22 5.16
C ALA B 520 69.85 14.11 4.06
N ARG B 521 68.72 13.48 4.40
CA ARG B 521 67.61 13.27 3.46
C ARG B 521 66.78 14.52 3.19
N GLY B 522 66.91 15.50 4.07
CA GLY B 522 66.21 16.78 3.96
C GLY B 522 65.51 17.21 5.22
N GLU B 523 64.60 18.17 5.08
CA GLU B 523 63.86 18.76 6.18
C GLU B 523 62.57 19.45 5.76
N GLN B 524 61.76 19.78 6.75
CA GLN B 524 60.50 20.49 6.57
C GLN B 524 60.30 21.29 7.86
N LYS B 525 59.51 22.36 7.81
CA LYS B 525 59.25 23.17 9.00
C LYS B 525 58.48 22.37 10.05
N LEU B 526 58.83 22.55 11.33
CA LEU B 526 58.15 21.91 12.46
C LEU B 526 57.02 22.86 12.82
N ASN B 527 55.79 22.34 12.95
CA ASN B 527 54.63 23.19 13.27
C ASN B 527 53.59 22.54 14.20
N SER B 528 52.57 23.31 14.58
CA SER B 528 51.50 22.89 15.48
C SER B 528 50.72 21.65 14.98
N LEU B 529 50.58 21.52 13.66
CA LEU B 529 49.84 20.46 12.99
C LEU B 529 50.66 19.17 12.77
N ASN B 530 51.97 19.28 12.54
CA ASN B 530 52.81 18.12 12.25
C ASN B 530 53.74 17.57 13.36
N PHE B 531 53.91 18.30 14.51
CA PHE B 531 54.80 17.87 15.60
C PHE B 531 54.57 16.44 16.13
N ASP B 532 53.30 16.01 16.17
CA ASP B 532 52.93 14.68 16.72
C ASP B 532 52.38 13.68 15.67
N LEU B 533 52.65 13.92 14.39
CA LEU B 533 52.16 13.12 13.28
C LEU B 533 52.65 11.65 13.27
N CYS B 534 53.75 11.36 14.00
CA CYS B 534 54.27 10.01 14.13
C CYS B 534 53.29 9.09 14.87
N LYS B 535 52.43 9.66 15.73
CA LYS B 535 51.35 8.94 16.42
C LYS B 535 50.30 8.49 15.37
N THR B 536 50.00 9.36 14.38
CA THR B 536 49.10 9.03 13.28
C THR B 536 49.73 7.96 12.35
N MET B 537 51.04 8.01 12.12
CA MET B 537 51.70 6.97 11.32
C MET B 537 51.61 5.61 12.04
N ALA B 538 51.76 5.62 13.37
CA ALA B 538 51.68 4.44 14.24
C ALA B 538 50.24 3.90 14.30
N LEU B 539 49.25 4.78 14.39
CA LEU B 539 47.83 4.41 14.34
C LEU B 539 47.52 3.69 13.03
N THR B 540 48.00 4.24 11.88
CA THR B 540 47.83 3.64 10.56
C THR B 540 48.47 2.26 10.50
N VAL B 541 49.74 2.12 10.98
CA VAL B 541 50.42 0.81 10.99
C VAL B 541 49.55 -0.24 11.75
N SER B 542 49.10 0.12 12.96
CA SER B 542 48.27 -0.70 13.81
C SER B 542 46.93 -1.10 13.14
N LEU B 543 46.23 -0.16 12.46
CA LEU B 543 44.95 -0.45 11.80
C LEU B 543 45.10 -1.46 10.67
N LEU B 544 46.15 -1.29 9.86
CA LEU B 544 46.50 -2.16 8.74
C LEU B 544 46.85 -3.56 9.20
N ARG B 545 47.53 -3.68 10.36
CA ARG B 545 47.90 -4.98 10.93
CA ARG B 545 47.90 -4.98 10.92
C ARG B 545 46.65 -5.73 11.36
N HIS B 546 45.69 -5.02 12.02
CA HIS B 546 44.44 -5.64 12.45
C HIS B 546 43.60 -6.04 11.22
N MET B 547 43.63 -5.24 10.14
CA MET B 547 42.91 -5.59 8.90
C MET B 547 43.55 -6.79 8.21
N ALA B 548 44.91 -6.91 8.24
CA ALA B 548 45.65 -8.04 7.64
C ALA B 548 45.39 -9.34 8.37
N ALA B 549 45.13 -9.27 9.69
CA ALA B 549 44.87 -10.42 10.55
C ALA B 549 43.43 -10.95 10.40
N GLY B 550 42.57 -10.19 9.72
CA GLY B 550 41.21 -10.61 9.46
C GLY B 550 41.16 -11.85 8.56
N GLU B 551 40.15 -12.72 8.80
CA GLU B 551 39.90 -13.93 8.00
C GLU B 551 39.72 -13.52 6.52
N ASN B 552 38.96 -12.46 6.30
CA ASN B 552 38.70 -11.86 5.00
C ASN B 552 39.50 -10.58 4.91
N GLN B 553 40.15 -10.38 3.77
CA GLN B 553 40.97 -9.22 3.47
C GLN B 553 40.26 -8.24 2.53
N PRO B 554 40.30 -6.90 2.78
CA PRO B 554 39.76 -5.94 1.79
C PRO B 554 40.44 -6.13 0.44
N SER B 555 39.68 -6.18 -0.68
CA SER B 555 40.24 -6.43 -2.04
C SER B 555 41.35 -5.44 -2.36
N PHE B 556 41.27 -4.24 -1.79
CA PHE B 556 42.27 -3.19 -1.86
C PHE B 556 42.06 -2.15 -0.75
N ILE B 557 43.11 -1.36 -0.49
CA ILE B 557 43.12 -0.24 0.47
C ILE B 557 43.71 0.98 -0.22
N LYS B 558 42.96 2.09 -0.21
CA LYS B 558 43.39 3.37 -0.82
C LYS B 558 43.18 4.52 0.14
N TRP B 559 44.03 5.54 0.05
CA TRP B 559 43.97 6.77 0.84
C TRP B 559 43.43 7.85 -0.08
N GLU B 560 42.25 8.38 0.21
CA GLU B 560 41.67 9.42 -0.65
C GLU B 560 41.25 10.68 0.09
N LYS B 561 41.43 11.84 -0.55
CA LYS B 561 40.97 13.14 -0.06
C LYS B 561 39.75 13.52 -0.86
N SER B 562 39.75 13.13 -2.14
CA SER B 562 38.69 13.43 -3.10
C SER B 562 38.41 12.26 -4.04
N ILE B 563 37.21 12.27 -4.61
CA ILE B 563 36.76 11.30 -5.60
C ILE B 563 36.54 12.10 -6.88
N ALA B 564 37.22 11.71 -7.97
CA ALA B 564 37.09 12.37 -9.27
C ALA B 564 35.74 12.02 -9.88
N GLY B 565 35.17 12.98 -10.60
CA GLY B 565 33.89 12.84 -11.27
C GLY B 565 33.99 12.46 -12.73
N PRO B 566 32.87 12.54 -13.50
CA PRO B 566 32.90 12.16 -14.93
C PRO B 566 33.87 12.93 -15.81
N ASP B 567 34.13 14.21 -15.50
CA ASP B 567 35.06 15.08 -16.24
C ASP B 567 36.49 15.00 -15.68
N GLY B 568 36.65 14.34 -14.53
CA GLY B 568 37.92 14.17 -13.84
C GLY B 568 38.04 15.09 -12.63
N LYS B 569 37.18 16.11 -12.59
CA LYS B 569 37.09 17.11 -11.53
C LYS B 569 36.17 16.57 -10.39
N PRO B 570 36.59 16.67 -9.10
CA PRO B 570 35.71 16.20 -8.01
C PRO B 570 34.41 16.99 -7.92
N LEU B 571 33.27 16.29 -7.88
CA LEU B 571 31.93 16.90 -7.83
C LEU B 571 31.67 17.50 -6.45
N ALA B 572 32.08 16.77 -5.42
CA ALA B 572 31.92 17.19 -4.03
C ALA B 572 33.06 16.57 -3.22
N ASP B 573 33.20 16.96 -1.94
CA ASP B 573 34.26 16.44 -1.07
C ASP B 573 33.79 15.27 -0.21
N LEU B 574 34.76 14.44 0.21
CA LEU B 574 34.49 13.31 1.11
C LEU B 574 34.15 13.85 2.49
N GLY B 575 33.30 13.14 3.18
CA GLY B 575 32.79 13.52 4.49
C GLY B 575 31.34 13.15 4.61
N TRP B 576 30.65 13.70 5.60
CA TRP B 576 29.24 13.39 5.87
C TRP B 576 28.21 14.26 5.10
N GLN B 577 28.63 15.46 4.62
CA GLN B 577 27.78 16.45 3.94
C GLN B 577 26.91 15.87 2.80
N VAL B 578 27.52 15.20 1.80
CA VAL B 578 26.78 14.58 0.69
C VAL B 578 25.73 13.54 1.18
N GLY B 579 26.15 12.67 2.11
CA GLY B 579 25.31 11.63 2.71
C GLY B 579 24.08 12.18 3.38
N VAL B 580 24.20 13.36 4.03
CA VAL B 580 23.09 14.04 4.70
C VAL B 580 22.09 14.55 3.66
N ILE B 581 22.57 15.15 2.57
CA ILE B 581 21.70 15.64 1.48
C ILE B 581 20.90 14.47 0.91
N LEU B 582 21.61 13.40 0.52
CA LEU B 582 21.05 12.16 -0.03
C LEU B 582 19.97 11.52 0.79
N HIS B 583 20.19 11.31 2.10
CA HIS B 583 19.17 10.67 2.96
C HIS B 583 17.83 11.45 3.09
N HIS B 584 17.83 12.74 2.72
CA HIS B 584 16.61 13.55 2.67
C HIS B 584 16.07 13.49 1.23
N VAL B 585 16.93 13.82 0.26
CA VAL B 585 16.63 13.97 -1.18
C VAL B 585 16.14 12.68 -1.90
N LEU B 586 16.65 11.51 -1.48
CA LEU B 586 16.27 10.22 -2.08
C LEU B 586 14.86 9.74 -1.78
N PHE B 587 14.26 10.25 -0.70
CA PHE B 587 12.91 9.96 -0.30
C PHE B 587 12.03 11.01 -0.99
N THR B 588 11.71 10.69 -2.26
CA THR B 588 10.97 11.47 -3.25
C THR B 588 9.73 12.20 -2.72
N GLU B 589 8.76 11.45 -2.18
CA GLU B 589 7.51 12.00 -1.67
C GLU B 589 7.72 12.95 -0.47
N GLU B 590 8.48 12.50 0.55
CA GLU B 590 8.81 13.25 1.75
C GLU B 590 9.60 14.53 1.42
N TRP B 591 10.58 14.42 0.50
CA TRP B 591 11.36 15.58 0.06
C TRP B 591 10.44 16.58 -0.71
N GLY B 592 9.64 16.09 -1.64
CA GLY B 592 8.71 16.92 -2.41
C GLY B 592 7.78 17.71 -1.50
N ARG B 593 7.24 17.05 -0.45
CA ARG B 593 6.35 17.65 0.57
C ARG B 593 7.07 18.73 1.41
N ASN B 594 8.25 18.41 1.94
CA ASN B 594 9.02 19.32 2.78
C ASN B 594 9.69 20.46 2.05
N ALA B 595 10.44 20.16 0.99
CA ALA B 595 11.19 21.19 0.29
C ALA B 595 10.37 22.02 -0.64
N TYR B 596 9.29 21.45 -1.25
CA TYR B 596 8.51 22.21 -2.24
C TYR B 596 7.11 22.64 -1.83
N GLU B 597 6.34 21.75 -1.20
CA GLU B 597 4.97 22.04 -0.78
C GLU B 597 4.96 22.97 0.42
N ALA B 598 5.63 22.56 1.53
CA ALA B 598 5.80 23.39 2.74
C ALA B 598 6.70 24.56 2.33
N GLY B 599 7.97 24.24 2.03
CA GLY B 599 8.98 25.17 1.53
C GLY B 599 9.25 26.37 2.43
N TYR B 600 9.75 27.46 1.84
CA TYR B 600 10.03 28.71 2.53
C TYR B 600 8.73 29.43 2.87
N SER B 601 7.62 29.15 2.12
CA SER B 601 6.29 29.74 2.33
C SER B 601 5.67 29.27 3.64
N HIS B 602 6.25 28.24 4.25
CA HIS B 602 5.82 27.73 5.56
C HIS B 602 6.18 28.76 6.63
N ASN B 603 7.16 29.66 6.33
CA ASN B 603 7.62 30.74 7.22
C ASN B 603 6.88 32.07 6.99
N LEU B 604 5.76 32.05 6.24
CA LEU B 604 4.85 33.17 5.83
C LEU B 604 5.10 33.58 4.37
N LYS C 16 9.43 35.04 38.92
CA LYS C 16 10.60 34.57 38.17
C LYS C 16 10.47 34.83 36.67
N ARG C 17 11.55 35.36 36.08
CA ARG C 17 11.71 35.66 34.65
C ARG C 17 12.08 34.36 33.90
N ILE C 18 12.28 33.24 34.64
CA ILE C 18 12.61 31.91 34.10
C ILE C 18 11.43 31.37 33.28
N ASN C 19 10.18 31.62 33.77
CA ASN C 19 8.96 31.17 33.12
C ASN C 19 8.70 31.88 31.80
N VAL C 20 9.23 33.12 31.66
CA VAL C 20 9.19 33.91 30.43
C VAL C 20 10.09 33.20 29.40
N GLY C 21 11.30 32.78 29.83
CA GLY C 21 12.28 32.05 29.03
C GLY C 21 11.78 30.68 28.60
N LYS C 22 11.22 29.90 29.56
CA LYS C 22 10.60 28.59 29.35
C LYS C 22 9.43 28.68 28.35
N LYS C 23 8.60 29.75 28.46
CA LYS C 23 7.46 29.98 27.56
C LYS C 23 8.00 30.37 26.19
N HIS C 24 9.01 31.25 26.14
CA HIS C 24 9.61 31.67 24.88
C HIS C 24 10.09 30.49 24.03
N LEU C 25 10.75 29.48 24.66
CA LEU C 25 11.24 28.27 23.99
C LEU C 25 10.14 27.33 23.55
N GLN C 26 9.09 27.18 24.40
CA GLN C 26 7.91 26.34 24.13
C GLN C 26 7.10 26.91 22.98
N THR C 27 6.94 28.26 22.91
CA THR C 27 6.20 28.88 21.80
C THR C 27 6.99 28.74 20.50
N LEU C 28 8.35 28.91 20.57
CA LEU C 28 9.21 28.71 19.40
C LEU C 28 9.19 27.27 18.91
N ARG C 29 9.11 26.31 19.86
CA ARG C 29 9.02 24.87 19.59
C ARG C 29 7.67 24.51 18.93
N ASN C 30 6.56 25.07 19.44
CA ASN C 30 5.22 24.87 18.88
C ASN C 30 5.19 25.36 17.46
N LEU C 31 5.81 26.54 17.23
CA LEU C 31 5.93 27.21 15.94
C LEU C 31 6.57 26.31 14.87
N GLU C 32 7.55 25.47 15.25
CA GLU C 32 8.24 24.57 14.33
C GLU C 32 7.67 23.14 14.21
N THR C 33 6.68 22.78 15.04
CA THR C 33 6.03 21.46 15.03
C THR C 33 4.59 21.51 14.46
N ARG C 34 3.92 22.67 14.60
CA ARG C 34 2.53 22.87 14.19
C ARG C 34 2.36 23.19 12.71
N CYS C 35 1.12 23.02 12.22
CA CYS C 35 0.70 23.35 10.86
C CYS C 35 0.63 24.87 10.72
N HIS C 36 0.97 25.41 9.54
CA HIS C 36 0.93 26.85 9.28
C HIS C 36 -0.09 27.15 8.17
N ASP C 37 -0.98 28.12 8.42
CA ASP C 37 -1.97 28.56 7.45
C ASP C 37 -1.45 29.71 6.60
N SER C 38 -1.83 29.69 5.32
CA SER C 38 -1.45 30.69 4.33
C SER C 38 -2.52 30.77 3.23
N LEU C 39 -2.82 31.99 2.78
CA LEU C 39 -3.81 32.25 1.73
C LEU C 39 -3.33 32.04 0.29
N GLN C 40 -4.20 31.48 -0.53
CA GLN C 40 -3.95 31.23 -1.96
C GLN C 40 -5.12 31.74 -2.79
N ALA C 41 -4.81 32.35 -3.95
CA ALA C 41 -5.85 32.73 -4.88
C ALA C 41 -5.91 31.68 -5.97
N LEU C 42 -7.13 31.38 -6.43
CA LEU C 42 -7.42 30.43 -7.49
C LEU C 42 -8.29 31.12 -8.53
N VAL C 43 -8.01 30.84 -9.82
CA VAL C 43 -8.73 31.47 -10.92
C VAL C 43 -9.41 30.46 -11.81
N VAL C 44 -10.70 30.74 -12.08
CA VAL C 44 -11.54 29.96 -12.97
C VAL C 44 -12.02 30.89 -14.06
N ILE C 45 -11.54 30.66 -15.28
CA ILE C 45 -11.99 31.41 -16.44
C ILE C 45 -13.14 30.61 -17.05
N ASP C 46 -14.33 31.23 -17.10
CA ASP C 46 -15.55 30.66 -17.64
C ASP C 46 -15.66 31.10 -19.12
N ALA C 47 -15.22 30.21 -20.01
CA ALA C 47 -15.25 30.44 -21.44
C ALA C 47 -16.54 29.81 -22.06
N GLY C 48 -17.66 30.53 -21.94
CA GLY C 48 -18.96 30.15 -22.48
C GLY C 48 -19.13 30.53 -23.94
N SER C 49 -20.32 30.26 -24.52
CA SER C 49 -20.52 30.55 -25.95
C SER C 49 -20.53 32.01 -26.34
N SER C 50 -21.16 32.86 -25.52
CA SER C 50 -21.31 34.30 -25.81
C SER C 50 -20.23 35.13 -25.14
N SER C 51 -19.63 34.62 -24.07
CA SER C 51 -18.69 35.37 -23.24
C SER C 51 -17.62 34.56 -22.56
N THR C 52 -16.50 35.25 -22.19
CA THR C 52 -15.38 34.73 -21.43
C THR C 52 -15.21 35.66 -20.21
N ARG C 53 -15.30 35.10 -19.00
CA ARG C 53 -15.30 35.86 -17.76
C ARG C 53 -14.43 35.17 -16.72
N THR C 54 -13.58 35.94 -16.05
CA THR C 54 -12.71 35.44 -14.99
C THR C 54 -13.47 35.41 -13.68
N ASN C 55 -13.16 34.41 -12.84
CA ASN C 55 -13.75 34.23 -11.52
C ASN C 55 -12.62 34.04 -10.57
N VAL C 56 -12.47 34.97 -9.62
CA VAL C 56 -11.40 34.97 -8.64
C VAL C 56 -11.86 34.42 -7.28
N PHE C 57 -11.12 33.41 -6.78
CA PHE C 57 -11.42 32.77 -5.52
C PHE C 57 -10.25 32.84 -4.54
N LEU C 58 -10.58 32.82 -3.25
CA LEU C 58 -9.61 32.75 -2.17
C LEU C 58 -9.80 31.42 -1.44
N ALA C 59 -8.69 30.87 -0.93
CA ALA C 59 -8.66 29.61 -0.21
C ALA C 59 -7.55 29.67 0.82
N LYS C 60 -7.77 28.97 1.93
CA LYS C 60 -6.81 28.83 3.01
C LYS C 60 -6.04 27.53 2.76
N THR C 61 -4.70 27.62 2.68
CA THR C 61 -3.86 26.43 2.56
C THR C 61 -3.30 26.13 3.96
N ARG C 62 -3.00 24.86 4.22
CA ARG C 62 -2.41 24.43 5.47
C ARG C 62 -1.15 23.61 5.14
N SER C 63 -0.01 24.07 5.63
CA SER C 63 1.31 23.47 5.47
C SER C 63 1.62 22.71 6.79
N CYS C 64 1.80 21.37 6.73
CA CYS C 64 2.05 20.54 7.92
C CYS C 64 3.39 19.81 7.85
N PRO C 65 4.21 19.81 8.94
CA PRO C 65 5.51 19.08 8.89
C PRO C 65 5.36 17.63 8.42
N ASN C 66 6.20 17.22 7.45
CA ASN C 66 6.20 15.89 6.81
C ASN C 66 4.90 15.50 6.07
N LYS C 67 4.01 16.46 5.83
CA LYS C 67 2.72 16.19 5.19
C LYS C 67 2.41 17.10 4.01
N GLY C 68 3.27 18.08 3.76
CA GLY C 68 3.09 19.00 2.64
C GLY C 68 2.02 20.05 2.86
N ARG C 69 1.47 20.57 1.75
CA ARG C 69 0.47 21.61 1.72
C ARG C 69 -0.80 21.18 0.99
N SER C 70 -1.96 21.43 1.64
CA SER C 70 -3.31 21.16 1.13
C SER C 70 -4.25 22.39 1.31
N ILE C 71 -5.39 22.41 0.60
CA ILE C 71 -6.40 23.46 0.72
C ILE C 71 -7.53 22.97 1.64
N ASP C 72 -8.03 23.87 2.52
CA ASP C 72 -9.20 23.52 3.32
C ASP C 72 -10.38 23.79 2.36
N PRO C 73 -11.11 22.73 1.89
CA PRO C 73 -12.19 22.96 0.91
C PRO C 73 -13.29 23.90 1.36
N ASP C 74 -13.65 23.88 2.67
CA ASP C 74 -14.65 24.79 3.25
C ASP C 74 -14.27 26.28 3.18
N SER C 75 -12.97 26.59 2.94
CA SER C 75 -12.50 27.99 2.82
C SER C 75 -12.67 28.61 1.42
N ILE C 76 -13.00 27.81 0.40
CA ILE C 76 -13.19 28.32 -0.97
C ILE C 76 -14.28 29.39 -1.00
N GLN C 77 -13.90 30.61 -1.40
CA GLN C 77 -14.75 31.79 -1.41
C GLN C 77 -14.55 32.59 -2.70
N LEU C 78 -15.66 33.02 -3.31
CA LEU C 78 -15.60 33.89 -4.49
C LEU C 78 -15.36 35.34 -4.03
N ILE C 79 -14.31 35.98 -4.56
CA ILE C 79 -13.96 37.36 -4.22
C ILE C 79 -14.30 38.37 -5.33
N GLY C 80 -14.56 37.87 -6.53
CA GLY C 80 -14.95 38.71 -7.64
C GLY C 80 -15.10 37.95 -8.95
N ALA C 81 -16.17 38.26 -9.66
CA ALA C 81 -16.47 37.74 -11.00
C ALA C 81 -16.27 38.98 -11.92
N GLY C 82 -15.40 38.87 -12.91
CA GLY C 82 -15.07 40.01 -13.74
C GLY C 82 -16.02 40.37 -14.86
N LYS C 83 -15.44 41.04 -15.87
CA LYS C 83 -16.10 41.51 -17.06
C LYS C 83 -16.39 40.38 -18.03
N ARG C 84 -17.42 40.56 -18.84
CA ARG C 84 -17.74 39.61 -19.89
C ARG C 84 -17.01 40.05 -21.16
N PHE C 85 -15.93 39.32 -21.49
CA PHE C 85 -15.18 39.53 -22.73
C PHE C 85 -15.80 38.63 -23.82
N ALA C 86 -15.34 38.76 -25.08
CA ALA C 86 -15.88 37.98 -26.20
C ALA C 86 -15.67 36.47 -26.00
N GLY C 87 -16.57 35.67 -26.57
CA GLY C 87 -16.46 34.22 -26.50
C GLY C 87 -15.23 33.72 -27.24
N LEU C 88 -14.68 32.55 -26.85
CA LEU C 88 -13.53 31.94 -27.53
C LEU C 88 -13.83 31.67 -29.03
N ARG C 89 -15.10 31.37 -29.33
CA ARG C 89 -15.68 31.08 -30.66
C ARG C 89 -15.38 32.23 -31.65
N VAL C 90 -15.37 33.49 -31.16
CA VAL C 90 -15.07 34.69 -31.92
C VAL C 90 -13.62 34.67 -32.42
N VAL C 91 -12.69 34.15 -31.59
CA VAL C 91 -11.28 34.03 -31.97
C VAL C 91 -11.20 33.16 -33.25
N LEU C 92 -11.85 31.98 -33.19
CA LEU C 92 -11.86 31.00 -34.26
C LEU C 92 -12.60 31.45 -35.50
N GLU C 93 -13.79 32.08 -35.33
CA GLU C 93 -14.62 32.61 -36.43
C GLU C 93 -13.92 33.66 -37.27
N GLU C 94 -13.24 34.63 -36.63
CA GLU C 94 -12.50 35.72 -37.28
C GLU C 94 -11.29 35.17 -38.06
N TRP C 95 -10.56 34.22 -37.45
CA TRP C 95 -9.38 33.57 -38.03
C TRP C 95 -9.82 32.74 -39.23
N LEU C 96 -11.00 32.09 -39.14
CA LEU C 96 -11.56 31.31 -40.24
C LEU C 96 -12.08 32.21 -41.35
N ASP C 97 -12.74 33.34 -40.99
CA ASP C 97 -13.26 34.31 -41.98
C ASP C 97 -12.11 34.83 -42.86
N THR C 98 -10.95 35.08 -42.22
CA THR C 98 -9.75 35.58 -42.89
C THR C 98 -9.01 34.49 -43.64
N TYR C 99 -8.68 33.38 -42.98
CA TYR C 99 -7.82 32.34 -43.56
C TYR C 99 -8.48 31.23 -44.34
N ALA C 100 -9.76 30.94 -44.07
CA ALA C 100 -10.51 29.93 -44.80
C ALA C 100 -11.46 30.56 -45.82
N GLY C 101 -11.91 31.78 -45.55
CA GLY C 101 -12.86 32.48 -46.40
C GLY C 101 -14.21 32.61 -45.73
N LYS C 102 -14.92 33.70 -46.05
CA LYS C 102 -16.21 34.12 -45.48
C LYS C 102 -17.34 33.08 -45.50
N ASP C 103 -17.30 32.15 -46.47
CA ASP C 103 -18.29 31.10 -46.67
C ASP C 103 -17.97 29.74 -45.99
N TRP C 104 -17.03 29.73 -44.99
CA TRP C 104 -16.58 28.53 -44.26
C TRP C 104 -17.69 27.70 -43.56
N GLU C 105 -18.75 28.37 -43.07
CA GLU C 105 -19.84 27.68 -42.37
C GLU C 105 -20.72 26.88 -43.33
N SER C 106 -20.79 27.31 -44.61
CA SER C 106 -21.65 26.73 -45.64
C SER C 106 -20.94 25.95 -46.77
N ARG C 107 -19.61 26.06 -46.86
CA ARG C 107 -18.83 25.42 -47.91
C ARG C 107 -17.78 24.47 -47.32
N PRO C 108 -17.37 23.39 -48.06
CA PRO C 108 -16.29 22.52 -47.54
C PRO C 108 -14.94 23.27 -47.41
N VAL C 109 -14.23 23.05 -46.30
CA VAL C 109 -12.95 23.72 -46.04
C VAL C 109 -11.82 22.70 -45.92
N ASP C 110 -10.65 22.99 -46.53
CA ASP C 110 -9.47 22.13 -46.38
C ASP C 110 -8.72 22.63 -45.11
N ALA C 111 -8.96 21.94 -43.98
CA ALA C 111 -8.39 22.25 -42.68
C ALA C 111 -6.85 22.24 -42.67
N ARG C 112 -6.22 21.33 -43.44
CA ARG C 112 -4.76 21.17 -43.54
C ARG C 112 -4.01 22.43 -44.02
N LEU C 113 -4.63 23.28 -44.87
CA LEU C 113 -4.02 24.53 -45.34
C LEU C 113 -3.92 25.55 -44.21
N LEU C 114 -4.83 25.46 -43.22
CA LEU C 114 -4.88 26.39 -42.09
C LEU C 114 -3.74 26.29 -41.12
N PHE C 115 -2.93 25.22 -41.23
CA PHE C 115 -1.71 25.00 -40.43
C PHE C 115 -0.63 26.05 -40.77
N GLN C 116 -0.86 26.83 -41.85
CA GLN C 116 -0.02 27.94 -42.29
C GLN C 116 -0.27 29.18 -41.40
N TYR C 117 -1.38 29.21 -40.64
CA TYR C 117 -1.79 30.39 -39.89
C TYR C 117 -1.89 30.23 -38.36
N VAL C 118 -1.00 29.40 -37.80
CA VAL C 118 -0.91 29.17 -36.35
C VAL C 118 -0.52 30.46 -35.56
N PRO C 119 0.45 31.32 -36.02
CA PRO C 119 0.76 32.53 -35.24
C PRO C 119 -0.35 33.56 -35.24
N GLN C 120 -1.16 33.58 -36.32
CA GLN C 120 -2.31 34.47 -36.46
C GLN C 120 -3.43 34.06 -35.49
N MET C 121 -3.57 32.73 -35.23
CA MET C 121 -4.55 32.21 -34.28
C MET C 121 -4.08 32.59 -32.87
N HIS C 122 -2.76 32.49 -32.61
CA HIS C 122 -2.14 32.87 -31.34
C HIS C 122 -2.36 34.37 -31.03
N GLU C 123 -2.22 35.23 -32.03
CA GLU C 123 -2.39 36.68 -32.01
C GLU C 123 -3.86 37.04 -31.54
N GLY C 124 -4.87 36.33 -32.06
CA GLY C 124 -6.28 36.50 -31.67
C GLY C 124 -6.54 36.12 -30.21
N ALA C 125 -5.94 35.00 -29.78
CA ALA C 125 -6.05 34.46 -28.42
C ALA C 125 -5.36 35.38 -27.43
N LYS C 126 -4.18 35.93 -27.82
CA LYS C 126 -3.36 36.82 -27.01
C LYS C 126 -4.13 38.10 -26.56
N LYS C 127 -4.92 38.74 -27.46
CA LYS C 127 -5.67 39.95 -27.10
C LYS C 127 -6.69 39.67 -26.02
N LEU C 128 -7.42 38.56 -26.14
CA LEU C 128 -8.41 38.13 -25.17
C LEU C 128 -7.76 37.79 -23.81
N MET C 129 -6.61 37.07 -23.82
CA MET C 129 -5.91 36.64 -22.61
C MET C 129 -5.34 37.79 -21.83
N GLN C 130 -4.89 38.84 -22.51
CA GLN C 130 -4.36 40.05 -21.91
C GLN C 130 -5.45 40.80 -21.16
N LEU C 131 -6.66 40.88 -21.75
CA LEU C 131 -7.84 41.53 -21.15
C LEU C 131 -8.28 40.78 -19.89
N LEU C 132 -8.24 39.43 -19.95
CA LEU C 132 -8.62 38.58 -18.83
C LEU C 132 -7.63 38.67 -17.71
N GLU C 133 -6.33 38.72 -18.06
CA GLU C 133 -5.24 38.84 -17.10
C GLU C 133 -5.33 40.16 -16.36
N GLU C 134 -5.49 41.28 -17.09
CA GLU C 134 -5.62 42.61 -16.51
C GLU C 134 -6.82 42.74 -15.55
N ASP C 135 -7.95 42.11 -15.91
CA ASP C 135 -9.16 42.12 -15.11
C ASP C 135 -9.01 41.29 -13.84
N THR C 136 -8.30 40.14 -13.91
CA THR C 136 -8.02 39.25 -12.78
C THR C 136 -7.16 39.97 -11.79
N VAL C 137 -6.11 40.63 -12.29
CA VAL C 137 -5.19 41.43 -11.46
C VAL C 137 -5.94 42.60 -10.76
N ALA C 138 -6.88 43.26 -11.48
CA ALA C 138 -7.64 44.40 -10.95
C ALA C 138 -8.53 43.97 -9.79
N ILE C 139 -9.07 42.75 -9.87
CA ILE C 139 -9.90 42.12 -8.83
C ILE C 139 -9.02 41.77 -7.63
N LEU C 140 -7.86 41.13 -7.86
CA LEU C 140 -6.93 40.83 -6.77
C LEU C 140 -6.47 42.08 -6.07
N ASP C 141 -6.12 43.14 -6.81
CA ASP C 141 -5.69 44.43 -6.24
C ASP C 141 -6.80 45.18 -5.48
N SER C 142 -8.07 45.00 -5.87
CA SER C 142 -9.18 45.69 -5.20
C SER C 142 -9.69 44.96 -3.94
N GLN C 143 -9.49 43.64 -3.87
CA GLN C 143 -9.96 42.82 -2.77
C GLN C 143 -8.91 42.45 -1.72
N LEU C 144 -7.62 42.47 -2.09
CA LEU C 144 -6.60 42.04 -1.13
C LEU C 144 -5.88 43.17 -0.41
N ASN C 145 -5.66 42.99 0.92
CA ASN C 145 -4.87 43.93 1.69
C ASN C 145 -3.39 43.57 1.43
N GLU C 146 -2.47 44.45 1.82
CA GLU C 146 -1.04 44.26 1.58
C GLU C 146 -0.46 42.95 2.14
N LYS C 147 -1.02 42.47 3.28
CA LYS C 147 -0.58 41.24 3.93
C LYS C 147 -1.08 40.01 3.18
N GLN C 148 -2.32 40.07 2.66
CA GLN C 148 -2.92 38.99 1.86
C GLN C 148 -2.18 38.87 0.50
N LYS C 149 -1.82 40.02 -0.11
CA LYS C 149 -1.07 40.09 -1.39
C LYS C 149 0.27 39.35 -1.29
N VAL C 150 1.03 39.56 -0.19
CA VAL C 150 2.32 38.91 0.09
C VAL C 150 2.20 37.39 0.00
N GLN C 151 1.18 36.82 0.68
CA GLN C 151 0.89 35.38 0.72
C GLN C 151 0.44 34.88 -0.66
N VAL C 152 -0.57 35.57 -1.25
CA VAL C 152 -1.14 35.26 -2.54
C VAL C 152 -0.07 35.22 -3.65
N LYS C 153 0.84 36.23 -3.65
CA LYS C 153 1.94 36.34 -4.63
C LYS C 153 3.02 35.25 -4.49
N ALA C 154 3.26 34.80 -3.26
CA ALA C 154 4.26 33.79 -2.93
C ALA C 154 3.88 32.38 -3.38
N LEU C 155 2.62 31.95 -3.12
CA LEU C 155 2.15 30.58 -3.41
C LEU C 155 1.93 30.17 -4.85
N GLY C 156 1.70 31.14 -5.73
CA GLY C 156 1.35 30.87 -7.12
C GLY C 156 -0.16 30.84 -7.30
N ILE C 157 -0.60 31.20 -8.49
CA ILE C 157 -2.02 31.26 -8.79
C ILE C 157 -2.48 30.25 -9.85
N PRO C 158 -2.93 29.05 -9.41
CA PRO C 158 -3.52 28.10 -10.36
C PRO C 158 -4.69 28.71 -11.18
N VAL C 159 -4.64 28.50 -12.49
CA VAL C 159 -5.65 29.00 -13.43
C VAL C 159 -6.27 27.79 -14.09
N MET C 160 -7.61 27.78 -14.11
CA MET C 160 -8.40 26.72 -14.73
C MET C 160 -9.33 27.37 -15.76
N LEU C 161 -8.94 27.34 -17.05
CA LEU C 161 -9.79 27.89 -18.10
C LEU C 161 -10.59 26.72 -18.65
N CYS C 162 -11.91 26.79 -18.53
CA CYS C 162 -12.76 25.74 -19.05
C CYS C 162 -13.74 26.28 -20.07
N SER C 163 -13.71 25.73 -21.30
CA SER C 163 -14.70 26.13 -22.28
C SER C 163 -15.85 25.18 -22.21
N THR C 164 -17.04 25.73 -22.40
CA THR C 164 -18.31 25.01 -22.45
C THR C 164 -18.84 25.10 -23.91
N ALA C 165 -20.06 25.58 -24.11
CA ALA C 165 -20.62 25.71 -25.46
C ALA C 165 -19.75 26.66 -26.35
N GLY C 166 -19.99 26.64 -27.66
CA GLY C 166 -19.30 27.51 -28.59
C GLY C 166 -18.16 26.88 -29.36
N VAL C 167 -17.25 26.18 -28.66
CA VAL C 167 -16.09 25.59 -29.34
C VAL C 167 -16.18 24.07 -29.63
N ARG C 168 -17.19 23.41 -29.03
CA ARG C 168 -17.49 21.97 -29.14
C ARG C 168 -17.77 21.48 -30.56
N ASP C 169 -18.31 22.37 -31.42
CA ASP C 169 -18.76 22.02 -32.78
C ASP C 169 -17.89 22.33 -34.00
N PHE C 170 -16.60 22.69 -33.80
CA PHE C 170 -15.71 23.00 -34.93
C PHE C 170 -15.27 21.75 -35.73
N HIS C 171 -15.05 20.64 -35.00
CA HIS C 171 -14.70 19.32 -35.57
C HIS C 171 -13.49 19.22 -36.51
N GLU C 172 -12.41 19.93 -36.17
CA GLU C 172 -11.14 19.87 -36.89
C GLU C 172 -10.03 19.94 -35.83
N TRP C 173 -8.79 20.22 -36.24
CA TRP C 173 -7.67 20.30 -35.32
C TRP C 173 -7.67 21.60 -34.47
N TYR C 174 -8.48 22.63 -34.87
CA TYR C 174 -8.54 23.99 -34.31
C TYR C 174 -8.73 24.18 -32.85
N ARG C 175 -9.74 23.53 -32.25
CA ARG C 175 -10.06 23.70 -30.83
C ARG C 175 -8.95 23.28 -29.94
N ASP C 176 -8.44 22.06 -30.16
CA ASP C 176 -7.33 21.51 -29.38
C ASP C 176 -6.09 22.38 -29.49
N ALA C 177 -5.79 22.87 -30.71
CA ALA C 177 -4.68 23.79 -31.00
C ALA C 177 -4.87 25.12 -30.24
N LEU C 178 -6.12 25.68 -30.23
CA LEU C 178 -6.41 26.91 -29.48
C LEU C 178 -6.09 26.70 -28.00
N PHE C 179 -6.48 25.55 -27.43
CA PHE C 179 -6.21 25.26 -26.01
C PHE C 179 -4.71 25.20 -25.65
N VAL C 180 -3.89 24.67 -26.57
CA VAL C 180 -2.43 24.63 -26.42
C VAL C 180 -1.89 26.06 -26.30
N LEU C 181 -2.41 26.96 -27.14
CA LEU C 181 -2.05 28.37 -27.19
C LEU C 181 -2.50 29.14 -25.95
N LEU C 182 -3.70 28.82 -25.44
CA LEU C 182 -4.25 29.47 -24.25
C LEU C 182 -3.46 29.13 -23.02
N ARG C 183 -2.99 27.87 -22.90
CA ARG C 183 -2.18 27.45 -21.73
C ARG C 183 -0.82 28.11 -21.82
N HIS C 184 -0.26 28.23 -23.06
CA HIS C 184 1.00 28.91 -23.29
C HIS C 184 0.94 30.36 -22.84
N LEU C 185 -0.18 31.05 -23.17
CA LEU C 185 -0.44 32.45 -22.80
C LEU C 185 -0.58 32.62 -21.28
N ILE C 186 -1.36 31.72 -20.64
CA ILE C 186 -1.55 31.69 -19.20
C ILE C 186 -0.21 31.50 -18.46
N ASN C 187 0.65 30.59 -19.00
CA ASN C 187 1.96 30.29 -18.43
C ASN C 187 3.03 31.36 -18.58
N ASN C 188 2.72 32.43 -19.34
CA ASN C 188 3.63 33.56 -19.48
C ASN C 188 2.91 34.87 -19.00
N PRO C 189 2.55 35.02 -17.69
CA PRO C 189 1.91 36.28 -17.26
C PRO C 189 2.92 37.43 -17.21
N SER C 190 2.41 38.68 -17.15
CA SER C 190 3.24 39.88 -17.04
C SER C 190 4.00 39.82 -15.70
N PRO C 191 5.36 39.94 -15.71
CA PRO C 191 6.09 39.86 -14.43
C PRO C 191 5.88 41.09 -13.54
N ALA C 192 5.44 42.21 -14.12
CA ALA C 192 5.25 43.52 -13.47
C ALA C 192 4.30 43.50 -12.28
N HIS C 193 3.20 42.74 -12.35
CA HIS C 193 2.23 42.70 -11.26
C HIS C 193 2.56 41.80 -10.07
N GLY C 194 3.49 40.85 -10.25
CA GLY C 194 3.92 39.95 -9.19
C GLY C 194 3.03 38.75 -8.92
N TYR C 195 1.92 38.60 -9.70
CA TYR C 195 0.98 37.48 -9.56
C TYR C 195 1.44 36.31 -10.43
N LYS C 196 1.74 35.19 -9.78
CA LYS C 196 2.29 33.99 -10.44
C LYS C 196 1.21 33.03 -10.98
N PHE C 197 0.52 33.48 -12.05
CA PHE C 197 -0.50 32.67 -12.73
C PHE C 197 0.21 31.52 -13.46
N PHE C 198 -0.42 30.35 -13.44
CA PHE C 198 0.09 29.16 -14.14
C PHE C 198 -1.07 28.19 -14.34
N THR C 199 -0.91 27.32 -15.33
CA THR C 199 -1.90 26.28 -15.64
C THR C 199 -1.17 25.06 -16.18
N ASN C 200 -1.93 24.04 -16.57
CA ASN C 200 -1.43 22.80 -17.15
C ASN C 200 -2.60 22.17 -17.93
N PRO C 201 -2.38 21.12 -18.80
CA PRO C 201 -3.52 20.55 -19.57
C PRO C 201 -4.64 19.88 -18.78
N PHE C 202 -4.42 19.61 -17.49
CA PHE C 202 -5.42 18.97 -16.62
C PHE C 202 -6.42 19.98 -16.07
N TRP C 203 -5.99 21.25 -15.92
CA TRP C 203 -6.80 22.35 -15.36
C TRP C 203 -7.50 23.14 -16.41
N THR C 204 -6.79 23.44 -17.53
CA THR C 204 -7.28 24.21 -18.69
C THR C 204 -7.62 23.25 -19.81
N ARG C 205 -8.92 23.07 -20.03
CA ARG C 205 -9.45 22.14 -21.02
C ARG C 205 -10.93 22.41 -21.29
N PRO C 206 -11.50 21.92 -22.44
CA PRO C 206 -12.94 22.05 -22.66
C PRO C 206 -13.70 21.05 -21.77
N ILE C 207 -14.97 21.35 -21.49
CA ILE C 207 -15.82 20.47 -20.69
C ILE C 207 -17.14 20.32 -21.43
N THR C 208 -17.74 19.14 -21.34
CA THR C 208 -19.02 18.83 -21.99
C THR C 208 -20.19 19.41 -21.16
N GLY C 209 -21.37 19.44 -21.75
CA GLY C 209 -22.55 19.93 -21.05
C GLY C 209 -22.93 19.04 -19.88
N ALA C 210 -22.75 17.69 -20.03
CA ALA C 210 -23.04 16.73 -18.96
C ALA C 210 -22.03 16.86 -17.82
N GLU C 211 -20.77 17.23 -18.13
CA GLU C 211 -19.72 17.49 -17.14
C GLU C 211 -20.05 18.78 -16.34
N GLU C 212 -20.51 19.85 -17.06
CA GLU C 212 -20.97 21.10 -16.42
C GLU C 212 -22.03 20.78 -15.35
N GLY C 213 -22.93 19.85 -15.68
CA GLY C 213 -23.98 19.38 -14.78
C GLY C 213 -23.44 18.78 -13.50
N LEU C 214 -22.44 17.87 -13.62
CA LEU C 214 -21.81 17.22 -12.47
C LEU C 214 -21.05 18.22 -11.61
N PHE C 215 -20.32 19.17 -12.24
CA PHE C 215 -19.59 20.19 -11.48
C PHE C 215 -20.54 21.12 -10.76
N ALA C 216 -21.71 21.46 -11.42
CA ALA C 216 -22.74 22.31 -10.81
C ALA C 216 -23.38 21.60 -9.60
N PHE C 217 -23.59 20.28 -9.71
CA PHE C 217 -24.14 19.47 -8.63
C PHE C 217 -23.15 19.42 -7.44
N ILE C 218 -21.83 19.36 -7.74
CA ILE C 218 -20.78 19.36 -6.71
C ILE C 218 -20.73 20.74 -6.00
N THR C 219 -20.73 21.85 -6.78
CA THR C 219 -20.76 23.24 -6.30
C THR C 219 -21.93 23.42 -5.33
N LEU C 220 -23.16 23.00 -5.74
CA LEU C 220 -24.36 23.15 -4.93
C LEU C 220 -24.23 22.45 -3.57
N ASN C 221 -23.86 21.17 -3.61
CA ASN C 221 -23.72 20.32 -2.42
C ASN C 221 -22.58 20.69 -1.52
N HIS C 222 -21.53 21.28 -2.08
CA HIS C 222 -20.40 21.72 -1.28
C HIS C 222 -20.77 22.99 -0.50
N LEU C 223 -21.27 24.01 -1.21
CA LEU C 223 -21.62 25.33 -0.66
C LEU C 223 -22.70 25.23 0.38
N SER C 224 -23.66 24.31 0.17
CA SER C 224 -24.79 24.08 1.08
C SER C 224 -24.46 23.15 2.23
N ARG C 225 -23.20 22.64 2.27
CA ARG C 225 -22.63 21.73 3.30
C ARG C 225 -23.31 20.34 3.38
N ARG C 226 -23.81 19.84 2.23
CA ARG C 226 -24.42 18.51 2.18
C ARG C 226 -23.39 17.46 1.82
N LEU C 227 -22.37 17.89 1.10
CA LEU C 227 -21.30 17.05 0.63
C LEU C 227 -20.15 17.14 1.62
N GLY C 228 -19.95 16.04 2.34
CA GLY C 228 -18.89 15.91 3.34
C GLY C 228 -18.48 14.47 3.52
N GLU C 229 -17.35 14.24 4.21
CA GLU C 229 -16.79 12.92 4.50
C GLU C 229 -17.69 12.09 5.40
N ASP C 230 -18.38 12.75 6.34
CA ASP C 230 -19.28 12.06 7.24
C ASP C 230 -20.64 11.86 6.60
N PRO C 231 -21.11 10.60 6.56
CA PRO C 231 -22.41 10.30 5.93
C PRO C 231 -23.59 10.77 6.76
N ALA C 232 -24.76 10.88 6.08
CA ALA C 232 -26.03 11.25 6.71
C ALA C 232 -26.77 9.98 7.09
N ARG C 233 -26.62 8.92 6.28
CA ARG C 233 -27.25 7.62 6.49
C ARG C 233 -26.46 6.47 5.88
N CYS C 234 -26.56 5.29 6.50
CA CYS C 234 -25.93 4.06 6.05
C CYS C 234 -26.95 2.95 6.10
N MET C 235 -26.66 1.88 5.39
CA MET C 235 -27.42 0.65 5.36
C MET C 235 -26.40 -0.47 5.45
N ILE C 236 -26.71 -1.50 6.24
CA ILE C 236 -25.84 -2.66 6.40
C ILE C 236 -26.18 -3.64 5.28
N ASP C 237 -25.16 -4.14 4.56
CA ASP C 237 -25.36 -5.12 3.50
C ASP C 237 -25.41 -6.56 4.08
N GLU C 238 -25.54 -7.59 3.22
CA GLU C 238 -25.60 -9.01 3.62
C GLU C 238 -24.37 -9.48 4.40
N TYR C 239 -23.19 -8.90 4.08
CA TYR C 239 -21.88 -9.19 4.65
C TYR C 239 -21.48 -8.26 5.85
N GLY C 240 -22.47 -7.58 6.43
CA GLY C 240 -22.30 -6.67 7.57
C GLY C 240 -21.56 -5.37 7.28
N VAL C 241 -21.32 -5.06 5.98
CA VAL C 241 -20.58 -3.88 5.48
C VAL C 241 -21.50 -2.65 5.30
N LYS C 242 -21.12 -1.51 5.93
CA LYS C 242 -21.83 -0.24 5.83
C LYS C 242 -21.77 0.33 4.40
N GLN C 243 -22.94 0.68 3.84
CA GLN C 243 -23.10 1.30 2.51
C GLN C 243 -23.72 2.67 2.78
N CYS C 244 -22.85 3.67 2.86
CA CYS C 244 -23.15 5.03 3.26
C CYS C 244 -23.35 6.05 2.16
N ARG C 245 -24.18 7.06 2.45
CA ARG C 245 -24.49 8.16 1.54
C ARG C 245 -24.66 9.46 2.33
N ASN C 246 -24.52 10.57 1.63
CA ASN C 246 -24.77 11.93 2.12
C ASN C 246 -26.21 12.26 1.70
N ASP C 247 -26.80 13.34 2.27
CA ASP C 247 -28.15 13.82 1.92
C ASP C 247 -28.01 14.99 0.97
N LEU C 248 -27.76 14.68 -0.30
CA LEU C 248 -27.48 15.66 -1.34
C LEU C 248 -28.72 16.25 -2.00
N ALA C 249 -28.60 17.48 -2.54
CA ALA C 249 -29.69 18.12 -3.26
C ALA C 249 -29.38 18.06 -4.73
N GLY C 250 -30.43 17.99 -5.54
CA GLY C 250 -30.32 18.02 -6.98
C GLY C 250 -30.37 19.43 -7.54
N VAL C 251 -29.96 19.56 -8.80
CA VAL C 251 -29.91 20.83 -9.49
C VAL C 251 -30.57 20.78 -10.88
N VAL C 252 -31.27 21.85 -11.22
CA VAL C 252 -31.85 22.10 -12.54
C VAL C 252 -31.16 23.38 -13.00
N GLU C 253 -30.26 23.29 -14.00
CA GLU C 253 -29.53 24.45 -14.50
C GLU C 253 -29.82 24.72 -15.97
N VAL C 254 -30.46 25.85 -16.26
CA VAL C 254 -30.78 26.27 -17.62
C VAL C 254 -29.85 27.38 -18.03
N GLY C 255 -28.85 27.02 -18.83
CA GLY C 255 -27.88 27.96 -19.37
C GLY C 255 -28.29 28.42 -20.75
N GLY C 256 -27.41 29.15 -21.41
CA GLY C 256 -27.66 29.66 -22.75
C GLY C 256 -27.71 28.59 -23.82
N ALA C 257 -26.81 27.61 -23.72
CA ALA C 257 -26.66 26.55 -24.70
C ALA C 257 -27.28 25.23 -24.31
N SER C 258 -27.35 24.92 -23.03
CA SER C 258 -27.96 23.66 -22.63
C SER C 258 -28.60 23.76 -21.27
N ALA C 259 -29.45 22.78 -20.96
CA ALA C 259 -30.07 22.64 -19.66
C ALA C 259 -29.59 21.32 -19.03
N GLN C 260 -29.19 21.38 -17.76
CA GLN C 260 -28.71 20.23 -17.01
C GLN C 260 -29.62 19.86 -15.85
N ILE C 261 -29.87 18.56 -15.69
CA ILE C 261 -30.59 17.99 -14.55
C ILE C 261 -29.68 16.92 -13.92
N VAL C 262 -29.27 17.15 -12.67
CA VAL C 262 -28.42 16.23 -11.90
C VAL C 262 -29.03 16.11 -10.50
N PHE C 263 -29.32 14.90 -10.04
CA PHE C 263 -29.85 14.65 -8.71
C PHE C 263 -29.49 13.27 -8.22
N PRO C 264 -29.41 13.04 -6.88
CA PRO C 264 -29.06 11.69 -6.41
C PRO C 264 -30.12 10.66 -6.77
N LEU C 265 -29.64 9.47 -7.21
CA LEU C 265 -30.47 8.33 -7.56
C LEU C 265 -31.32 7.98 -6.33
N GLN C 266 -32.65 7.81 -6.53
CA GLN C 266 -33.55 7.45 -5.44
C GLN C 266 -33.01 6.21 -4.70
N GLU C 267 -32.99 6.28 -3.36
CA GLU C 267 -32.49 5.22 -2.49
C GLU C 267 -33.28 3.92 -2.63
N GLY C 268 -32.55 2.81 -2.69
CA GLY C 268 -33.13 1.48 -2.82
C GLY C 268 -33.65 1.18 -4.21
N THR C 269 -33.22 1.97 -5.21
CA THR C 269 -33.64 1.76 -6.58
C THR C 269 -32.47 1.42 -7.49
N VAL C 270 -32.83 0.88 -8.65
CA VAL C 270 -31.97 0.49 -9.74
C VAL C 270 -32.73 0.99 -10.99
N LEU C 271 -32.01 1.73 -11.85
CA LEU C 271 -32.59 2.33 -13.04
C LEU C 271 -32.91 1.29 -14.09
N PRO C 272 -33.73 1.62 -15.13
CA PRO C 272 -33.88 0.68 -16.27
C PRO C 272 -32.47 0.36 -16.82
N SER C 273 -32.24 -0.88 -17.24
CA SER C 273 -30.92 -1.34 -17.71
C SER C 273 -30.28 -0.59 -18.91
N SER C 274 -31.10 0.07 -19.76
CA SER C 274 -30.66 0.83 -20.95
C SER C 274 -30.07 2.21 -20.62
N VAL C 275 -30.21 2.66 -19.36
CA VAL C 275 -29.64 3.91 -18.84
C VAL C 275 -28.73 3.60 -17.64
N ARG C 276 -27.83 4.53 -17.28
CA ARG C 276 -26.92 4.26 -16.16
C ARG C 276 -26.78 5.39 -15.14
N ALA C 277 -26.59 5.02 -13.87
CA ALA C 277 -26.35 6.00 -12.81
C ALA C 277 -24.88 6.47 -12.94
N VAL C 278 -24.65 7.76 -12.73
CA VAL C 278 -23.28 8.26 -12.80
C VAL C 278 -22.72 8.26 -11.38
N ASN C 279 -21.57 7.59 -11.19
CA ASN C 279 -20.90 7.52 -9.90
C ASN C 279 -19.72 8.49 -9.90
N LEU C 280 -19.77 9.49 -9.00
CA LEU C 280 -18.77 10.57 -8.88
C LEU C 280 -17.37 10.08 -8.50
N GLN C 281 -17.28 9.05 -7.62
CA GLN C 281 -15.99 8.46 -7.24
C GLN C 281 -15.39 7.69 -8.46
N ARG C 282 -16.24 6.93 -9.20
CA ARG C 282 -15.81 6.19 -10.40
C ARG C 282 -15.30 7.12 -11.51
N GLU C 283 -15.95 8.29 -11.66
CA GLU C 283 -15.60 9.34 -12.64
C GLU C 283 -14.41 10.23 -12.22
N ARG C 284 -13.78 9.91 -11.05
CA ARG C 284 -12.60 10.59 -10.52
C ARG C 284 -12.89 12.10 -10.26
N LEU C 285 -14.12 12.39 -9.87
CA LEU C 285 -14.57 13.73 -9.53
C LEU C 285 -14.51 13.95 -8.03
N LEU C 286 -14.82 12.89 -7.25
CA LEU C 286 -14.77 12.91 -5.78
C LEU C 286 -13.86 11.84 -5.30
N PRO C 287 -13.01 12.11 -4.27
CA PRO C 287 -12.14 11.04 -3.75
C PRO C 287 -12.95 10.01 -2.96
N GLU C 288 -12.36 8.81 -2.77
CA GLU C 288 -12.96 7.66 -2.05
C GLU C 288 -13.35 7.96 -0.60
N ARG C 289 -12.69 8.93 0.07
CA ARG C 289 -12.99 9.29 1.46
C ARG C 289 -14.39 9.97 1.63
N TYR C 290 -15.05 10.33 0.49
CA TYR C 290 -16.38 10.93 0.46
C TYR C 290 -17.41 9.81 0.25
N PRO C 291 -18.60 9.83 0.90
CA PRO C 291 -19.58 8.75 0.68
C PRO C 291 -19.92 8.64 -0.80
N SER C 292 -20.20 7.40 -1.25
CA SER C 292 -20.54 7.09 -2.64
C SER C 292 -21.70 7.94 -3.11
N ALA C 293 -21.50 8.63 -4.24
CA ALA C 293 -22.54 9.46 -4.83
C ALA C 293 -22.94 8.95 -6.23
N ASP C 294 -24.11 8.30 -6.30
CA ASP C 294 -24.72 7.81 -7.54
C ASP C 294 -25.78 8.84 -7.91
N VAL C 295 -25.68 9.38 -9.14
CA VAL C 295 -26.58 10.44 -9.62
C VAL C 295 -27.28 10.10 -10.94
N VAL C 296 -28.44 10.74 -11.14
CA VAL C 296 -29.12 10.73 -12.44
C VAL C 296 -28.50 12.00 -13.07
N SER C 297 -27.81 11.86 -14.21
CA SER C 297 -27.18 12.99 -14.92
C SER C 297 -27.73 13.18 -16.34
N VAL C 298 -28.21 14.38 -16.61
CA VAL C 298 -28.83 14.71 -17.88
C VAL C 298 -28.39 16.10 -18.39
N SER C 299 -28.05 16.18 -19.69
CA SER C 299 -27.73 17.43 -20.39
C SER C 299 -28.46 17.45 -21.73
N PHE C 300 -29.30 18.48 -21.94
CA PHE C 300 -30.14 18.63 -23.14
C PHE C 300 -29.80 19.92 -23.87
N MET C 301 -29.14 19.83 -25.06
CA MET C 301 -28.76 21.00 -25.89
C MET C 301 -29.99 21.83 -26.27
N GLN C 302 -31.13 21.14 -26.57
CA GLN C 302 -32.40 21.74 -26.97
C GLN C 302 -33.11 22.48 -25.85
N LEU C 303 -32.59 22.40 -24.61
CA LEU C 303 -33.29 23.10 -23.52
C LEU C 303 -32.55 24.31 -23.00
N GLY C 304 -31.47 24.68 -23.71
CA GLY C 304 -30.74 25.91 -23.37
C GLY C 304 -31.61 27.07 -23.84
N MET C 305 -31.37 28.27 -23.31
CA MET C 305 -32.17 29.44 -23.66
C MET C 305 -32.19 29.72 -25.17
N ALA C 306 -31.01 29.73 -25.79
CA ALA C 306 -30.82 30.03 -27.21
C ALA C 306 -31.36 28.93 -28.14
N SER C 307 -30.99 27.66 -27.87
CA SER C 307 -31.44 26.51 -28.65
C SER C 307 -32.94 26.21 -28.54
N SER C 308 -33.54 26.27 -27.30
CA SER C 308 -34.99 26.03 -27.15
C SER C 308 -35.81 27.06 -27.92
N ALA C 309 -35.31 28.31 -27.98
CA ALA C 309 -35.93 29.41 -28.70
C ALA C 309 -35.97 29.13 -30.21
N GLY C 310 -34.86 28.66 -30.77
CA GLY C 310 -34.76 28.31 -32.18
C GLY C 310 -35.62 27.11 -32.56
N LEU C 311 -35.56 26.03 -31.77
CA LEU C 311 -36.31 24.80 -32.04
C LEU C 311 -37.80 25.00 -31.85
N PHE C 312 -38.18 25.80 -30.81
CA PHE C 312 -39.57 26.11 -30.53
C PHE C 312 -40.23 26.71 -31.77
N LEU C 313 -39.57 27.71 -32.38
CA LEU C 313 -40.04 28.38 -33.60
C LEU C 313 -40.01 27.44 -34.80
N LYS C 314 -38.97 26.63 -34.91
CA LYS C 314 -38.83 25.70 -36.03
C LYS C 314 -39.98 24.70 -36.11
N GLU C 315 -40.43 24.18 -34.95
CA GLU C 315 -41.52 23.18 -34.87
C GLU C 315 -42.89 23.81 -34.80
N LEU C 316 -43.05 24.89 -34.01
CA LEU C 316 -44.35 25.59 -33.90
C LEU C 316 -44.77 26.19 -35.26
N CYS C 317 -43.84 26.85 -35.94
CA CYS C 317 -44.13 27.50 -37.21
C CYS C 317 -44.16 26.57 -38.44
N SER C 318 -44.10 25.25 -38.21
CA SER C 318 -44.24 24.21 -39.24
C SER C 318 -45.54 23.38 -39.02
N ASN C 319 -46.34 23.79 -38.03
CA ASN C 319 -47.61 23.17 -37.64
C ASN C 319 -48.79 24.03 -38.14
N ASP C 320 -49.79 23.38 -38.83
CA ASP C 320 -51.01 23.94 -39.43
C ASP C 320 -51.84 24.78 -38.50
N GLU C 321 -51.89 24.40 -37.20
CA GLU C 321 -52.65 25.15 -36.19
C GLU C 321 -52.06 26.56 -35.98
N PHE C 322 -50.75 26.72 -36.14
CA PHE C 322 -50.06 28.00 -35.91
C PHE C 322 -49.68 28.77 -37.17
N LEU C 323 -49.36 28.06 -38.27
CA LEU C 323 -49.00 28.66 -39.55
C LEU C 323 -50.20 28.67 -40.50
N GLN C 324 -50.69 29.86 -40.82
CA GLN C 324 -51.83 30.08 -41.71
C GLN C 324 -51.57 31.37 -42.48
N GLY C 325 -51.64 31.29 -43.81
CA GLY C 325 -51.44 32.43 -44.72
C GLY C 325 -50.12 33.17 -44.60
N GLY C 326 -49.05 32.41 -44.31
CA GLY C 326 -47.71 32.95 -44.13
C GLY C 326 -47.52 33.58 -42.77
N ILE C 327 -48.54 33.48 -41.91
CA ILE C 327 -48.50 34.04 -40.57
C ILE C 327 -48.43 32.95 -39.51
N CYS C 328 -47.36 32.98 -38.74
CA CYS C 328 -47.18 32.07 -37.64
C CYS C 328 -47.65 32.75 -36.33
N SER C 329 -48.76 32.24 -35.79
CA SER C 329 -49.32 32.72 -34.53
C SER C 329 -48.57 32.06 -33.37
N ASN C 330 -47.74 32.82 -32.65
CA ASN C 330 -46.97 32.28 -31.53
C ASN C 330 -47.63 32.59 -30.17
N PRO C 331 -48.11 31.56 -29.42
CA PRO C 331 -48.76 31.81 -28.11
C PRO C 331 -47.82 32.27 -26.98
N CYS C 332 -46.49 32.03 -27.11
CA CYS C 332 -45.45 32.42 -26.14
C CYS C 332 -44.99 33.86 -26.28
N LEU C 333 -45.44 34.55 -27.36
CA LEU C 333 -45.12 35.97 -27.61
C LEU C 333 -46.32 36.86 -27.25
N PHE C 334 -46.05 38.10 -26.82
CA PHE C 334 -47.12 39.05 -26.42
C PHE C 334 -47.97 39.52 -27.60
N LYS C 335 -49.26 39.84 -27.32
CA LYS C 335 -50.20 40.43 -28.29
C LYS C 335 -49.60 41.82 -28.57
N GLY C 336 -49.46 42.15 -29.85
CA GLY C 336 -48.81 43.38 -30.30
C GLY C 336 -47.37 43.14 -30.73
N PHE C 337 -46.82 41.95 -30.43
CA PHE C 337 -45.45 41.64 -30.85
C PHE C 337 -45.45 40.97 -32.19
N GLN C 338 -44.50 41.38 -33.03
CA GLN C 338 -44.35 40.89 -34.38
C GLN C 338 -42.87 40.91 -34.82
N GLN C 339 -42.44 39.86 -35.54
CA GLN C 339 -41.09 39.73 -36.09
C GLN C 339 -41.13 38.96 -37.40
N SER C 340 -40.07 39.05 -38.22
CA SER C 340 -39.97 38.29 -39.46
C SER C 340 -39.73 36.82 -39.13
N CYS C 341 -40.22 35.93 -39.99
CA CYS C 341 -40.15 34.48 -39.78
C CYS C 341 -38.79 33.84 -40.01
N SER C 342 -38.05 33.66 -38.90
CA SER C 342 -36.71 33.08 -38.85
C SER C 342 -36.37 32.78 -37.40
N ALA C 343 -35.38 31.88 -37.20
CA ALA C 343 -34.87 31.52 -35.88
C ALA C 343 -33.64 32.41 -35.55
N GLY C 344 -33.40 33.43 -36.38
CA GLY C 344 -32.33 34.40 -36.19
C GLY C 344 -32.51 35.23 -34.94
N GLU C 345 -31.39 35.72 -34.39
CA GLU C 345 -31.28 36.55 -33.19
C GLU C 345 -32.16 37.80 -33.32
N VAL C 346 -32.98 38.08 -32.28
CA VAL C 346 -33.93 39.20 -32.25
C VAL C 346 -33.35 40.37 -31.47
N GLU C 347 -33.41 41.55 -32.07
CA GLU C 347 -32.99 42.80 -31.46
C GLU C 347 -34.21 43.70 -31.38
N VAL C 348 -34.68 43.98 -30.16
CA VAL C 348 -35.84 44.87 -29.95
C VAL C 348 -35.32 46.32 -30.12
N ARG C 349 -35.79 46.98 -31.17
CA ARG C 349 -35.38 48.33 -31.56
C ARG C 349 -36.11 49.46 -30.79
N PRO C 350 -35.48 50.68 -30.66
CA PRO C 350 -36.15 51.79 -29.94
C PRO C 350 -37.55 52.16 -30.42
N ASP C 351 -37.80 51.96 -31.73
CA ASP C 351 -39.07 52.26 -32.38
C ASP C 351 -40.16 51.19 -32.15
N GLY C 352 -39.85 50.19 -31.32
CA GLY C 352 -40.76 49.10 -30.98
C GLY C 352 -40.62 47.84 -31.81
N SER C 353 -40.16 48.00 -33.08
CA SER C 353 -39.98 46.91 -34.06
C SER C 353 -38.92 45.90 -33.64
N ALA C 354 -39.03 44.66 -34.16
CA ALA C 354 -38.09 43.57 -33.91
C ALA C 354 -37.15 43.41 -35.11
N SER C 355 -35.83 43.39 -34.84
CA SER C 355 -34.80 43.24 -35.87
C SER C 355 -34.20 41.84 -35.78
N VAL C 356 -34.51 41.01 -36.79
CA VAL C 356 -34.08 39.61 -36.91
C VAL C 356 -32.80 39.50 -37.77
N ASN C 357 -31.68 39.09 -37.13
CA ASN C 357 -30.40 38.90 -37.82
C ASN C 357 -30.45 37.61 -38.64
N GLU C 358 -30.33 37.72 -39.97
CA GLU C 358 -30.41 36.59 -40.91
C GLU C 358 -29.11 35.79 -41.11
N ASP C 359 -27.99 36.24 -40.52
CA ASP C 359 -26.70 35.56 -40.56
C ASP C 359 -26.82 34.14 -40.06
N VAL C 360 -26.17 33.22 -40.77
CA VAL C 360 -26.12 31.81 -40.42
C VAL C 360 -25.47 31.68 -39.02
N ARG C 361 -24.47 32.54 -38.76
CA ARG C 361 -23.73 32.62 -37.50
C ARG C 361 -24.63 33.07 -36.32
N LYS C 362 -25.65 33.90 -36.60
CA LYS C 362 -26.56 34.42 -35.58
C LYS C 362 -27.87 33.64 -35.47
N ASN C 363 -28.00 32.51 -36.21
CA ASN C 363 -29.19 31.68 -36.14
C ASN C 363 -29.14 30.84 -34.88
N ARG C 364 -30.21 30.92 -34.05
CA ARG C 364 -30.36 30.18 -32.79
CA ARG C 364 -30.32 30.19 -32.79
C ARG C 364 -30.31 28.66 -33.02
N LEU C 365 -30.64 28.22 -34.25
CA LEU C 365 -30.66 26.82 -34.67
C LEU C 365 -29.31 26.27 -35.09
N LYS C 366 -28.28 27.13 -35.31
CA LYS C 366 -26.94 26.72 -35.75
C LYS C 366 -26.28 25.57 -34.93
N PRO C 367 -26.25 25.58 -33.56
CA PRO C 367 -25.65 24.43 -32.83
C PRO C 367 -26.41 23.11 -33.03
N LEU C 368 -27.77 23.15 -33.06
CA LEU C 368 -28.59 21.96 -33.33
C LEU C 368 -28.40 21.50 -34.79
N ALA C 369 -28.27 22.49 -35.72
CA ALA C 369 -28.05 22.23 -37.15
C ALA C 369 -26.70 21.55 -37.38
N THR C 370 -25.66 21.94 -36.60
CA THR C 370 -24.29 21.38 -36.63
C THR C 370 -24.30 19.95 -36.12
N TYR C 371 -25.05 19.67 -35.02
CA TYR C 371 -25.18 18.31 -34.48
C TYR C 371 -25.92 17.43 -35.49
N CYS C 372 -27.03 17.94 -36.05
CA CYS C 372 -27.90 17.27 -37.03
C CYS C 372 -27.40 17.49 -38.48
N SER C 373 -26.19 17.02 -38.76
CA SER C 373 -25.51 17.16 -40.05
C SER C 373 -24.85 15.84 -40.45
N VAL C 374 -24.76 15.57 -41.77
CA VAL C 374 -24.12 14.37 -42.32
C VAL C 374 -22.62 14.33 -42.01
N ASN C 375 -22.00 15.52 -41.85
CA ASN C 375 -20.58 15.70 -41.51
C ASN C 375 -20.28 15.08 -40.14
N ASN C 376 -21.18 15.29 -39.17
CA ASN C 376 -21.05 14.83 -37.78
C ASN C 376 -21.09 13.31 -37.66
N PRO C 377 -19.99 12.70 -37.15
CA PRO C 377 -19.97 11.24 -37.00
C PRO C 377 -20.96 10.75 -35.95
N GLU C 378 -21.38 11.65 -35.03
CA GLU C 378 -22.36 11.41 -33.97
C GLU C 378 -23.68 10.84 -34.49
N ILE C 379 -24.17 11.35 -35.64
CA ILE C 379 -25.42 10.88 -36.26
C ILE C 379 -25.19 9.68 -37.18
N SER C 380 -23.90 9.33 -37.41
CA SER C 380 -23.48 8.21 -38.26
C SER C 380 -23.37 6.89 -37.47
N PHE C 381 -22.93 6.96 -36.18
CA PHE C 381 -22.78 5.81 -35.27
C PHE C 381 -24.10 5.07 -35.13
N LYS C 382 -25.14 5.78 -34.65
CA LYS C 382 -26.48 5.27 -34.39
C LYS C 382 -27.39 5.62 -35.56
N VAL C 383 -28.07 4.62 -36.13
CA VAL C 383 -28.96 4.76 -37.30
C VAL C 383 -30.17 5.69 -37.11
N THR C 384 -30.83 5.59 -35.92
CA THR C 384 -32.02 6.36 -35.57
C THR C 384 -31.74 7.84 -35.39
N ASN C 385 -30.46 8.21 -35.14
CA ASN C 385 -30.06 9.60 -34.91
C ASN C 385 -30.46 10.55 -36.03
N GLU C 386 -30.23 10.15 -37.32
CA GLU C 386 -30.59 10.97 -38.49
C GLU C 386 -32.12 11.20 -38.54
N MET C 387 -32.90 10.15 -38.23
CA MET C 387 -34.35 10.19 -38.20
C MET C 387 -34.87 11.07 -37.05
N GLN C 388 -34.25 10.97 -35.86
CA GLN C 388 -34.61 11.77 -34.68
C GLN C 388 -34.39 13.26 -34.95
N CYS C 389 -33.34 13.59 -35.75
CA CYS C 389 -33.05 14.94 -36.24
C CYS C 389 -34.14 15.40 -37.24
N ARG C 390 -34.36 14.62 -38.32
CA ARG C 390 -35.31 14.96 -39.40
C ARG C 390 -36.75 15.17 -38.90
N GLU C 391 -37.21 14.30 -38.00
CA GLU C 391 -38.56 14.35 -37.42
C GLU C 391 -38.77 15.53 -36.45
N ASN C 392 -37.65 16.18 -36.05
CA ASN C 392 -37.67 17.38 -35.21
C ASN C 392 -37.41 18.61 -36.07
N SER C 393 -37.70 18.49 -37.37
CA SER C 393 -37.54 19.54 -38.38
C SER C 393 -36.12 20.09 -38.56
N ILE C 394 -35.10 19.26 -38.28
CA ILE C 394 -33.69 19.60 -38.50
C ILE C 394 -33.13 18.47 -39.36
N ASP C 395 -33.39 18.54 -40.66
CA ASP C 395 -33.03 17.51 -41.64
C ASP C 395 -31.54 17.47 -42.03
N PRO C 396 -30.73 16.47 -41.55
CA PRO C 396 -29.29 16.43 -41.92
C PRO C 396 -28.99 16.35 -43.40
N THR C 397 -29.96 15.87 -44.21
CA THR C 397 -29.82 15.71 -45.67
C THR C 397 -29.84 17.06 -46.42
N LYS C 398 -30.56 18.07 -45.87
CA LYS C 398 -30.68 19.42 -46.43
C LYS C 398 -29.41 20.22 -46.17
N PRO C 399 -29.01 21.13 -47.10
CA PRO C 399 -27.85 22.00 -46.83
C PRO C 399 -28.16 22.94 -45.65
N LEU C 400 -27.12 23.43 -44.94
CA LEU C 400 -27.24 24.26 -43.74
C LEU C 400 -28.33 25.36 -43.66
N ALA C 401 -28.40 26.25 -44.66
CA ALA C 401 -29.35 27.35 -44.70
C ALA C 401 -30.80 26.87 -44.89
N GLU C 402 -30.97 25.88 -45.77
CA GLU C 402 -32.24 25.22 -46.08
C GLU C 402 -32.71 24.44 -44.82
N ARG C 403 -31.76 23.79 -44.11
CA ARG C 403 -31.96 23.00 -42.88
C ARG C 403 -32.54 23.84 -41.73
N MET C 404 -32.15 25.13 -41.62
CA MET C 404 -32.63 26.04 -40.56
C MET C 404 -33.81 26.92 -40.93
N LYS C 405 -34.16 26.98 -42.23
CA LYS C 405 -35.22 27.81 -42.79
C LYS C 405 -36.64 27.34 -42.39
N ILE C 406 -37.50 28.31 -42.02
CA ILE C 406 -38.91 28.08 -41.70
C ILE C 406 -39.64 28.42 -43.01
N GLU C 407 -40.17 27.39 -43.68
CA GLU C 407 -40.87 27.48 -44.98
C GLU C 407 -42.24 28.15 -44.85
N ASN C 408 -42.73 28.75 -45.96
CA ASN C 408 -44.07 29.33 -46.14
C ASN C 408 -44.51 30.26 -45.00
N CYS C 409 -43.56 31.04 -44.50
CA CYS C 409 -43.74 31.91 -43.35
C CYS C 409 -43.04 33.24 -43.56
N SER C 410 -43.76 34.33 -43.40
CA SER C 410 -43.16 35.66 -43.52
C SER C 410 -43.13 36.38 -42.18
N ILE C 411 -44.19 36.21 -41.36
CA ILE C 411 -44.33 36.89 -40.07
C ILE C 411 -44.74 35.99 -38.89
N ILE C 412 -44.11 36.25 -37.74
CA ILE C 412 -44.41 35.62 -36.46
C ILE C 412 -45.14 36.69 -35.62
N LYS C 413 -46.41 36.42 -35.26
CA LYS C 413 -47.29 37.28 -34.48
C LYS C 413 -47.56 36.66 -33.10
N GLY C 414 -47.33 37.43 -32.05
CA GLY C 414 -47.60 36.99 -30.68
C GLY C 414 -49.08 36.93 -30.37
N THR C 415 -49.52 35.89 -29.66
CA THR C 415 -50.95 35.78 -29.32
C THR C 415 -51.22 35.79 -27.80
N GLY C 416 -50.15 35.76 -27.00
CA GLY C 416 -50.21 35.77 -25.54
C GLY C 416 -51.19 34.81 -24.91
N ASN C 417 -51.18 33.55 -25.34
CA ASN C 417 -52.04 32.51 -24.79
C ASN C 417 -51.13 31.54 -24.05
N PHE C 418 -51.08 31.69 -22.72
CA PHE C 418 -50.16 30.94 -21.88
C PHE C 418 -50.34 29.44 -21.84
N ASP C 419 -51.59 28.95 -21.75
CA ASP C 419 -51.88 27.52 -21.75
C ASP C 419 -51.49 26.86 -23.06
N LYS C 420 -51.72 27.55 -24.18
CA LYS C 420 -51.37 27.05 -25.53
C LYS C 420 -49.84 27.04 -25.65
N CYS C 421 -49.16 28.00 -25.01
CA CYS C 421 -47.72 28.10 -24.95
C CYS C 421 -47.16 26.89 -24.18
N VAL C 422 -47.74 26.57 -22.97
CA VAL C 422 -47.33 25.42 -22.14
C VAL C 422 -47.48 24.10 -22.92
N SER C 423 -48.64 23.91 -23.59
CA SER C 423 -48.94 22.70 -24.39
C SER C 423 -47.98 22.55 -25.58
N GLN C 424 -47.55 23.68 -26.19
CA GLN C 424 -46.53 23.60 -27.26
C GLN C 424 -45.13 23.33 -26.69
N VAL C 425 -44.86 23.84 -25.49
CA VAL C 425 -43.58 23.60 -24.80
C VAL C 425 -43.49 22.10 -24.49
N GLU C 426 -44.61 21.50 -24.02
CA GLU C 426 -44.74 20.07 -23.74
C GLU C 426 -44.47 19.26 -25.00
N SER C 427 -45.18 19.54 -26.10
CA SER C 427 -45.03 18.77 -27.33
C SER C 427 -43.71 19.00 -28.09
N ILE C 428 -43.08 20.16 -27.94
CA ILE C 428 -41.82 20.46 -28.65
C ILE C 428 -40.57 20.18 -27.80
N LEU C 429 -40.58 20.63 -26.54
CA LEU C 429 -39.39 20.57 -25.68
C LEU C 429 -39.33 19.56 -24.54
N VAL C 430 -40.45 19.31 -23.84
CA VAL C 430 -40.42 18.49 -22.63
C VAL C 430 -40.77 17.03 -22.80
N ALA C 431 -41.88 16.78 -23.49
CA ALA C 431 -42.38 15.45 -23.76
C ALA C 431 -42.60 15.23 -25.29
N PRO C 432 -41.58 15.49 -26.16
CA PRO C 432 -41.81 15.29 -27.61
C PRO C 432 -42.16 13.86 -27.99
N LYS C 433 -43.03 13.67 -29.02
CA LYS C 433 -43.43 12.33 -29.50
C LYS C 433 -42.17 11.51 -29.80
N LEU C 434 -41.18 12.15 -30.49
CA LEU C 434 -39.89 11.56 -30.82
C LEU C 434 -38.82 12.55 -30.38
N PRO C 435 -38.09 12.29 -29.28
CA PRO C 435 -37.06 13.23 -28.85
C PRO C 435 -35.87 13.32 -29.80
N LEU C 436 -34.98 14.27 -29.57
CA LEU C 436 -33.75 14.41 -30.33
C LEU C 436 -32.80 13.33 -29.83
N PRO C 437 -31.72 12.96 -30.57
CA PRO C 437 -30.86 11.87 -30.08
C PRO C 437 -30.34 12.07 -28.65
N ALA C 438 -30.57 11.07 -27.78
CA ALA C 438 -30.12 11.08 -26.38
C ALA C 438 -28.59 11.18 -26.27
N ASN C 439 -28.09 12.00 -25.31
CA ASN C 439 -26.65 12.19 -25.11
C ASN C 439 -26.06 11.06 -24.23
N ILE C 440 -25.16 10.24 -24.83
CA ILE C 440 -24.49 9.16 -24.12
C ILE C 440 -23.00 9.47 -24.03
N GLU C 441 -22.54 9.76 -22.83
CA GLU C 441 -21.13 10.03 -22.52
C GLU C 441 -20.85 9.57 -21.09
N ALA C 442 -19.56 9.41 -20.68
CA ALA C 442 -19.23 8.97 -19.31
C ALA C 442 -19.94 9.81 -18.20
N ALA C 443 -20.09 11.14 -18.42
CA ALA C 443 -20.77 12.06 -17.50
C ALA C 443 -22.30 12.06 -17.55
N SER C 444 -22.92 11.38 -18.51
CA SER C 444 -24.39 11.38 -18.58
C SER C 444 -25.00 9.99 -18.33
N SER C 445 -26.31 9.95 -18.02
CA SER C 445 -27.05 8.71 -17.77
C SER C 445 -27.63 8.06 -19.04
N GLY C 446 -27.86 8.84 -20.10
CA GLY C 446 -28.41 8.37 -21.36
C GLY C 446 -29.90 8.62 -21.58
N PHE C 447 -30.57 9.42 -20.71
CA PHE C 447 -32.00 9.75 -20.87
C PHE C 447 -32.22 10.60 -22.12
N GLU C 448 -33.39 10.44 -22.73
CA GLU C 448 -33.78 11.12 -23.97
C GLU C 448 -34.61 12.39 -23.75
N SER C 449 -35.43 12.42 -22.68
CA SER C 449 -36.30 13.54 -22.40
C SER C 449 -36.57 13.74 -20.89
N VAL C 450 -37.05 14.95 -20.52
CA VAL C 450 -37.42 15.35 -19.16
C VAL C 450 -38.58 14.45 -18.69
N ASP C 451 -39.56 14.19 -19.58
CA ASP C 451 -40.73 13.35 -19.31
C ASP C 451 -40.29 11.98 -18.77
N GLN C 452 -39.34 11.34 -19.46
CA GLN C 452 -38.74 10.05 -19.12
C GLN C 452 -38.01 10.08 -17.75
N VAL C 453 -37.27 11.18 -17.45
CA VAL C 453 -36.53 11.37 -16.18
C VAL C 453 -37.46 11.23 -14.98
N PHE C 454 -38.53 12.02 -14.93
CA PHE C 454 -39.48 12.04 -13.82
C PHE C 454 -40.53 10.91 -13.84
N ARG C 455 -40.77 10.27 -15.00
CA ARG C 455 -41.68 9.10 -15.11
C ARG C 455 -41.00 7.82 -14.62
N PHE C 456 -39.67 7.70 -14.84
CA PHE C 456 -38.93 6.48 -14.51
C PHE C 456 -37.84 6.57 -13.45
N ALA C 457 -37.36 7.76 -13.11
CA ALA C 457 -36.25 7.89 -12.16
C ALA C 457 -36.40 9.04 -11.16
N SER C 458 -37.65 9.34 -10.74
CA SER C 458 -37.96 10.39 -9.78
C SER C 458 -37.29 10.13 -8.40
N SER C 459 -36.94 11.21 -7.69
CA SER C 459 -36.26 11.18 -6.40
C SER C 459 -36.92 12.14 -5.38
N THR C 460 -36.74 11.85 -4.07
CA THR C 460 -37.27 12.66 -2.97
C THR C 460 -36.30 13.82 -2.64
N ALA C 461 -35.08 13.79 -3.23
CA ALA C 461 -34.04 14.78 -3.02
C ALA C 461 -34.56 16.18 -3.34
N PRO C 462 -34.24 17.20 -2.51
CA PRO C 462 -34.72 18.54 -2.86
C PRO C 462 -34.03 19.04 -4.14
N MET C 463 -34.71 19.95 -4.87
CA MET C 463 -34.24 20.47 -6.14
C MET C 463 -34.04 21.98 -6.11
N ILE C 464 -32.88 22.43 -6.64
CA ILE C 464 -32.53 23.85 -6.73
C ILE C 464 -32.56 24.22 -8.21
N VAL C 465 -33.36 25.23 -8.58
CA VAL C 465 -33.51 25.70 -9.97
C VAL C 465 -32.57 26.88 -10.11
N THR C 466 -31.71 26.86 -11.15
CA THR C 466 -30.71 27.88 -11.37
C THR C 466 -30.65 28.27 -12.85
N GLY C 467 -29.98 29.39 -13.12
CA GLY C 467 -29.82 29.97 -14.46
C GLY C 467 -30.48 31.33 -14.53
N GLY C 468 -29.81 32.27 -15.20
CA GLY C 468 -30.25 33.66 -15.34
C GLY C 468 -31.67 33.86 -15.82
N GLY C 469 -32.08 33.10 -16.82
CA GLY C 469 -33.40 33.19 -17.42
C GLY C 469 -34.50 32.66 -16.54
N MET C 470 -34.22 31.53 -15.83
CA MET C 470 -35.17 30.85 -14.94
C MET C 470 -35.50 31.71 -13.74
N LEU C 471 -34.46 32.36 -13.19
CA LEU C 471 -34.60 33.23 -12.06
C LEU C 471 -35.24 34.56 -12.45
N ALA C 472 -34.93 35.11 -13.67
CA ALA C 472 -35.56 36.33 -14.20
C ALA C 472 -37.07 36.16 -14.33
N ALA C 473 -37.54 34.97 -14.80
CA ALA C 473 -38.95 34.63 -14.99
C ALA C 473 -39.71 34.64 -13.66
N ILE C 474 -39.11 34.11 -12.59
CA ILE C 474 -39.71 34.10 -11.24
C ILE C 474 -39.68 35.52 -10.66
N ASN C 475 -38.52 36.22 -10.80
CA ASN C 475 -38.37 37.59 -10.29
C ASN C 475 -39.31 38.59 -10.94
N THR C 476 -39.55 38.46 -12.25
CA THR C 476 -40.45 39.34 -13.01
C THR C 476 -41.84 39.30 -12.40
N LEU C 477 -42.37 38.09 -12.13
CA LEU C 477 -43.70 37.87 -11.55
C LEU C 477 -43.80 38.34 -10.10
N LYS C 478 -42.71 38.20 -9.34
CA LYS C 478 -42.62 38.71 -7.96
C LYS C 478 -42.59 40.25 -7.94
N ASP C 479 -41.82 40.88 -8.86
CA ASP C 479 -41.69 42.35 -8.96
C ASP C 479 -43.03 43.01 -9.34
N HIS C 480 -43.90 42.31 -10.12
CA HIS C 480 -45.23 42.82 -10.52
C HIS C 480 -46.29 42.42 -9.52
N ARG C 481 -45.87 41.71 -8.46
CA ARG C 481 -46.69 41.25 -7.34
C ARG C 481 -47.77 40.25 -7.79
N LEU C 482 -47.41 39.42 -8.78
CA LEU C 482 -48.26 38.36 -9.35
C LEU C 482 -48.02 37.04 -8.60
N LEU C 483 -46.77 36.87 -8.10
CA LEU C 483 -46.32 35.76 -7.27
C LEU C 483 -45.98 36.35 -5.92
N ARG C 484 -46.27 35.63 -4.82
CA ARG C 484 -45.93 36.02 -3.45
C ARG C 484 -44.41 35.87 -3.32
N SER C 485 -43.78 36.63 -2.42
CA SER C 485 -42.32 36.53 -2.19
C SER C 485 -41.93 35.14 -1.67
N ASP C 486 -42.78 34.54 -0.82
CA ASP C 486 -42.58 33.22 -0.23
C ASP C 486 -42.99 32.05 -1.15
N PHE C 487 -43.16 32.31 -2.48
CA PHE C 487 -43.48 31.29 -3.49
C PHE C 487 -42.48 30.14 -3.35
N SER C 488 -43.00 28.93 -3.13
CA SER C 488 -42.19 27.74 -2.89
C SER C 488 -42.36 26.65 -3.94
N GLY C 489 -42.85 27.02 -5.12
CA GLY C 489 -42.95 26.07 -6.21
C GLY C 489 -44.30 25.55 -6.65
N ASP C 490 -45.40 26.00 -6.02
CA ASP C 490 -46.75 25.56 -6.40
C ASP C 490 -47.04 25.85 -7.87
N VAL C 491 -47.35 24.78 -8.64
CA VAL C 491 -47.66 24.82 -10.07
C VAL C 491 -48.80 25.79 -10.42
N GLU C 492 -49.94 25.70 -9.71
CA GLU C 492 -51.07 26.54 -10.06
C GLU C 492 -50.92 28.03 -9.73
N GLU C 493 -50.17 28.34 -8.66
CA GLU C 493 -49.81 29.71 -8.30
C GLU C 493 -48.94 30.29 -9.44
N LEU C 494 -47.98 29.49 -9.95
CA LEU C 494 -47.12 29.94 -11.03
C LEU C 494 -47.88 30.13 -12.33
N ALA C 495 -48.69 29.14 -12.75
CA ALA C 495 -49.46 29.19 -13.98
C ALA C 495 -50.45 30.37 -13.97
N GLU C 496 -51.05 30.68 -12.80
CA GLU C 496 -51.95 31.81 -12.62
C GLU C 496 -51.24 33.16 -12.81
N ALA C 497 -50.01 33.32 -12.25
CA ALA C 497 -49.18 34.54 -12.34
C ALA C 497 -48.67 34.76 -13.76
N ALA C 498 -48.11 33.70 -14.37
CA ALA C 498 -47.61 33.69 -15.75
C ALA C 498 -48.73 33.92 -16.76
N ARG C 499 -49.93 33.34 -16.51
CA ARG C 499 -51.09 33.51 -17.40
C ARG C 499 -51.51 34.99 -17.50
N GLU C 500 -51.56 35.67 -16.35
CA GLU C 500 -51.89 37.09 -16.24
C GLU C 500 -50.82 37.97 -16.89
N PHE C 501 -49.53 37.70 -16.59
CA PHE C 501 -48.42 38.46 -17.17
C PHE C 501 -48.30 38.24 -18.66
N CYS C 502 -48.50 37.02 -19.10
CA CYS C 502 -48.38 36.68 -20.51
C CYS C 502 -49.50 37.15 -21.42
N SER C 503 -50.60 37.69 -20.84
CA SER C 503 -51.72 38.25 -21.61
C SER C 503 -51.57 39.79 -21.77
N SER C 504 -50.37 40.32 -21.40
CA SER C 504 -50.03 41.74 -21.50
C SER C 504 -49.91 42.16 -22.96
N GLU C 505 -50.23 43.42 -23.26
CA GLU C 505 -50.17 43.96 -24.62
C GLU C 505 -48.88 44.78 -24.78
N VAL C 506 -48.25 44.67 -25.95
CA VAL C 506 -47.06 45.44 -26.29
C VAL C 506 -47.55 46.75 -26.90
N ILE C 507 -47.19 47.88 -26.25
CA ILE C 507 -47.58 49.22 -26.68
C ILE C 507 -46.33 50.06 -27.02
N ILE C 508 -46.36 50.73 -28.19
CA ILE C 508 -45.26 51.61 -28.61
C ILE C 508 -45.52 52.97 -27.98
N ARG C 509 -44.51 53.50 -27.28
CA ARG C 509 -44.56 54.82 -26.64
C ARG C 509 -43.34 55.60 -27.13
N THR C 510 -43.37 56.95 -26.99
CA THR C 510 -42.28 57.85 -27.41
C THR C 510 -40.92 57.46 -26.81
N ASP C 511 -40.96 56.79 -25.65
CA ASP C 511 -39.81 56.30 -24.87
C ASP C 511 -39.42 54.83 -25.22
N GLY C 512 -40.16 54.22 -26.14
CA GLY C 512 -39.92 52.85 -26.58
C GLY C 512 -41.04 51.86 -26.27
N PRO C 513 -40.85 50.56 -26.61
CA PRO C 513 -41.93 49.59 -26.39
C PRO C 513 -42.13 49.14 -24.94
N VAL C 514 -43.39 49.02 -24.49
CA VAL C 514 -43.68 48.55 -23.14
C VAL C 514 -44.62 47.34 -23.14
N ILE C 515 -44.48 46.49 -22.12
CA ILE C 515 -45.34 45.34 -21.84
C ILE C 515 -46.34 45.94 -20.81
N GLN C 516 -47.59 46.21 -21.24
CA GLN C 516 -48.64 46.77 -20.41
C GLN C 516 -49.49 45.66 -19.83
N LEU C 517 -49.36 45.40 -18.52
CA LEU C 517 -50.09 44.34 -17.79
C LEU C 517 -51.60 44.62 -17.81
N PRO C 518 -52.46 43.57 -17.78
CA PRO C 518 -53.91 43.83 -17.77
C PRO C 518 -54.39 44.53 -16.49
N ASN C 519 -55.60 45.13 -16.55
CA ASN C 519 -56.27 45.86 -15.47
C ASN C 519 -55.36 46.99 -14.92
N ALA C 520 -54.51 47.54 -15.81
CA ALA C 520 -53.53 48.59 -15.53
C ALA C 520 -52.72 48.32 -14.23
N ARG C 521 -52.29 47.05 -14.07
CA ARG C 521 -51.52 46.59 -12.90
C ARG C 521 -50.00 46.66 -13.10
N GLY C 522 -49.58 47.53 -13.99
CA GLY C 522 -48.17 47.73 -14.23
C GLY C 522 -47.71 47.66 -15.65
N GLU C 523 -46.44 47.98 -15.81
CA GLU C 523 -45.76 47.93 -17.09
C GLU C 523 -44.27 47.69 -16.85
N GLN C 524 -43.59 47.27 -17.91
CA GLN C 524 -42.15 47.15 -17.98
C GLN C 524 -41.71 47.35 -19.42
N LYS C 525 -40.46 47.78 -19.61
CA LYS C 525 -39.83 47.99 -20.90
C LYS C 525 -39.73 46.64 -21.63
N LEU C 526 -40.04 46.63 -22.92
CA LEU C 526 -39.89 45.45 -23.76
C LEU C 526 -38.49 45.55 -24.35
N ASN C 527 -37.71 44.47 -24.25
CA ASN C 527 -36.31 44.42 -24.74
C ASN C 527 -35.97 43.06 -25.30
N SER C 528 -34.79 42.97 -25.94
CA SER C 528 -34.23 41.79 -26.58
C SER C 528 -34.11 40.59 -25.65
N LEU C 529 -33.96 40.86 -24.36
CA LEU C 529 -33.79 39.83 -23.34
C LEU C 529 -35.08 39.25 -22.77
N ASN C 530 -36.15 40.04 -22.70
CA ASN C 530 -37.42 39.63 -22.06
C ASN C 530 -38.65 39.38 -22.98
N PHE C 531 -38.53 39.70 -24.28
CA PHE C 531 -39.66 39.59 -25.24
C PHE C 531 -40.32 38.18 -25.35
N ASP C 532 -39.49 37.13 -25.21
CA ASP C 532 -39.86 35.72 -25.30
C ASP C 532 -39.80 34.98 -23.94
N LEU C 533 -39.75 35.73 -22.82
CA LEU C 533 -39.70 35.22 -21.43
C LEU C 533 -40.88 34.35 -21.02
N CYS C 534 -42.04 34.51 -21.66
CA CYS C 534 -43.17 33.65 -21.36
C CYS C 534 -42.92 32.14 -21.68
N LYS C 535 -42.03 31.82 -22.66
CA LYS C 535 -41.65 30.45 -22.96
C LYS C 535 -40.90 29.84 -21.75
N THR C 536 -40.08 30.66 -21.06
CA THR C 536 -39.33 30.22 -19.88
C THR C 536 -40.28 29.94 -18.72
N MET C 537 -41.35 30.75 -18.60
CA MET C 537 -42.38 30.55 -17.57
C MET C 537 -43.12 29.26 -17.83
N ALA C 538 -43.43 28.98 -19.11
CA ALA C 538 -44.12 27.79 -19.57
C ALA C 538 -43.25 26.56 -19.33
N LEU C 539 -41.92 26.67 -19.59
CA LEU C 539 -40.92 25.63 -19.33
C LEU C 539 -40.87 25.34 -17.83
N THR C 540 -40.94 26.38 -16.99
CA THR C 540 -40.94 26.23 -15.53
C THR C 540 -42.19 25.47 -15.04
N VAL C 541 -43.39 25.86 -15.51
CA VAL C 541 -44.68 25.19 -15.18
C VAL C 541 -44.65 23.71 -15.63
N SER C 542 -44.27 23.48 -16.89
CA SER C 542 -44.11 22.17 -17.52
C SER C 542 -43.15 21.28 -16.71
N LEU C 543 -41.95 21.80 -16.36
CA LEU C 543 -40.99 21.05 -15.53
C LEU C 543 -41.55 20.73 -14.14
N LEU C 544 -42.19 21.72 -13.46
CA LEU C 544 -42.77 21.50 -12.13
C LEU C 544 -43.89 20.46 -12.17
N ARG C 545 -44.76 20.51 -13.22
CA ARG C 545 -45.84 19.54 -13.44
C ARG C 545 -45.30 18.13 -13.53
N HIS C 546 -44.18 17.93 -14.29
CA HIS C 546 -43.50 16.64 -14.46
C HIS C 546 -42.89 16.10 -13.16
N MET C 547 -42.25 16.99 -12.38
CA MET C 547 -41.70 16.67 -11.07
C MET C 547 -42.82 16.33 -10.06
N ALA C 548 -43.97 17.06 -10.08
CA ALA C 548 -45.13 16.80 -9.19
C ALA C 548 -45.80 15.46 -9.46
N ALA C 549 -45.85 15.03 -10.74
CA ALA C 549 -46.49 13.77 -11.17
C ALA C 549 -45.59 12.55 -10.94
N GLY C 550 -44.33 12.77 -10.56
CA GLY C 550 -43.38 11.68 -10.28
C GLY C 550 -43.84 10.82 -9.10
N GLU C 551 -43.44 9.51 -9.09
CA GLU C 551 -43.75 8.60 -7.98
C GLU C 551 -43.17 9.18 -6.68
N ASN C 552 -41.96 9.74 -6.78
CA ASN C 552 -41.28 10.43 -5.68
C ASN C 552 -41.20 11.90 -6.02
N GLN C 553 -41.52 12.76 -5.07
CA GLN C 553 -41.48 14.20 -5.29
C GLN C 553 -40.33 14.84 -4.49
N PRO C 554 -39.64 15.88 -5.03
CA PRO C 554 -38.57 16.51 -4.23
C PRO C 554 -39.14 17.07 -2.92
N SER C 555 -38.43 16.88 -1.78
CA SER C 555 -38.88 17.36 -0.47
C SER C 555 -39.20 18.86 -0.45
N PHE C 556 -38.45 19.65 -1.24
CA PHE C 556 -38.64 21.09 -1.47
C PHE C 556 -37.99 21.52 -2.80
N ILE C 557 -38.48 22.63 -3.37
CA ILE C 557 -37.97 23.26 -4.60
C ILE C 557 -37.69 24.74 -4.32
N LYS C 558 -36.47 25.20 -4.64
CA LYS C 558 -36.01 26.59 -4.49
C LYS C 558 -35.29 27.08 -5.75
N TRP C 559 -35.41 28.38 -6.01
CA TRP C 559 -34.75 29.12 -7.09
C TRP C 559 -33.63 29.90 -6.40
N GLU C 560 -32.37 29.65 -6.78
CA GLU C 560 -31.22 30.26 -6.15
C GLU C 560 -30.15 30.64 -7.18
N LYS C 561 -29.33 31.64 -6.86
CA LYS C 561 -28.20 32.05 -7.70
C LYS C 561 -26.87 31.87 -6.90
N SER C 562 -26.95 32.02 -5.56
CA SER C 562 -25.78 31.86 -4.70
C SER C 562 -26.14 31.24 -3.34
N ILE C 563 -25.11 30.73 -2.64
CA ILE C 563 -25.28 30.16 -1.30
C ILE C 563 -24.46 31.02 -0.33
N ALA C 564 -25.14 31.55 0.69
CA ALA C 564 -24.52 32.37 1.75
C ALA C 564 -23.71 31.45 2.66
N GLY C 565 -22.59 31.94 3.17
CA GLY C 565 -21.72 31.18 4.05
C GLY C 565 -22.23 31.04 5.47
N PRO C 566 -21.41 30.48 6.40
CA PRO C 566 -21.86 30.36 7.80
C PRO C 566 -22.16 31.72 8.46
N ASP C 567 -21.46 32.79 8.01
CA ASP C 567 -21.61 34.17 8.50
C ASP C 567 -22.74 34.97 7.80
N GLY C 568 -23.58 34.27 7.02
CA GLY C 568 -24.68 34.87 6.27
C GLY C 568 -24.24 35.65 5.04
N LYS C 569 -22.92 35.94 4.95
CA LYS C 569 -22.26 36.66 3.85
C LYS C 569 -22.17 35.73 2.62
N PRO C 570 -22.21 36.23 1.36
CA PRO C 570 -22.18 35.30 0.21
C PRO C 570 -20.84 34.57 0.05
N LEU C 571 -20.90 33.24 0.04
CA LEU C 571 -19.71 32.39 -0.05
C LEU C 571 -19.21 32.32 -1.50
N ALA C 572 -20.08 31.85 -2.42
CA ALA C 572 -19.80 31.73 -3.85
C ALA C 572 -21.13 31.56 -4.56
N ASP C 573 -21.08 31.63 -5.90
CA ASP C 573 -22.26 31.51 -6.74
C ASP C 573 -22.41 30.06 -7.17
N LEU C 574 -23.66 29.71 -7.51
CA LEU C 574 -23.99 28.41 -8.03
C LEU C 574 -23.49 28.34 -9.48
N GLY C 575 -23.17 27.14 -9.94
CA GLY C 575 -22.64 26.93 -11.28
C GLY C 575 -21.52 25.91 -11.23
N TRP C 576 -20.79 25.73 -12.33
CA TRP C 576 -19.78 24.70 -12.41
C TRP C 576 -18.39 25.01 -11.83
N GLN C 577 -18.09 26.29 -11.56
CA GLN C 577 -16.77 26.77 -11.16
C GLN C 577 -16.20 26.23 -9.89
N VAL C 578 -16.97 26.25 -8.80
CA VAL C 578 -16.53 25.71 -7.50
C VAL C 578 -16.23 24.21 -7.62
N GLY C 579 -17.12 23.47 -8.28
CA GLY C 579 -16.97 22.04 -8.54
C GLY C 579 -15.72 21.70 -9.33
N VAL C 580 -15.34 22.54 -10.33
CA VAL C 580 -14.08 22.33 -11.08
C VAL C 580 -12.86 22.46 -10.13
N ILE C 581 -12.87 23.48 -9.25
CA ILE C 581 -11.80 23.67 -8.25
C ILE C 581 -11.68 22.40 -7.38
N LEU C 582 -12.80 21.92 -6.85
CA LEU C 582 -12.91 20.76 -5.93
C LEU C 582 -12.43 19.47 -6.49
N HIS C 583 -12.81 19.13 -7.74
CA HIS C 583 -12.34 17.90 -8.37
C HIS C 583 -10.82 17.87 -8.53
N HIS C 584 -10.15 19.02 -8.37
CA HIS C 584 -8.69 19.12 -8.34
C HIS C 584 -8.13 19.14 -6.94
N VAL C 585 -8.58 20.08 -6.09
CA VAL C 585 -8.06 20.34 -4.74
C VAL C 585 -8.27 19.23 -3.74
N LEU C 586 -9.38 18.45 -3.89
CA LEU C 586 -9.76 17.30 -3.04
C LEU C 586 -8.84 16.10 -3.18
N PHE C 587 -8.15 15.98 -4.33
CA PHE C 587 -7.16 14.91 -4.54
C PHE C 587 -5.80 15.48 -4.07
N THR C 588 -5.63 15.46 -2.74
CA THR C 588 -4.56 16.04 -1.92
C THR C 588 -3.15 15.88 -2.46
N GLU C 589 -2.72 14.64 -2.68
CA GLU C 589 -1.38 14.31 -3.15
C GLU C 589 -1.15 14.81 -4.59
N GLU C 590 -2.09 14.56 -5.49
CA GLU C 590 -1.99 15.02 -6.88
C GLU C 590 -1.94 16.58 -6.88
N TRP C 591 -2.81 17.24 -6.10
CA TRP C 591 -2.87 18.70 -5.97
C TRP C 591 -1.54 19.27 -5.48
N GLY C 592 -1.01 18.70 -4.40
CA GLY C 592 0.26 19.15 -3.81
C GLY C 592 1.42 19.09 -4.79
N ARG C 593 1.47 18.03 -5.61
CA ARG C 593 2.50 17.86 -6.64
C ARG C 593 2.33 18.92 -7.74
N ASN C 594 1.07 19.08 -8.23
CA ASN C 594 0.81 20.01 -9.33
C ASN C 594 0.88 21.49 -8.99
N ALA C 595 0.27 21.88 -7.86
CA ALA C 595 0.18 23.30 -7.47
C ALA C 595 1.39 23.81 -6.75
N TYR C 596 2.09 22.93 -6.01
CA TYR C 596 3.20 23.35 -5.15
C TYR C 596 4.57 22.84 -5.58
N GLU C 597 4.73 21.54 -5.85
CA GLU C 597 6.03 20.99 -6.27
C GLU C 597 6.44 21.48 -7.67
N ALA C 598 5.52 21.33 -8.66
CA ALA C 598 5.81 21.79 -10.01
C ALA C 598 5.60 23.31 -10.00
N GLY C 599 4.38 23.73 -9.63
CA GLY C 599 3.99 25.13 -9.49
C GLY C 599 4.27 26.00 -10.69
N TYR C 600 4.41 27.33 -10.46
CA TYR C 600 4.75 28.29 -11.51
C TYR C 600 6.23 28.13 -11.89
N SER C 601 7.06 27.60 -10.99
CA SER C 601 8.49 27.37 -11.24
C SER C 601 8.74 26.37 -12.38
N HIS C 602 7.69 25.60 -12.75
CA HIS C 602 7.69 24.68 -13.87
C HIS C 602 7.86 25.47 -15.18
N ASN C 603 7.42 26.75 -15.21
CA ASN C 603 7.53 27.65 -16.36
C ASN C 603 8.88 28.40 -16.50
N LEU C 604 9.84 28.20 -15.56
CA LEU C 604 11.18 28.83 -15.63
C LEU C 604 11.86 28.48 -16.98
N GLU C 605 12.28 29.53 -17.74
CA GLU C 605 12.87 29.53 -19.09
C GLU C 605 11.80 29.24 -20.16
N ASP D 11 40.04 -43.25 6.25
CA ASP D 11 39.17 -44.38 5.93
C ASP D 11 38.07 -44.01 4.89
N ALA D 12 38.02 -44.75 3.77
CA ALA D 12 37.07 -44.55 2.67
C ALA D 12 35.62 -44.72 3.13
N ASP D 13 35.29 -45.86 3.79
CA ASP D 13 33.95 -46.14 4.29
C ASP D 13 33.46 -45.15 5.34
N THR D 14 34.38 -44.60 6.17
CA THR D 14 34.05 -43.61 7.19
C THR D 14 33.70 -42.27 6.54
N GLU D 15 34.53 -41.82 5.57
CA GLU D 15 34.33 -40.57 4.83
C GLU D 15 33.01 -40.57 4.05
N LYS D 16 32.65 -41.72 3.45
CA LYS D 16 31.38 -41.91 2.71
C LYS D 16 30.18 -41.85 3.68
N ARG D 17 30.38 -42.28 4.94
CA ARG D 17 29.35 -42.27 5.98
C ARG D 17 29.13 -40.87 6.55
N ILE D 18 30.22 -40.07 6.67
CA ILE D 18 30.19 -38.68 7.14
C ILE D 18 29.42 -37.89 6.09
N ASN D 19 29.75 -38.12 4.79
CA ASN D 19 29.11 -37.50 3.64
C ASN D 19 27.63 -37.82 3.57
N VAL D 20 27.23 -39.12 3.68
CA VAL D 20 25.82 -39.50 3.67
C VAL D 20 25.00 -38.84 4.82
N GLY D 21 25.66 -38.60 5.96
CA GLY D 21 25.09 -37.95 7.14
C GLY D 21 24.91 -36.45 6.98
N LYS D 22 25.96 -35.77 6.42
CA LYS D 22 25.96 -34.34 6.12
C LYS D 22 24.91 -34.04 5.06
N LYS D 23 24.79 -34.93 4.03
CA LYS D 23 23.86 -34.79 2.91
C LYS D 23 22.42 -35.01 3.34
N HIS D 24 22.21 -35.91 4.32
CA HIS D 24 20.88 -36.20 4.84
C HIS D 24 20.31 -34.96 5.51
N LEU D 25 21.16 -34.24 6.29
CA LEU D 25 20.77 -33.00 6.96
C LEU D 25 20.45 -31.92 5.94
N GLN D 26 21.31 -31.77 4.90
CA GLN D 26 21.15 -30.81 3.81
C GLN D 26 19.85 -31.01 3.02
N THR D 27 19.47 -32.29 2.73
CA THR D 27 18.19 -32.54 2.03
C THR D 27 16.99 -32.24 2.93
N LEU D 28 17.07 -32.53 4.25
CA LEU D 28 15.96 -32.22 5.16
C LEU D 28 15.79 -30.71 5.29
N ARG D 29 16.92 -29.98 5.33
CA ARG D 29 17.01 -28.52 5.36
C ARG D 29 16.37 -27.93 4.06
N ASN D 30 16.71 -28.51 2.87
CA ASN D 30 16.15 -28.11 1.58
C ASN D 30 14.64 -28.34 1.53
N LEU D 31 14.19 -29.51 1.98
CA LEU D 31 12.78 -29.86 2.05
C LEU D 31 11.93 -28.81 2.85
N GLU D 32 12.40 -28.39 4.03
CA GLU D 32 11.69 -27.46 4.90
C GLU D 32 11.87 -25.98 4.55
N THR D 33 12.67 -25.67 3.52
CA THR D 33 12.93 -24.29 3.11
C THR D 33 12.37 -23.93 1.74
N ARG D 34 12.24 -24.93 0.86
CA ARG D 34 11.78 -24.79 -0.53
C ARG D 34 10.26 -24.86 -0.70
N CYS D 35 9.77 -24.33 -1.84
CA CYS D 35 8.37 -24.39 -2.25
C CYS D 35 8.03 -25.86 -2.59
N HIS D 36 6.81 -26.29 -2.27
CA HIS D 36 6.33 -27.64 -2.53
C HIS D 36 5.18 -27.57 -3.52
N ASP D 37 5.18 -28.47 -4.50
CA ASP D 37 4.14 -28.53 -5.53
C ASP D 37 3.15 -29.62 -5.20
N SER D 38 1.90 -29.41 -5.58
CA SER D 38 0.82 -30.38 -5.37
C SER D 38 -0.34 -30.10 -6.28
N LEU D 39 -0.94 -31.14 -6.78
CA LEU D 39 -2.05 -31.16 -7.72
C LEU D 39 -3.40 -30.75 -7.10
N GLN D 40 -4.19 -29.93 -7.84
CA GLN D 40 -5.54 -29.56 -7.46
C GLN D 40 -6.50 -29.75 -8.67
N ALA D 41 -7.72 -30.28 -8.39
CA ALA D 41 -8.75 -30.36 -9.44
C ALA D 41 -9.65 -29.17 -9.27
N LEU D 42 -10.11 -28.63 -10.41
CA LEU D 42 -11.03 -27.49 -10.52
C LEU D 42 -12.15 -27.89 -11.46
N VAL D 43 -13.41 -27.63 -11.04
CA VAL D 43 -14.59 -28.00 -11.81
C VAL D 43 -15.39 -26.79 -12.28
N VAL D 44 -15.58 -26.68 -13.59
CA VAL D 44 -16.42 -25.64 -14.19
C VAL D 44 -17.65 -26.35 -14.75
N ILE D 45 -18.84 -26.04 -14.21
CA ILE D 45 -20.09 -26.61 -14.73
C ILE D 45 -20.71 -25.62 -15.73
N ASP D 46 -20.80 -26.04 -16.97
CA ASP D 46 -21.32 -25.22 -18.04
C ASP D 46 -22.83 -25.42 -18.20
N ALA D 47 -23.63 -24.55 -17.57
CA ALA D 47 -25.09 -24.59 -17.65
C ALA D 47 -25.55 -23.72 -18.81
N GLY D 48 -25.62 -24.31 -19.99
CA GLY D 48 -26.07 -23.62 -21.20
C GLY D 48 -27.58 -23.63 -21.34
N SER D 49 -28.08 -23.11 -22.46
CA SER D 49 -29.52 -23.04 -22.71
C SER D 49 -30.18 -24.40 -22.87
N SER D 50 -29.52 -25.30 -23.59
CA SER D 50 -30.02 -26.64 -23.90
C SER D 50 -29.38 -27.78 -23.10
N SER D 51 -28.26 -27.51 -22.42
CA SER D 51 -27.58 -28.56 -21.64
C SER D 51 -26.79 -28.07 -20.40
N THR D 52 -26.44 -29.03 -19.53
CA THR D 52 -25.60 -28.80 -18.37
C THR D 52 -24.50 -29.85 -18.46
N ARG D 53 -23.25 -29.38 -18.49
CA ARG D 53 -22.08 -30.23 -18.69
C ARG D 53 -20.97 -29.89 -17.71
N THR D 54 -20.37 -30.92 -17.13
CA THR D 54 -19.25 -30.73 -16.23
C THR D 54 -17.94 -30.68 -17.02
N ASN D 55 -17.02 -29.80 -16.60
CA ASN D 55 -15.66 -29.68 -17.16
C ASN D 55 -14.67 -29.82 -16.01
N VAL D 56 -13.87 -30.91 -16.05
CA VAL D 56 -12.87 -31.23 -15.02
C VAL D 56 -11.46 -30.77 -15.45
N PHE D 57 -10.85 -29.91 -14.64
CA PHE D 57 -9.51 -29.39 -14.87
C PHE D 57 -8.57 -29.79 -13.74
N LEU D 58 -7.26 -29.82 -14.06
CA LEU D 58 -6.17 -29.97 -13.09
C LEU D 58 -5.30 -28.73 -13.19
N ALA D 59 -4.66 -28.37 -12.08
CA ALA D 59 -3.74 -27.25 -12.01
C ALA D 59 -2.66 -27.61 -11.00
N LYS D 60 -1.49 -27.00 -11.13
CA LYS D 60 -0.41 -27.25 -10.19
C LYS D 60 -0.44 -26.12 -9.18
N THR D 61 -0.51 -26.45 -7.87
CA THR D 61 -0.46 -25.46 -6.78
C THR D 61 0.94 -25.43 -6.23
N ARG D 62 1.34 -24.30 -5.68
CA ARG D 62 2.66 -24.16 -5.08
C ARG D 62 2.49 -23.51 -3.72
N SER D 63 2.95 -24.20 -2.66
CA SER D 63 2.95 -23.65 -1.30
C SER D 63 4.38 -23.31 -0.94
N CYS D 64 4.62 -22.02 -0.64
CA CYS D 64 5.93 -21.43 -0.32
C CYS D 64 6.02 -20.94 1.14
N PRO D 65 7.12 -21.25 1.88
CA PRO D 65 7.26 -20.74 3.27
C PRO D 65 6.90 -19.24 3.40
N ASN D 66 5.99 -18.92 4.35
CA ASN D 66 5.47 -17.57 4.63
C ASN D 66 4.74 -16.88 3.45
N LYS D 67 4.44 -17.61 2.37
CA LYS D 67 3.80 -17.05 1.18
C LYS D 67 2.43 -17.66 0.84
N GLY D 68 2.10 -18.79 1.48
CA GLY D 68 0.84 -19.49 1.25
C GLY D 68 0.84 -20.41 0.04
N ARG D 69 -0.35 -20.59 -0.56
CA ARG D 69 -0.57 -21.47 -1.71
C ARG D 69 -1.16 -20.73 -2.90
N SER D 70 -0.56 -20.96 -4.09
CA SER D 70 -1.03 -20.33 -5.30
C SER D 70 -1.04 -21.29 -6.48
N ILE D 71 -1.87 -21.00 -7.50
CA ILE D 71 -1.93 -21.81 -8.71
C ILE D 71 -0.97 -21.24 -9.79
N ASP D 72 -0.26 -22.16 -10.51
CA ASP D 72 0.52 -21.82 -11.67
C ASP D 72 -0.54 -21.78 -12.81
N PRO D 73 -0.91 -20.58 -13.32
CA PRO D 73 -1.97 -20.53 -14.36
C PRO D 73 -1.65 -21.29 -15.65
N ASP D 74 -0.37 -21.42 -16.00
CA ASP D 74 0.08 -22.14 -17.20
C ASP D 74 -0.09 -23.66 -17.14
N SER D 75 -0.31 -24.19 -15.94
CA SER D 75 -0.54 -25.60 -15.67
C SER D 75 -2.00 -26.00 -15.82
N ILE D 76 -2.91 -25.03 -15.96
CA ILE D 76 -4.35 -25.33 -16.07
C ILE D 76 -4.62 -26.22 -17.30
N GLN D 77 -5.25 -27.37 -17.05
CA GLN D 77 -5.51 -28.32 -18.12
C GLN D 77 -6.85 -29.04 -17.99
N LEU D 78 -7.58 -29.16 -19.10
CA LEU D 78 -8.83 -29.89 -19.12
C LEU D 78 -8.51 -31.38 -19.17
N ILE D 79 -9.01 -32.15 -18.20
CA ILE D 79 -8.80 -33.60 -18.19
C ILE D 79 -10.05 -34.35 -18.67
N GLY D 80 -11.16 -33.63 -18.79
CA GLY D 80 -12.38 -34.19 -19.32
C GLY D 80 -13.62 -33.33 -19.18
N ALA D 81 -14.48 -33.39 -20.20
CA ALA D 81 -15.80 -32.76 -20.24
C ALA D 81 -16.77 -33.94 -20.20
N GLY D 82 -17.84 -33.79 -19.45
CA GLY D 82 -18.79 -34.88 -19.26
C GLY D 82 -19.97 -34.93 -20.20
N LYS D 83 -20.94 -35.75 -19.82
CA LYS D 83 -22.19 -35.96 -20.56
C LYS D 83 -23.00 -34.66 -20.52
N ARG D 84 -23.78 -34.43 -21.57
CA ARG D 84 -24.66 -33.27 -21.69
C ARG D 84 -25.98 -33.62 -21.01
N PHE D 85 -26.17 -33.12 -19.80
CA PHE D 85 -27.41 -33.32 -19.04
C PHE D 85 -28.40 -32.22 -19.40
N ALA D 86 -29.66 -32.34 -18.93
CA ALA D 86 -30.70 -31.34 -19.21
C ALA D 86 -30.28 -29.93 -18.74
N GLY D 87 -30.73 -28.92 -19.48
CA GLY D 87 -30.49 -27.52 -19.17
C GLY D 87 -31.19 -27.11 -17.89
N LEU D 88 -30.62 -26.12 -17.17
CA LEU D 88 -31.17 -25.56 -15.94
C LEU D 88 -32.61 -25.09 -16.11
N ARG D 89 -32.94 -24.57 -17.30
CA ARG D 89 -34.26 -24.09 -17.74
C ARG D 89 -35.32 -25.17 -17.53
N VAL D 90 -34.97 -26.44 -17.85
CA VAL D 90 -35.84 -27.61 -17.75
C VAL D 90 -36.28 -27.86 -16.29
N VAL D 91 -35.37 -27.67 -15.34
CA VAL D 91 -35.68 -27.80 -13.91
C VAL D 91 -36.80 -26.81 -13.55
N LEU D 92 -36.69 -25.54 -14.02
CA LEU D 92 -37.68 -24.50 -13.73
C LEU D 92 -39.01 -24.70 -14.40
N GLU D 93 -38.98 -25.04 -15.70
CA GLU D 93 -40.15 -25.28 -16.54
C GLU D 93 -40.95 -26.47 -16.06
N GLU D 94 -40.27 -27.57 -15.65
CA GLU D 94 -40.96 -28.75 -15.12
C GLU D 94 -41.61 -28.46 -13.74
N TRP D 95 -40.95 -27.59 -12.95
CA TRP D 95 -41.43 -27.18 -11.63
C TRP D 95 -42.63 -26.23 -11.79
N LEU D 96 -42.57 -25.37 -12.82
CA LEU D 96 -43.67 -24.46 -13.17
C LEU D 96 -44.82 -25.25 -13.77
N ASP D 97 -44.54 -26.25 -14.62
CA ASP D 97 -45.60 -27.10 -15.21
C ASP D 97 -46.41 -27.80 -14.11
N THR D 98 -45.73 -28.31 -13.07
CA THR D 98 -46.36 -29.01 -11.96
C THR D 98 -47.06 -28.05 -11.00
N TYR D 99 -46.35 -26.98 -10.55
CA TYR D 99 -46.83 -26.09 -9.50
C TYR D 99 -47.58 -24.82 -9.88
N ALA D 100 -47.34 -24.28 -11.08
CA ALA D 100 -48.07 -23.11 -11.60
C ALA D 100 -49.18 -23.52 -12.63
N GLY D 101 -49.06 -24.71 -13.21
CA GLY D 101 -49.93 -25.23 -14.26
C GLY D 101 -49.18 -25.24 -15.58
N LYS D 102 -49.57 -26.10 -16.51
CA LYS D 102 -48.90 -26.23 -17.82
C LYS D 102 -49.05 -25.02 -18.77
N ASP D 103 -49.99 -24.07 -18.46
CA ASP D 103 -50.28 -22.86 -19.24
C ASP D 103 -49.50 -21.60 -18.75
N TRP D 104 -48.47 -21.77 -17.87
CA TRP D 104 -47.73 -20.68 -17.26
C TRP D 104 -47.08 -19.68 -18.24
N GLU D 105 -46.67 -20.14 -19.45
CA GLU D 105 -46.03 -19.29 -20.47
C GLU D 105 -47.08 -18.43 -21.20
N SER D 106 -48.36 -18.83 -21.12
CA SER D 106 -49.46 -18.18 -21.85
C SER D 106 -50.45 -17.46 -20.95
N ARG D 107 -50.45 -17.78 -19.66
CA ARG D 107 -51.40 -17.18 -18.71
C ARG D 107 -50.65 -16.53 -17.57
N PRO D 108 -51.16 -15.41 -16.99
CA PRO D 108 -50.46 -14.79 -15.83
C PRO D 108 -50.37 -15.72 -14.62
N VAL D 109 -49.22 -15.68 -13.94
CA VAL D 109 -48.93 -16.51 -12.77
C VAL D 109 -48.70 -15.64 -11.54
N ASP D 110 -49.31 -16.01 -10.40
CA ASP D 110 -49.03 -15.34 -9.14
C ASP D 110 -47.78 -16.04 -8.62
N ALA D 111 -46.60 -15.41 -8.80
CA ALA D 111 -45.29 -15.94 -8.40
C ALA D 111 -45.15 -16.17 -6.90
N ARG D 112 -45.89 -15.38 -6.09
CA ARG D 112 -45.89 -15.40 -4.63
C ARG D 112 -46.42 -16.70 -4.04
N LEU D 113 -47.35 -17.36 -4.74
CA LEU D 113 -47.90 -18.65 -4.30
C LEU D 113 -46.87 -19.78 -4.41
N LEU D 114 -45.90 -19.64 -5.36
CA LEU D 114 -44.88 -20.65 -5.63
C LEU D 114 -43.82 -20.85 -4.53
N PHE D 115 -43.81 -19.93 -3.53
CA PHE D 115 -42.94 -19.99 -2.36
C PHE D 115 -43.31 -21.18 -1.46
N GLN D 116 -44.53 -21.72 -1.63
CA GLN D 116 -45.04 -22.93 -0.95
C GLN D 116 -44.31 -24.21 -1.49
N TYR D 117 -43.56 -24.11 -2.61
CA TYR D 117 -42.95 -25.25 -3.32
C TYR D 117 -41.43 -25.17 -3.54
N VAL D 118 -40.73 -24.52 -2.61
CA VAL D 118 -39.27 -24.43 -2.61
C VAL D 118 -38.67 -25.87 -2.39
N PRO D 119 -39.22 -26.77 -1.49
CA PRO D 119 -38.64 -28.12 -1.38
C PRO D 119 -38.77 -28.91 -2.69
N GLN D 120 -39.86 -28.67 -3.44
CA GLN D 120 -40.04 -29.33 -4.73
C GLN D 120 -39.03 -28.79 -5.78
N MET D 121 -38.70 -27.48 -5.74
CA MET D 121 -37.66 -26.89 -6.61
C MET D 121 -36.31 -27.52 -6.27
N HIS D 122 -36.02 -27.67 -4.95
CA HIS D 122 -34.82 -28.31 -4.44
C HIS D 122 -34.69 -29.74 -4.96
N GLU D 123 -35.80 -30.49 -4.99
CA GLU D 123 -35.81 -31.86 -5.48
C GLU D 123 -35.49 -32.01 -6.96
N GLY D 124 -35.96 -31.06 -7.78
CA GLY D 124 -35.70 -31.01 -9.22
C GLY D 124 -34.23 -30.69 -9.47
N ALA D 125 -33.69 -29.71 -8.75
CA ALA D 125 -32.28 -29.33 -8.86
C ALA D 125 -31.34 -30.47 -8.35
N LYS D 126 -31.73 -31.15 -7.24
CA LYS D 126 -31.00 -32.27 -6.63
C LYS D 126 -30.84 -33.43 -7.64
N LYS D 127 -31.89 -33.73 -8.43
CA LYS D 127 -31.79 -34.77 -9.48
C LYS D 127 -30.70 -34.42 -10.51
N LEU D 128 -30.71 -33.19 -11.07
CA LEU D 128 -29.68 -32.73 -12.01
C LEU D 128 -28.28 -32.75 -11.39
N MET D 129 -28.14 -32.19 -10.18
CA MET D 129 -26.86 -32.08 -9.48
C MET D 129 -26.21 -33.41 -9.17
N GLN D 130 -27.00 -34.41 -8.75
CA GLN D 130 -26.50 -35.76 -8.48
C GLN D 130 -25.97 -36.47 -9.74
N LEU D 131 -26.58 -36.19 -10.91
CA LEU D 131 -26.08 -36.67 -12.20
C LEU D 131 -24.74 -35.99 -12.56
N LEU D 132 -24.59 -34.67 -12.33
CA LEU D 132 -23.32 -33.97 -12.64
C LEU D 132 -22.23 -34.37 -11.66
N GLU D 133 -22.61 -34.66 -10.40
CA GLU D 133 -21.66 -35.07 -9.36
C GLU D 133 -21.03 -36.42 -9.74
N GLU D 134 -21.89 -37.43 -10.03
CA GLU D 134 -21.51 -38.78 -10.40
C GLU D 134 -20.59 -38.78 -11.63
N ASP D 135 -20.93 -37.97 -12.66
CA ASP D 135 -20.17 -37.79 -13.89
C ASP D 135 -18.79 -37.15 -13.58
N THR D 136 -18.76 -36.12 -12.71
CA THR D 136 -17.53 -35.45 -12.28
C THR D 136 -16.61 -36.44 -11.58
N VAL D 137 -17.16 -37.23 -10.63
CA VAL D 137 -16.42 -38.25 -9.86
C VAL D 137 -15.83 -39.33 -10.79
N ALA D 138 -16.62 -39.79 -11.79
CA ALA D 138 -16.24 -40.81 -12.77
C ALA D 138 -15.07 -40.34 -13.67
N ILE D 139 -15.06 -39.04 -14.05
CA ILE D 139 -13.97 -38.43 -14.85
C ILE D 139 -12.71 -38.38 -13.96
N LEU D 140 -12.88 -38.01 -12.67
CA LEU D 140 -11.76 -37.93 -11.71
C LEU D 140 -11.19 -39.32 -11.43
N ASP D 141 -12.07 -40.32 -11.23
CA ASP D 141 -11.69 -41.71 -10.98
C ASP D 141 -10.95 -42.36 -12.13
N SER D 142 -11.34 -42.05 -13.37
CA SER D 142 -10.72 -42.63 -14.58
C SER D 142 -9.46 -41.94 -15.06
N GLN D 143 -9.26 -40.65 -14.72
CA GLN D 143 -8.11 -39.87 -15.16
C GLN D 143 -6.92 -39.82 -14.21
N LEU D 144 -7.20 -39.81 -12.90
CA LEU D 144 -6.17 -39.72 -11.87
C LEU D 144 -5.65 -41.06 -11.39
N ASN D 145 -4.34 -41.14 -11.11
CA ASN D 145 -3.76 -42.34 -10.52
C ASN D 145 -3.90 -42.23 -8.98
N GLU D 146 -3.49 -43.25 -8.21
CA GLU D 146 -3.57 -43.22 -6.75
C GLU D 146 -2.87 -42.04 -6.07
N LYS D 147 -1.62 -41.74 -6.48
CA LYS D 147 -0.85 -40.62 -5.91
C LYS D 147 -1.52 -39.26 -6.18
N GLN D 148 -2.03 -39.06 -7.39
CA GLN D 148 -2.71 -37.81 -7.78
C GLN D 148 -4.07 -37.64 -7.04
N LYS D 149 -4.80 -38.76 -6.79
CA LYS D 149 -6.07 -38.74 -6.06
C LYS D 149 -5.86 -38.27 -4.63
N VAL D 150 -4.74 -38.73 -4.00
CA VAL D 150 -4.39 -38.35 -2.63
C VAL D 150 -4.30 -36.81 -2.48
N GLN D 151 -3.55 -36.16 -3.41
CA GLN D 151 -3.34 -34.71 -3.47
C GLN D 151 -4.66 -33.99 -3.76
N VAL D 152 -5.40 -34.44 -4.79
CA VAL D 152 -6.68 -33.87 -5.23
C VAL D 152 -7.76 -33.92 -4.11
N LYS D 153 -7.82 -35.04 -3.39
CA LYS D 153 -8.74 -35.24 -2.29
C LYS D 153 -8.40 -34.36 -1.09
N ALA D 154 -7.12 -34.22 -0.80
CA ALA D 154 -6.66 -33.38 0.31
C ALA D 154 -6.92 -31.89 0.15
N LEU D 155 -6.74 -31.34 -1.08
CA LEU D 155 -6.82 -29.89 -1.33
C LEU D 155 -8.17 -29.22 -1.42
N GLY D 156 -9.22 -29.99 -1.70
CA GLY D 156 -10.55 -29.46 -1.90
C GLY D 156 -10.73 -29.17 -3.38
N ILE D 157 -11.96 -29.26 -3.84
CA ILE D 157 -12.29 -29.08 -5.24
C ILE D 157 -13.22 -27.91 -5.47
N PRO D 158 -12.67 -26.71 -5.80
CA PRO D 158 -13.52 -25.55 -6.10
C PRO D 158 -14.46 -25.83 -7.28
N VAL D 159 -15.76 -25.49 -7.15
CA VAL D 159 -16.75 -25.70 -8.22
C VAL D 159 -17.26 -24.34 -8.68
N MET D 160 -17.21 -24.10 -10.00
CA MET D 160 -17.68 -22.86 -10.61
C MET D 160 -18.79 -23.24 -11.57
N LEU D 161 -20.04 -23.14 -11.15
CA LEU D 161 -21.17 -23.42 -12.02
C LEU D 161 -21.69 -22.07 -12.48
N CYS D 162 -21.65 -21.82 -13.79
CA CYS D 162 -22.12 -20.60 -14.41
C CYS D 162 -23.17 -20.90 -15.44
N SER D 163 -24.32 -20.21 -15.35
CA SER D 163 -25.34 -20.37 -16.38
C SER D 163 -25.17 -19.24 -17.37
N THR D 164 -25.27 -19.58 -18.66
CA THR D 164 -25.16 -18.61 -19.72
C THR D 164 -26.58 -18.21 -20.12
N ALA D 165 -27.18 -18.79 -21.16
CA ALA D 165 -28.54 -18.42 -21.57
C ALA D 165 -29.66 -19.20 -20.83
N GLY D 166 -30.91 -18.89 -21.16
CA GLY D 166 -32.10 -19.58 -20.69
C GLY D 166 -32.75 -19.09 -19.41
N VAL D 167 -32.06 -19.28 -18.27
CA VAL D 167 -32.55 -18.92 -16.93
C VAL D 167 -32.73 -17.39 -16.78
N ARG D 168 -32.11 -16.61 -17.67
CA ARG D 168 -32.20 -15.15 -17.63
C ARG D 168 -33.56 -14.55 -18.07
N ASP D 169 -34.44 -15.38 -18.61
CA ASP D 169 -35.77 -15.00 -19.11
C ASP D 169 -36.94 -15.21 -18.11
N PHE D 170 -36.69 -15.70 -16.86
CA PHE D 170 -37.80 -15.95 -15.91
C PHE D 170 -38.48 -14.73 -15.26
N HIS D 171 -37.69 -13.71 -14.89
CA HIS D 171 -38.13 -12.43 -14.32
C HIS D 171 -38.93 -12.41 -13.00
N GLU D 172 -38.80 -13.48 -12.18
CA GLU D 172 -39.42 -13.57 -10.85
C GLU D 172 -38.32 -13.96 -9.86
N TRP D 173 -38.68 -14.40 -8.66
CA TRP D 173 -37.71 -14.77 -7.64
C TRP D 173 -36.98 -16.12 -7.92
N TYR D 174 -37.46 -16.89 -8.95
CA TYR D 174 -37.00 -18.24 -9.31
C TYR D 174 -35.56 -18.47 -9.61
N ARG D 175 -34.96 -17.65 -10.53
CA ARG D 175 -33.55 -17.85 -10.91
CA ARG D 175 -33.57 -17.84 -10.92
C ARG D 175 -32.64 -17.71 -9.72
N ASP D 176 -32.82 -16.62 -8.95
CA ASP D 176 -31.99 -16.36 -7.79
C ASP D 176 -32.11 -17.43 -6.73
N ALA D 177 -33.33 -17.98 -6.54
CA ALA D 177 -33.57 -19.04 -5.57
C ALA D 177 -32.95 -20.35 -6.04
N LEU D 178 -33.10 -20.72 -7.33
CA LEU D 178 -32.48 -21.92 -7.91
C LEU D 178 -30.95 -21.90 -7.63
N PHE D 179 -30.29 -20.74 -7.86
CA PHE D 179 -28.87 -20.55 -7.60
C PHE D 179 -28.50 -20.72 -6.13
N VAL D 180 -29.36 -20.26 -5.21
CA VAL D 180 -29.15 -20.48 -3.78
C VAL D 180 -29.24 -22.01 -3.53
N LEU D 181 -30.20 -22.70 -4.20
CA LEU D 181 -30.34 -24.16 -4.02
C LEU D 181 -29.20 -24.96 -4.62
N LEU D 182 -28.73 -24.56 -5.81
CA LEU D 182 -27.61 -25.19 -6.52
C LEU D 182 -26.35 -25.15 -5.69
N ARG D 183 -26.05 -24.00 -5.06
CA ARG D 183 -24.87 -23.83 -4.21
C ARG D 183 -24.96 -24.71 -2.96
N HIS D 184 -26.16 -24.78 -2.33
CA HIS D 184 -26.37 -25.63 -1.15
C HIS D 184 -26.10 -27.10 -1.49
N LEU D 185 -26.52 -27.54 -2.69
CA LEU D 185 -26.32 -28.90 -3.19
C LEU D 185 -24.85 -29.22 -3.44
N ILE D 186 -24.13 -28.28 -4.08
CA ILE D 186 -22.71 -28.43 -4.40
C ILE D 186 -21.88 -28.52 -3.11
N ASN D 187 -22.28 -27.75 -2.09
CA ASN D 187 -21.61 -27.68 -0.81
C ASN D 187 -21.91 -28.86 0.11
N ASN D 188 -22.77 -29.76 -0.35
CA ASN D 188 -23.08 -30.98 0.38
C ASN D 188 -22.85 -32.19 -0.52
N PRO D 189 -21.59 -32.45 -0.96
CA PRO D 189 -21.38 -33.64 -1.81
C PRO D 189 -21.49 -34.94 -1.01
N SER D 190 -21.56 -36.09 -1.69
CA SER D 190 -21.58 -37.40 -1.05
C SER D 190 -20.19 -37.62 -0.41
N PRO D 191 -20.11 -37.93 0.91
CA PRO D 191 -18.80 -38.10 1.57
C PRO D 191 -18.03 -39.35 1.16
N ALA D 192 -18.77 -40.35 0.61
CA ALA D 192 -18.32 -41.66 0.15
C ALA D 192 -17.16 -41.62 -0.85
N HIS D 193 -17.23 -40.73 -1.85
CA HIS D 193 -16.19 -40.66 -2.88
C HIS D 193 -14.86 -39.97 -2.43
N GLY D 194 -14.93 -39.14 -1.38
CA GLY D 194 -13.77 -38.46 -0.82
C GLY D 194 -13.38 -37.16 -1.49
N TYR D 195 -14.03 -36.82 -2.61
CA TYR D 195 -13.74 -35.57 -3.30
C TYR D 195 -14.52 -34.45 -2.61
N LYS D 196 -13.77 -33.46 -2.13
CA LYS D 196 -14.33 -32.35 -1.37
C LYS D 196 -14.72 -31.17 -2.23
N PHE D 197 -15.84 -31.32 -2.97
CA PHE D 197 -16.42 -30.26 -3.80
C PHE D 197 -17.01 -29.19 -2.90
N PHE D 198 -16.81 -27.94 -3.27
CA PHE D 198 -17.36 -26.81 -2.54
C PHE D 198 -17.46 -25.61 -3.49
N THR D 199 -18.37 -24.69 -3.14
CA THR D 199 -18.57 -23.45 -3.91
C THR D 199 -18.97 -22.26 -3.00
N ASN D 200 -19.12 -21.09 -3.60
CA ASN D 200 -19.60 -19.90 -2.87
C ASN D 200 -20.36 -19.03 -3.85
N PRO D 201 -21.11 -17.98 -3.41
CA PRO D 201 -21.84 -17.13 -4.40
C PRO D 201 -20.99 -16.36 -5.40
N PHE D 202 -19.65 -16.31 -5.19
CA PHE D 202 -18.76 -15.61 -6.11
C PHE D 202 -18.34 -16.49 -7.28
N TRP D 203 -18.26 -17.82 -7.08
CA TRP D 203 -17.84 -18.78 -8.10
C TRP D 203 -19.00 -19.35 -8.93
N THR D 204 -20.14 -19.59 -8.28
CA THR D 204 -21.34 -20.16 -8.87
C THR D 204 -22.38 -19.04 -8.99
N ARG D 205 -22.74 -18.65 -10.23
CA ARG D 205 -23.66 -17.55 -10.52
C ARG D 205 -24.01 -17.48 -12.02
N PRO D 206 -25.09 -16.78 -12.42
CA PRO D 206 -25.31 -16.59 -13.88
C PRO D 206 -24.29 -15.58 -14.43
N ILE D 207 -23.93 -15.73 -15.71
CA ILE D 207 -23.06 -14.74 -16.37
C ILE D 207 -23.82 -14.22 -17.57
N THR D 208 -23.60 -12.97 -17.98
CA THR D 208 -24.25 -12.46 -19.19
C THR D 208 -23.44 -12.83 -20.45
N GLY D 209 -24.01 -12.54 -21.63
CA GLY D 209 -23.37 -12.74 -22.92
C GLY D 209 -22.08 -11.93 -23.03
N ALA D 210 -22.15 -10.65 -22.59
CA ALA D 210 -20.99 -9.74 -22.61
C ALA D 210 -19.87 -10.24 -21.69
N GLU D 211 -20.21 -10.83 -20.51
CA GLU D 211 -19.20 -11.40 -19.59
C GLU D 211 -18.60 -12.67 -20.18
N GLU D 212 -19.45 -13.50 -20.82
CA GLU D 212 -19.02 -14.72 -21.50
C GLU D 212 -17.96 -14.40 -22.58
N GLY D 213 -18.14 -13.30 -23.32
CA GLY D 213 -17.18 -12.84 -24.34
C GLY D 213 -15.84 -12.46 -23.72
N LEU D 214 -15.87 -11.71 -22.63
CA LEU D 214 -14.68 -11.32 -21.85
C LEU D 214 -13.94 -12.58 -21.35
N PHE D 215 -14.69 -13.56 -20.80
CA PHE D 215 -14.11 -14.84 -20.36
C PHE D 215 -13.49 -15.65 -21.48
N ALA D 216 -14.14 -15.68 -22.64
CA ALA D 216 -13.65 -16.39 -23.82
C ALA D 216 -12.40 -15.74 -24.40
N PHE D 217 -12.31 -14.40 -24.30
CA PHE D 217 -11.18 -13.59 -24.78
C PHE D 217 -9.94 -13.92 -23.91
N ILE D 218 -10.15 -14.03 -22.57
CA ILE D 218 -9.11 -14.38 -21.60
C ILE D 218 -8.63 -15.83 -21.87
N THR D 219 -9.58 -16.80 -22.08
CA THR D 219 -9.22 -18.18 -22.39
C THR D 219 -8.30 -18.23 -23.62
N LEU D 220 -8.71 -17.59 -24.70
CA LEU D 220 -7.95 -17.62 -25.95
C LEU D 220 -6.53 -17.07 -25.77
N ASN D 221 -6.42 -15.92 -25.12
CA ASN D 221 -5.15 -15.23 -24.89
C ASN D 221 -4.20 -15.89 -23.91
N HIS D 222 -4.75 -16.66 -22.97
CA HIS D 222 -3.96 -17.45 -22.03
C HIS D 222 -3.36 -18.64 -22.80
N LEU D 223 -4.22 -19.43 -23.45
CA LEU D 223 -3.82 -20.62 -24.20
C LEU D 223 -2.83 -20.39 -25.34
N SER D 224 -2.94 -19.25 -26.03
CA SER D 224 -2.05 -18.91 -27.16
C SER D 224 -0.77 -18.22 -26.67
N ARG D 225 -0.58 -18.12 -25.33
CA ARG D 225 0.58 -17.53 -24.65
C ARG D 225 0.74 -16.04 -24.98
N ARG D 226 -0.38 -15.33 -25.21
CA ARG D 226 -0.42 -13.89 -25.51
C ARG D 226 -0.61 -13.08 -24.23
N LEU D 227 -1.36 -13.64 -23.28
CA LEU D 227 -1.63 -13.04 -22.00
C LEU D 227 -0.62 -13.55 -20.97
N GLY D 228 -0.01 -12.61 -20.28
CA GLY D 228 0.98 -12.87 -19.25
C GLY D 228 1.64 -11.60 -18.79
N GLU D 229 2.40 -11.69 -17.68
CA GLU D 229 3.13 -10.56 -17.08
C GLU D 229 4.18 -9.92 -18.01
N ASP D 230 4.72 -10.70 -18.98
CA ASP D 230 5.69 -10.24 -19.99
C ASP D 230 4.98 -9.51 -21.17
N PRO D 231 5.11 -8.16 -21.30
CA PRO D 231 4.47 -7.48 -22.43
C PRO D 231 5.18 -7.74 -23.76
N ALA D 232 4.42 -7.75 -24.87
CA ALA D 232 4.95 -7.97 -26.22
C ALA D 232 5.67 -6.73 -26.76
N ARG D 233 5.28 -5.54 -26.26
CA ARG D 233 5.82 -4.22 -26.62
C ARG D 233 5.44 -3.19 -25.58
N CYS D 234 6.37 -2.27 -25.30
CA CYS D 234 6.13 -1.18 -24.39
C CYS D 234 6.42 0.16 -25.08
N MET D 235 5.42 1.07 -25.06
CA MET D 235 5.50 2.37 -25.73
C MET D 235 5.71 3.52 -24.76
N ILE D 236 6.74 4.34 -25.01
CA ILE D 236 7.04 5.54 -24.22
C ILE D 236 6.00 6.59 -24.66
N ASP D 237 5.08 6.96 -23.75
CA ASP D 237 4.02 7.93 -24.05
C ASP D 237 4.50 9.39 -24.10
N GLU D 238 3.59 10.32 -24.43
CA GLU D 238 3.79 11.78 -24.54
C GLU D 238 4.46 12.43 -23.31
N TYR D 239 4.25 11.84 -22.12
CA TYR D 239 4.81 12.31 -20.83
C TYR D 239 6.18 11.67 -20.53
N GLY D 240 6.51 10.62 -21.29
CA GLY D 240 7.76 9.87 -21.14
C GLY D 240 7.61 8.64 -20.25
N VAL D 241 6.36 8.16 -20.09
CA VAL D 241 6.00 7.00 -19.26
C VAL D 241 5.72 5.80 -20.17
N LYS D 242 6.54 4.73 -20.02
CA LYS D 242 6.39 3.48 -20.77
C LYS D 242 5.07 2.78 -20.43
N GLN D 243 4.19 2.58 -21.43
CA GLN D 243 2.88 1.93 -21.26
C GLN D 243 2.87 0.54 -21.92
N CYS D 244 3.02 -0.52 -21.09
CA CYS D 244 3.14 -1.91 -21.50
C CYS D 244 1.82 -2.63 -21.80
N ARG D 245 1.78 -3.33 -22.94
CA ARG D 245 0.63 -4.12 -23.39
C ARG D 245 1.06 -5.48 -23.90
N ASN D 246 0.16 -6.45 -23.78
CA ASN D 246 0.36 -7.78 -24.35
C ASN D 246 -0.14 -7.68 -25.79
N ASP D 247 0.32 -8.56 -26.68
CA ASP D 247 -0.17 -8.55 -28.04
C ASP D 247 -1.33 -9.53 -28.06
N LEU D 248 -2.48 -9.04 -27.59
CA LEU D 248 -3.68 -9.83 -27.45
C LEU D 248 -4.40 -10.02 -28.75
N ALA D 249 -4.95 -11.22 -28.98
CA ALA D 249 -5.74 -11.57 -30.16
C ALA D 249 -7.23 -11.39 -29.81
N GLY D 250 -7.98 -10.97 -30.79
CA GLY D 250 -9.41 -10.81 -30.66
C GLY D 250 -10.15 -12.11 -30.90
N VAL D 251 -11.39 -12.17 -30.43
CA VAL D 251 -12.20 -13.37 -30.58
C VAL D 251 -13.61 -13.07 -31.13
N VAL D 252 -14.10 -13.95 -32.00
CA VAL D 252 -15.45 -13.96 -32.54
C VAL D 252 -15.94 -15.32 -32.01
N GLU D 253 -16.90 -15.28 -31.09
CA GLU D 253 -17.45 -16.50 -30.51
C GLU D 253 -18.93 -16.50 -30.80
N VAL D 254 -19.39 -17.46 -31.64
CA VAL D 254 -20.80 -17.58 -31.98
C VAL D 254 -21.39 -18.79 -31.25
N GLY D 255 -22.18 -18.50 -30.21
CA GLY D 255 -22.88 -19.51 -29.42
C GLY D 255 -24.30 -19.74 -29.90
N GLY D 256 -25.10 -20.42 -29.09
CA GLY D 256 -26.48 -20.72 -29.43
C GLY D 256 -27.41 -19.55 -29.24
N ALA D 257 -27.15 -18.74 -28.21
CA ALA D 257 -28.02 -17.63 -27.82
C ALA D 257 -27.53 -16.29 -28.26
N SER D 258 -26.21 -16.15 -28.47
CA SER D 258 -25.61 -14.88 -28.85
C SER D 258 -24.27 -15.11 -29.46
N ALA D 259 -23.73 -14.03 -30.05
CA ALA D 259 -22.39 -13.96 -30.63
C ALA D 259 -21.67 -12.85 -29.93
N GLN D 260 -20.45 -13.14 -29.53
CA GLN D 260 -19.55 -12.21 -28.87
C GLN D 260 -18.39 -11.88 -29.76
N ILE D 261 -17.97 -10.61 -29.70
CA ILE D 261 -16.81 -10.07 -30.42
C ILE D 261 -16.07 -9.23 -29.41
N VAL D 262 -14.81 -9.63 -29.11
CA VAL D 262 -13.92 -8.99 -28.14
C VAL D 262 -12.55 -8.87 -28.74
N PHE D 263 -12.02 -7.65 -28.81
CA PHE D 263 -10.68 -7.44 -29.31
C PHE D 263 -10.03 -6.21 -28.69
N PRO D 264 -8.68 -6.17 -28.62
CA PRO D 264 -8.03 -4.99 -28.03
C PRO D 264 -8.28 -3.71 -28.83
N LEU D 265 -8.50 -2.62 -28.11
CA LEU D 265 -8.69 -1.29 -28.68
C LEU D 265 -7.42 -0.87 -29.48
N GLN D 266 -7.62 -0.33 -30.70
CA GLN D 266 -6.51 0.13 -31.54
C GLN D 266 -5.63 1.15 -30.81
N GLU D 267 -4.30 0.93 -30.79
CA GLU D 267 -3.34 1.79 -30.09
C GLU D 267 -3.42 3.23 -30.61
N GLY D 268 -3.56 4.16 -29.68
CA GLY D 268 -3.67 5.58 -29.95
C GLY D 268 -4.99 6.00 -30.61
N THR D 269 -6.07 5.27 -30.37
CA THR D 269 -7.37 5.66 -30.94
C THR D 269 -8.35 6.13 -29.89
N VAL D 270 -9.16 7.10 -30.28
CA VAL D 270 -10.19 7.67 -29.42
C VAL D 270 -11.55 7.23 -29.92
N LEU D 271 -12.20 6.33 -29.14
CA LEU D 271 -13.52 5.80 -29.46
C LEU D 271 -14.54 6.92 -29.34
N PRO D 272 -15.67 6.88 -30.09
CA PRO D 272 -16.73 7.89 -29.85
C PRO D 272 -17.11 7.91 -28.37
N SER D 273 -17.54 9.07 -27.83
CA SER D 273 -17.93 9.16 -26.41
C SER D 273 -19.19 8.36 -26.05
N SER D 274 -20.00 7.96 -27.07
CA SER D 274 -21.23 7.17 -26.94
C SER D 274 -20.99 5.68 -26.65
N VAL D 275 -19.75 5.21 -26.83
CA VAL D 275 -19.30 3.84 -26.57
C VAL D 275 -18.09 3.93 -25.66
N ARG D 276 -17.72 2.83 -25.00
CA ARG D 276 -16.56 2.82 -24.09
CA ARG D 276 -16.56 2.82 -24.10
C ARG D 276 -15.69 1.58 -24.22
N ALA D 277 -14.40 1.71 -23.89
CA ALA D 277 -13.41 0.63 -23.88
C ALA D 277 -13.62 -0.09 -22.52
N VAL D 278 -13.62 -1.44 -22.53
CA VAL D 278 -13.73 -2.21 -21.30
C VAL D 278 -12.32 -2.47 -20.81
N ASN D 279 -12.04 -2.01 -19.60
CA ASN D 279 -10.73 -2.21 -18.98
C ASN D 279 -10.83 -3.42 -18.06
N LEU D 280 -10.03 -4.47 -18.35
CA LEU D 280 -10.06 -5.74 -17.62
C LEU D 280 -9.63 -5.67 -16.18
N GLN D 281 -8.66 -4.80 -15.86
CA GLN D 281 -8.19 -4.52 -14.51
C GLN D 281 -9.28 -3.81 -13.70
N ARG D 282 -9.97 -2.84 -14.33
CA ARG D 282 -11.05 -2.08 -13.71
C ARG D 282 -12.24 -2.98 -13.40
N GLU D 283 -12.53 -3.97 -14.27
CA GLU D 283 -13.62 -4.91 -14.08
C GLU D 283 -13.30 -6.10 -13.16
N ARG D 284 -12.04 -6.13 -12.65
CA ARG D 284 -11.46 -7.16 -11.77
C ARG D 284 -11.46 -8.53 -12.46
N LEU D 285 -11.11 -8.50 -13.74
CA LEU D 285 -10.99 -9.70 -14.55
C LEU D 285 -9.55 -10.10 -14.63
N LEU D 286 -8.66 -9.08 -14.60
CA LEU D 286 -7.21 -9.23 -14.63
C LEU D 286 -6.55 -8.48 -13.51
N PRO D 287 -5.52 -9.06 -12.87
CA PRO D 287 -4.81 -8.33 -11.79
C PRO D 287 -3.95 -7.19 -12.35
N GLU D 288 -3.52 -6.29 -11.46
CA GLU D 288 -2.67 -5.13 -11.74
C GLU D 288 -1.32 -5.49 -12.36
N ARG D 289 -0.69 -6.61 -11.92
CA ARG D 289 0.61 -7.09 -12.45
C ARG D 289 0.56 -7.42 -13.95
N TYR D 290 -0.63 -7.71 -14.47
CA TYR D 290 -0.82 -8.00 -15.89
C TYR D 290 -0.89 -6.68 -16.64
N PRO D 291 -0.25 -6.59 -17.84
CA PRO D 291 -0.31 -5.35 -18.62
C PRO D 291 -1.77 -4.95 -18.87
N SER D 292 -2.03 -3.63 -18.86
CA SER D 292 -3.36 -3.07 -19.04
C SER D 292 -3.98 -3.54 -20.35
N ALA D 293 -5.25 -3.95 -20.28
CA ALA D 293 -6.02 -4.51 -21.38
C ALA D 293 -7.34 -3.77 -21.58
N ASP D 294 -7.42 -2.95 -22.65
CA ASP D 294 -8.62 -2.20 -23.05
C ASP D 294 -9.17 -2.86 -24.29
N VAL D 295 -10.41 -3.28 -24.18
CA VAL D 295 -11.10 -4.04 -25.21
C VAL D 295 -12.39 -3.39 -25.67
N VAL D 296 -12.73 -3.69 -26.92
CA VAL D 296 -14.02 -3.42 -27.53
C VAL D 296 -14.74 -4.77 -27.22
N SER D 297 -15.86 -4.72 -26.51
CA SER D 297 -16.61 -5.90 -26.13
C SER D 297 -18.06 -5.74 -26.53
N VAL D 298 -18.55 -6.72 -27.32
CA VAL D 298 -19.93 -6.72 -27.78
CA VAL D 298 -19.93 -6.72 -27.83
C VAL D 298 -20.54 -8.12 -27.68
N SER D 299 -21.83 -8.20 -27.35
CA SER D 299 -22.59 -9.45 -27.27
C SER D 299 -23.93 -9.25 -27.98
N PHE D 300 -24.14 -9.92 -29.13
CA PHE D 300 -25.37 -9.79 -29.92
C PHE D 300 -26.27 -10.97 -29.81
N MET D 301 -27.36 -10.79 -29.07
CA MET D 301 -28.39 -11.77 -28.80
C MET D 301 -29.09 -12.26 -30.08
N GLN D 302 -29.08 -11.46 -31.16
CA GLN D 302 -29.70 -11.81 -32.44
C GLN D 302 -28.72 -12.52 -33.41
N LEU D 303 -27.43 -12.68 -33.04
CA LEU D 303 -26.46 -13.37 -33.86
C LEU D 303 -26.11 -14.77 -33.38
N GLY D 304 -26.83 -15.28 -32.38
CA GLY D 304 -26.66 -16.63 -31.86
C GLY D 304 -27.20 -17.63 -32.85
N MET D 305 -26.78 -18.90 -32.77
CA MET D 305 -27.26 -19.92 -33.73
C MET D 305 -28.78 -20.08 -33.71
N ALA D 306 -29.39 -20.15 -32.51
CA ALA D 306 -30.84 -20.37 -32.41
C ALA D 306 -31.66 -19.10 -32.58
N SER D 307 -31.21 -17.98 -32.01
CA SER D 307 -31.87 -16.69 -32.12
C SER D 307 -31.81 -16.07 -33.51
N SER D 308 -30.67 -16.18 -34.24
CA SER D 308 -30.57 -15.63 -35.60
C SER D 308 -31.47 -16.40 -36.55
N ALA D 309 -31.64 -17.71 -36.31
CA ALA D 309 -32.51 -18.58 -37.10
C ALA D 309 -33.99 -18.16 -37.00
N GLY D 310 -34.43 -17.84 -35.78
CA GLY D 310 -35.79 -17.39 -35.52
C GLY D 310 -36.10 -16.07 -36.19
N LEU D 311 -35.24 -15.06 -35.95
CA LEU D 311 -35.33 -13.70 -36.49
C LEU D 311 -35.25 -13.64 -38.03
N PHE D 312 -34.35 -14.40 -38.62
CA PHE D 312 -34.17 -14.47 -40.04
C PHE D 312 -35.47 -14.89 -40.74
N LEU D 313 -36.12 -15.99 -40.27
CA LEU D 313 -37.39 -16.49 -40.84
C LEU D 313 -38.52 -15.47 -40.69
N LYS D 314 -38.58 -14.81 -39.51
CA LYS D 314 -39.57 -13.78 -39.18
C LYS D 314 -39.47 -12.57 -40.13
N GLU D 315 -38.25 -12.06 -40.41
CA GLU D 315 -38.04 -10.93 -41.31
C GLU D 315 -38.07 -11.30 -42.81
N LEU D 316 -37.49 -12.46 -43.21
CA LEU D 316 -37.48 -12.93 -44.60
C LEU D 316 -38.90 -13.26 -45.10
N CYS D 317 -39.68 -13.97 -44.26
CA CYS D 317 -41.03 -14.40 -44.62
C CYS D 317 -42.12 -13.35 -44.40
N SER D 318 -41.71 -12.12 -44.05
CA SER D 318 -42.57 -10.94 -43.97
C SER D 318 -42.13 -9.87 -45.00
N ASN D 319 -41.24 -10.26 -45.94
CA ASN D 319 -40.71 -9.45 -47.05
C ASN D 319 -41.36 -9.91 -48.35
N ASP D 320 -42.07 -8.98 -49.04
CA ASP D 320 -42.81 -9.20 -50.29
C ASP D 320 -42.00 -9.85 -51.42
N GLU D 321 -40.66 -9.76 -51.35
CA GLU D 321 -39.78 -10.36 -52.34
C GLU D 321 -39.73 -11.89 -52.19
N PHE D 322 -39.88 -12.37 -50.93
CA PHE D 322 -39.73 -13.79 -50.56
C PHE D 322 -41.00 -14.58 -50.25
N LEU D 323 -42.05 -13.90 -49.77
CA LEU D 323 -43.32 -14.54 -49.47
C LEU D 323 -44.26 -14.24 -50.60
N GLN D 324 -44.82 -15.29 -51.21
CA GLN D 324 -45.76 -15.22 -52.32
C GLN D 324 -46.76 -16.39 -52.21
N GLY D 325 -48.05 -16.08 -52.14
CA GLY D 325 -49.11 -17.09 -52.00
C GLY D 325 -48.88 -18.10 -50.88
N GLY D 326 -48.53 -17.61 -49.69
CA GLY D 326 -48.28 -18.43 -48.51
C GLY D 326 -47.02 -19.28 -48.53
N ILE D 327 -46.20 -19.20 -49.60
CA ILE D 327 -44.94 -19.91 -49.71
C ILE D 327 -43.80 -18.91 -49.48
N CYS D 328 -42.88 -19.24 -48.57
CA CYS D 328 -41.71 -18.41 -48.30
C CYS D 328 -40.51 -19.11 -48.94
N SER D 329 -39.97 -18.48 -49.99
CA SER D 329 -38.80 -19.00 -50.72
C SER D 329 -37.54 -18.60 -49.95
N ASN D 330 -36.92 -19.56 -49.24
CA ASN D 330 -35.76 -19.25 -48.44
C ASN D 330 -34.45 -19.49 -49.20
N PRO D 331 -33.64 -18.43 -49.47
CA PRO D 331 -32.39 -18.62 -50.23
C PRO D 331 -31.29 -19.34 -49.47
N CYS D 332 -31.40 -19.36 -48.12
CA CYS D 332 -30.48 -19.97 -47.17
C CYS D 332 -30.70 -21.47 -46.98
N LEU D 333 -31.80 -22.00 -47.50
CA LEU D 333 -32.13 -23.42 -47.37
C LEU D 333 -31.93 -24.17 -48.68
N PHE D 334 -31.64 -25.48 -48.61
CA PHE D 334 -31.41 -26.27 -49.84
C PHE D 334 -32.68 -26.52 -50.61
N LYS D 335 -32.52 -26.64 -51.95
CA LYS D 335 -33.54 -26.98 -52.93
C LYS D 335 -33.96 -28.43 -52.62
N GLY D 336 -35.27 -28.65 -52.46
CA GLY D 336 -35.81 -29.96 -52.12
C GLY D 336 -36.17 -30.08 -50.64
N PHE D 337 -35.79 -29.07 -49.85
CA PHE D 337 -36.08 -28.99 -48.43
C PHE D 337 -37.33 -28.16 -48.24
N GLN D 338 -38.29 -28.71 -47.48
CA GLN D 338 -39.57 -28.08 -47.16
C GLN D 338 -39.73 -28.05 -45.68
N GLN D 339 -40.42 -27.03 -45.18
CA GLN D 339 -40.63 -26.86 -43.75
C GLN D 339 -41.91 -26.10 -43.50
N SER D 340 -42.61 -26.43 -42.41
CA SER D 340 -43.78 -25.68 -41.94
C SER D 340 -43.31 -24.24 -41.63
N CYS D 341 -44.09 -23.23 -42.04
CA CYS D 341 -43.74 -21.82 -41.81
C CYS D 341 -43.89 -21.40 -40.36
N SER D 342 -42.80 -21.55 -39.60
CA SER D 342 -42.70 -21.28 -38.17
C SER D 342 -41.22 -21.14 -37.80
N ALA D 343 -40.94 -20.46 -36.68
CA ALA D 343 -39.59 -20.31 -36.13
C ALA D 343 -39.34 -21.36 -35.04
N GLY D 344 -40.22 -22.37 -34.95
CA GLY D 344 -40.10 -23.46 -34.00
C GLY D 344 -38.94 -24.38 -34.36
N GLU D 345 -38.42 -25.10 -33.36
CA GLU D 345 -37.31 -26.06 -33.47
C GLU D 345 -37.56 -27.12 -34.57
N VAL D 346 -36.55 -27.30 -35.47
CA VAL D 346 -36.59 -28.23 -36.60
C VAL D 346 -35.91 -29.59 -36.31
N GLU D 347 -36.68 -30.67 -36.45
CA GLU D 347 -36.21 -32.05 -36.25
C GLU D 347 -36.23 -32.73 -37.61
N VAL D 348 -35.05 -32.97 -38.22
CA VAL D 348 -35.00 -33.66 -39.52
C VAL D 348 -35.22 -35.16 -39.29
N ARG D 349 -36.44 -35.62 -39.60
CA ARG D 349 -36.91 -36.99 -39.37
C ARG D 349 -36.29 -38.06 -40.31
N PRO D 350 -36.10 -39.32 -39.83
CA PRO D 350 -35.45 -40.36 -40.68
C PRO D 350 -36.15 -40.72 -41.99
N ASP D 351 -37.42 -40.32 -42.14
CA ASP D 351 -38.22 -40.53 -43.34
C ASP D 351 -38.07 -39.37 -44.35
N GLY D 352 -37.05 -38.54 -44.12
CA GLY D 352 -36.73 -37.39 -44.96
C GLY D 352 -37.35 -36.08 -44.52
N SER D 353 -38.58 -36.16 -43.99
CA SER D 353 -39.42 -35.04 -43.52
C SER D 353 -38.76 -34.15 -42.45
N ALA D 354 -39.18 -32.89 -42.40
CA ALA D 354 -38.69 -31.94 -41.40
C ALA D 354 -39.87 -31.53 -40.50
N SER D 355 -39.85 -32.02 -39.24
CA SER D 355 -40.88 -31.77 -38.23
C SER D 355 -40.58 -30.46 -37.47
N VAL D 356 -41.56 -29.53 -37.47
CA VAL D 356 -41.42 -28.26 -36.77
C VAL D 356 -42.23 -28.28 -35.47
N ASN D 357 -41.53 -28.24 -34.32
CA ASN D 357 -42.18 -28.20 -33.01
C ASN D 357 -42.87 -26.82 -32.82
N GLU D 358 -44.19 -26.84 -32.89
CA GLU D 358 -45.02 -25.63 -32.78
C GLU D 358 -45.24 -25.12 -31.36
N ASP D 359 -44.79 -25.88 -30.34
CA ASP D 359 -44.91 -25.51 -28.93
C ASP D 359 -44.12 -24.23 -28.62
N VAL D 360 -44.75 -23.32 -27.87
CA VAL D 360 -44.21 -22.04 -27.45
C VAL D 360 -42.82 -22.16 -26.82
N ARG D 361 -42.61 -23.18 -25.97
CA ARG D 361 -41.32 -23.44 -25.30
C ARG D 361 -40.19 -23.69 -26.29
N LYS D 362 -40.51 -24.30 -27.46
CA LYS D 362 -39.52 -24.67 -28.48
C LYS D 362 -39.39 -23.64 -29.63
N ASN D 363 -39.93 -22.43 -29.45
CA ASN D 363 -39.83 -21.41 -30.48
C ASN D 363 -38.54 -20.64 -30.34
N ARG D 364 -37.74 -20.55 -31.43
CA ARG D 364 -36.44 -19.84 -31.41
C ARG D 364 -36.58 -18.32 -31.23
N LEU D 365 -37.80 -17.80 -31.46
CA LEU D 365 -38.11 -16.40 -31.27
C LEU D 365 -38.43 -16.07 -29.82
N LYS D 366 -38.64 -17.10 -28.97
CA LYS D 366 -39.02 -16.93 -27.57
C LYS D 366 -38.15 -15.93 -26.78
N PRO D 367 -36.79 -15.97 -26.76
CA PRO D 367 -36.05 -14.93 -26.02
C PRO D 367 -36.28 -13.50 -26.58
N LEU D 368 -36.30 -13.32 -27.92
CA LEU D 368 -36.53 -11.99 -28.53
C LEU D 368 -37.99 -11.50 -28.27
N ALA D 369 -38.99 -12.40 -28.31
CA ALA D 369 -40.40 -12.08 -28.02
C ALA D 369 -40.66 -11.84 -26.53
N THR D 370 -39.81 -12.40 -25.62
CA THR D 370 -39.93 -12.18 -24.17
C THR D 370 -39.49 -10.73 -23.85
N TYR D 371 -38.51 -10.22 -24.63
CA TYR D 371 -38.06 -8.85 -24.50
C TYR D 371 -39.10 -7.90 -25.16
N CYS D 372 -39.58 -8.22 -26.37
CA CYS D 372 -40.56 -7.39 -27.08
C CYS D 372 -41.99 -7.67 -26.59
N SER D 373 -42.25 -7.33 -25.33
CA SER D 373 -43.55 -7.55 -24.68
C SER D 373 -43.99 -6.30 -23.90
N VAL D 374 -45.31 -6.15 -23.64
CA VAL D 374 -45.88 -5.06 -22.82
C VAL D 374 -45.45 -5.28 -21.36
N ASN D 375 -45.31 -6.56 -20.97
CA ASN D 375 -44.90 -7.04 -19.64
C ASN D 375 -43.46 -6.63 -19.28
N ASN D 376 -42.66 -6.20 -20.29
CA ASN D 376 -41.29 -5.73 -20.13
C ASN D 376 -41.37 -4.21 -19.92
N PRO D 377 -41.00 -3.68 -18.74
CA PRO D 377 -41.04 -2.21 -18.54
C PRO D 377 -40.13 -1.37 -19.46
N GLU D 378 -39.12 -2.02 -20.12
CA GLU D 378 -38.18 -1.36 -21.03
C GLU D 378 -38.77 -0.81 -22.32
N ILE D 379 -39.82 -1.44 -22.86
CA ILE D 379 -40.49 -1.04 -24.10
C ILE D 379 -41.17 0.36 -24.01
N SER D 380 -41.77 0.69 -22.85
CA SER D 380 -42.44 1.97 -22.61
C SER D 380 -41.42 3.05 -22.19
N PHE D 381 -40.20 2.63 -21.78
CA PHE D 381 -39.11 3.49 -21.34
C PHE D 381 -38.56 4.45 -22.41
N LYS D 382 -38.16 3.91 -23.58
CA LYS D 382 -37.64 4.68 -24.72
C LYS D 382 -38.60 4.56 -25.88
N VAL D 383 -38.94 5.71 -26.51
CA VAL D 383 -39.89 5.84 -27.63
C VAL D 383 -39.61 4.85 -28.78
N THR D 384 -38.33 4.77 -29.17
CA THR D 384 -37.82 3.94 -30.25
C THR D 384 -37.89 2.41 -30.01
N ASN D 385 -38.07 1.97 -28.74
CA ASN D 385 -38.10 0.56 -28.35
C ASN D 385 -39.22 -0.26 -28.97
N GLU D 386 -40.47 0.25 -28.93
CA GLU D 386 -41.62 -0.44 -29.54
C GLU D 386 -41.38 -0.51 -31.05
N MET D 387 -40.95 0.63 -31.63
CA MET D 387 -40.61 0.83 -33.05
C MET D 387 -39.59 -0.22 -33.53
N GLN D 388 -38.46 -0.39 -32.82
CA GLN D 388 -37.42 -1.36 -33.16
C GLN D 388 -37.97 -2.80 -33.16
N CYS D 389 -38.81 -3.15 -32.14
CA CYS D 389 -39.46 -4.45 -32.01
C CYS D 389 -40.34 -4.75 -33.22
N ARG D 390 -41.28 -3.86 -33.53
CA ARG D 390 -42.20 -3.98 -34.67
C ARG D 390 -41.45 -4.01 -36.03
N GLU D 391 -40.40 -3.17 -36.21
CA GLU D 391 -39.61 -3.12 -37.45
C GLU D 391 -38.74 -4.37 -37.69
N ASN D 392 -38.56 -5.19 -36.65
CA ASN D 392 -37.82 -6.44 -36.66
C ASN D 392 -38.84 -7.60 -36.62
N SER D 393 -40.13 -7.25 -36.87
CA SER D 393 -41.29 -8.14 -36.97
C SER D 393 -41.73 -8.87 -35.71
N ILE D 394 -41.61 -8.22 -34.55
CA ILE D 394 -42.07 -8.79 -33.26
C ILE D 394 -42.97 -7.72 -32.63
N ASP D 395 -44.31 -7.93 -32.65
CA ASP D 395 -45.27 -6.95 -32.10
C ASP D 395 -45.48 -7.05 -30.57
N PRO D 396 -45.03 -6.03 -29.76
CA PRO D 396 -45.21 -6.12 -28.29
C PRO D 396 -46.66 -6.16 -27.79
N THR D 397 -47.59 -5.51 -28.53
CA THR D 397 -49.01 -5.45 -28.19
C THR D 397 -49.70 -6.82 -28.30
N LYS D 398 -49.25 -7.69 -29.23
CA LYS D 398 -49.82 -9.02 -29.48
C LYS D 398 -49.51 -10.07 -28.40
N PRO D 399 -50.48 -10.96 -28.07
CA PRO D 399 -50.18 -12.07 -27.14
C PRO D 399 -49.09 -12.97 -27.73
N LEU D 400 -48.29 -13.57 -26.86
CA LEU D 400 -47.10 -14.37 -27.18
C LEU D 400 -47.12 -15.23 -28.43
N ALA D 401 -48.08 -16.18 -28.56
CA ALA D 401 -48.16 -17.04 -29.74
C ALA D 401 -48.35 -16.23 -31.04
N GLU D 402 -49.32 -15.28 -31.08
CA GLU D 402 -49.59 -14.39 -32.22
C GLU D 402 -48.32 -13.58 -32.59
N ARG D 403 -47.57 -13.11 -31.56
CA ARG D 403 -46.32 -12.31 -31.69
C ARG D 403 -45.21 -13.05 -32.44
N MET D 404 -45.13 -14.37 -32.25
CA MET D 404 -44.10 -15.23 -32.84
C MET D 404 -44.46 -15.78 -34.21
N LYS D 405 -45.78 -15.83 -34.52
CA LYS D 405 -46.36 -16.33 -35.76
C LYS D 405 -45.84 -15.63 -37.00
N ILE D 406 -45.52 -16.39 -38.05
CA ILE D 406 -45.14 -15.80 -39.33
C ILE D 406 -46.46 -15.69 -40.11
N GLU D 407 -46.96 -14.44 -40.24
CA GLU D 407 -48.28 -14.12 -40.82
C GLU D 407 -48.32 -14.41 -42.32
N ASN D 408 -49.51 -14.83 -42.79
CA ASN D 408 -49.84 -15.11 -44.21
C ASN D 408 -48.84 -16.08 -44.87
N CYS D 409 -48.44 -17.10 -44.09
CA CYS D 409 -47.42 -18.05 -44.50
C CYS D 409 -47.76 -19.49 -44.12
N SER D 410 -47.77 -20.37 -45.12
CA SER D 410 -48.06 -21.79 -44.95
C SER D 410 -46.82 -22.66 -44.81
N ILE D 411 -45.91 -22.60 -45.79
CA ILE D 411 -44.71 -23.44 -45.90
C ILE D 411 -43.48 -22.61 -46.33
N ILE D 412 -42.30 -23.05 -45.89
CA ILE D 412 -41.00 -22.50 -46.26
C ILE D 412 -40.28 -23.57 -47.07
N LYS D 413 -39.87 -23.21 -48.29
CA LYS D 413 -39.10 -24.11 -49.14
C LYS D 413 -37.78 -23.46 -49.57
N GLY D 414 -36.70 -24.23 -49.57
CA GLY D 414 -35.37 -23.75 -49.94
C GLY D 414 -35.18 -23.47 -51.42
N THR D 415 -34.42 -22.40 -51.73
CA THR D 415 -34.06 -22.03 -53.11
C THR D 415 -32.55 -22.13 -53.37
N GLY D 416 -31.77 -22.23 -52.30
CA GLY D 416 -30.32 -22.38 -52.37
C GLY D 416 -29.58 -21.40 -53.26
N ASN D 417 -29.88 -20.09 -53.10
CA ASN D 417 -29.22 -18.98 -53.81
C ASN D 417 -28.37 -18.28 -52.72
N PHE D 418 -27.11 -18.75 -52.54
CA PHE D 418 -26.17 -18.26 -51.54
C PHE D 418 -25.97 -16.74 -51.53
N ASP D 419 -25.98 -16.11 -52.72
CA ASP D 419 -25.78 -14.67 -52.84
C ASP D 419 -26.92 -13.87 -52.26
N LYS D 420 -28.18 -14.36 -52.45
CA LYS D 420 -29.39 -13.74 -51.89
C LYS D 420 -29.42 -14.02 -50.40
N CYS D 421 -28.91 -15.21 -49.98
CA CYS D 421 -28.81 -15.62 -48.58
C CYS D 421 -27.92 -14.61 -47.84
N VAL D 422 -26.77 -14.21 -48.44
CA VAL D 422 -25.80 -13.22 -47.92
C VAL D 422 -26.44 -11.85 -47.78
N SER D 423 -27.12 -11.37 -48.85
CA SER D 423 -27.77 -10.06 -48.91
C SER D 423 -28.85 -9.90 -47.83
N GLN D 424 -29.57 -10.99 -47.53
CA GLN D 424 -30.61 -11.04 -46.49
C GLN D 424 -29.97 -11.09 -45.09
N VAL D 425 -28.87 -11.89 -44.93
CA VAL D 425 -28.15 -11.94 -43.64
C VAL D 425 -27.66 -10.54 -43.32
N GLU D 426 -27.10 -9.87 -44.34
CA GLU D 426 -26.61 -8.51 -44.30
C GLU D 426 -27.70 -7.54 -43.80
N SER D 427 -28.91 -7.56 -44.42
CA SER D 427 -30.01 -6.64 -44.05
C SER D 427 -30.84 -6.98 -42.81
N ILE D 428 -30.93 -8.27 -42.44
CA ILE D 428 -31.71 -8.71 -41.28
C ILE D 428 -30.83 -8.78 -40.03
N LEU D 429 -29.70 -9.49 -40.12
CA LEU D 429 -28.84 -9.74 -38.97
C LEU D 429 -27.63 -8.83 -38.78
N VAL D 430 -26.75 -8.69 -39.79
CA VAL D 430 -25.50 -7.94 -39.63
C VAL D 430 -25.62 -6.42 -39.61
N ALA D 431 -26.32 -5.86 -40.60
CA ALA D 431 -26.50 -4.41 -40.70
C ALA D 431 -28.00 -4.06 -40.83
N PRO D 432 -28.83 -4.34 -39.79
CA PRO D 432 -30.26 -4.01 -39.92
C PRO D 432 -30.50 -2.51 -39.93
N LYS D 433 -31.59 -2.10 -40.62
CA LYS D 433 -32.06 -0.73 -40.73
C LYS D 433 -32.22 -0.19 -39.31
N LEU D 434 -33.03 -0.87 -38.47
CA LEU D 434 -33.23 -0.48 -37.07
C LEU D 434 -32.72 -1.56 -36.11
N PRO D 435 -31.43 -1.50 -35.72
CA PRO D 435 -30.92 -2.49 -34.76
C PRO D 435 -31.63 -2.38 -33.41
N LEU D 436 -31.60 -3.48 -32.63
CA LEU D 436 -32.22 -3.52 -31.30
C LEU D 436 -31.37 -2.72 -30.28
N PRO D 437 -31.92 -2.29 -29.11
CA PRO D 437 -31.12 -1.45 -28.19
C PRO D 437 -29.72 -1.95 -27.82
N ALA D 438 -28.75 -1.03 -27.78
CA ALA D 438 -27.38 -1.32 -27.36
C ALA D 438 -27.34 -1.70 -25.86
N ASN D 439 -26.45 -2.65 -25.53
CA ASN D 439 -26.24 -3.21 -24.20
C ASN D 439 -25.21 -2.32 -23.49
N ILE D 440 -25.60 -1.77 -22.32
CA ILE D 440 -24.71 -0.88 -21.57
C ILE D 440 -24.19 -1.37 -20.21
N GLU D 441 -24.23 -2.69 -19.97
CA GLU D 441 -23.65 -3.28 -18.77
C GLU D 441 -22.11 -3.05 -18.77
N ALA D 442 -21.49 -3.15 -17.59
CA ALA D 442 -20.06 -2.96 -17.37
C ALA D 442 -19.15 -3.69 -18.38
N ALA D 443 -19.49 -4.94 -18.74
CA ALA D 443 -18.74 -5.83 -19.64
C ALA D 443 -18.92 -5.50 -21.11
N SER D 444 -19.87 -4.61 -21.41
CA SER D 444 -20.24 -4.21 -22.76
C SER D 444 -19.75 -2.82 -23.16
N SER D 445 -19.23 -2.68 -24.40
CA SER D 445 -18.77 -1.40 -24.94
C SER D 445 -19.93 -0.43 -25.30
N GLY D 446 -21.11 -0.97 -25.61
CA GLY D 446 -22.27 -0.16 -25.97
C GLY D 446 -22.59 -0.10 -27.45
N PHE D 447 -21.98 -0.97 -28.30
CA PHE D 447 -22.30 -0.99 -29.73
C PHE D 447 -23.65 -1.68 -29.99
N GLU D 448 -24.35 -1.29 -31.06
CA GLU D 448 -25.65 -1.89 -31.43
C GLU D 448 -25.58 -2.89 -32.62
N SER D 449 -24.52 -2.83 -33.46
CA SER D 449 -24.39 -3.76 -34.60
C SER D 449 -22.96 -4.06 -34.97
N VAL D 450 -22.73 -5.18 -35.69
CA VAL D 450 -21.40 -5.56 -36.21
C VAL D 450 -20.92 -4.45 -37.15
N ASP D 451 -21.82 -3.98 -38.03
CA ASP D 451 -21.62 -2.91 -39.00
C ASP D 451 -20.91 -1.69 -38.34
N GLN D 452 -21.45 -1.21 -37.20
CA GLN D 452 -20.96 -0.07 -36.41
C GLN D 452 -19.57 -0.30 -35.80
N VAL D 453 -19.30 -1.52 -35.28
CA VAL D 453 -18.02 -1.94 -34.68
C VAL D 453 -16.84 -1.71 -35.66
N PHE D 454 -16.86 -2.37 -36.81
CA PHE D 454 -15.76 -2.30 -37.78
C PHE D 454 -15.66 -1.01 -38.57
N ARG D 455 -16.73 -0.21 -38.56
CA ARG D 455 -16.79 1.09 -39.21
C ARG D 455 -16.16 2.18 -38.33
N PHE D 456 -16.14 2.00 -36.98
CA PHE D 456 -15.65 2.99 -36.02
C PHE D 456 -14.58 2.51 -35.01
N ALA D 457 -14.41 1.19 -34.87
CA ALA D 457 -13.45 0.65 -33.91
C ALA D 457 -12.57 -0.49 -34.46
N SER D 458 -12.33 -0.51 -35.78
CA SER D 458 -11.48 -1.51 -36.44
C SER D 458 -10.10 -1.57 -35.79
N SER D 459 -9.53 -2.78 -35.71
CA SER D 459 -8.23 -3.03 -35.09
C SER D 459 -7.33 -3.88 -35.97
N THR D 460 -6.02 -3.75 -35.78
CA THR D 460 -5.00 -4.56 -36.46
C THR D 460 -4.72 -5.86 -35.67
N ALA D 461 -5.40 -6.05 -34.52
CA ALA D 461 -5.20 -7.25 -33.70
C ALA D 461 -5.65 -8.49 -34.48
N PRO D 462 -4.94 -9.64 -34.40
CA PRO D 462 -5.43 -10.84 -35.11
C PRO D 462 -6.80 -11.28 -34.56
N MET D 463 -7.64 -11.89 -35.42
CA MET D 463 -8.97 -12.36 -35.02
C MET D 463 -9.05 -13.88 -35.07
N ILE D 464 -9.58 -14.48 -34.01
CA ILE D 464 -9.77 -15.92 -33.96
C ILE D 464 -11.28 -16.12 -33.97
N VAL D 465 -11.79 -16.87 -34.99
CA VAL D 465 -13.21 -17.21 -35.15
C VAL D 465 -13.47 -18.56 -34.46
N THR D 466 -14.50 -18.61 -33.59
CA THR D 466 -14.81 -19.80 -32.78
C THR D 466 -16.31 -20.10 -32.73
N GLY D 467 -16.62 -21.30 -32.24
CA GLY D 467 -17.99 -21.80 -32.08
C GLY D 467 -18.26 -22.92 -33.04
N GLY D 468 -18.92 -23.98 -32.55
CA GLY D 468 -19.25 -25.19 -33.30
C GLY D 468 -19.83 -25.01 -34.69
N GLY D 469 -20.73 -24.03 -34.85
CA GLY D 469 -21.38 -23.72 -36.12
C GLY D 469 -20.47 -23.05 -37.14
N MET D 470 -19.68 -22.06 -36.66
CA MET D 470 -18.72 -21.30 -37.47
C MET D 470 -17.62 -22.21 -38.00
N LEU D 471 -17.17 -23.15 -37.16
CA LEU D 471 -16.18 -24.12 -37.60
C LEU D 471 -16.75 -25.18 -38.52
N ALA D 472 -18.00 -25.66 -38.26
CA ALA D 472 -18.66 -26.65 -39.10
C ALA D 472 -18.91 -26.11 -40.50
N ALA D 473 -19.12 -24.80 -40.63
CA ALA D 473 -19.35 -24.11 -41.90
C ALA D 473 -18.10 -24.17 -42.77
N ILE D 474 -16.93 -23.89 -42.17
CA ILE D 474 -15.64 -23.93 -42.85
C ILE D 474 -15.23 -25.38 -43.12
N ASN D 475 -15.35 -26.27 -42.11
CA ASN D 475 -14.96 -27.69 -42.22
C ASN D 475 -15.72 -28.46 -43.28
N THR D 476 -17.07 -28.33 -43.32
CA THR D 476 -17.93 -28.96 -44.33
C THR D 476 -17.41 -28.68 -45.76
N LEU D 477 -16.99 -27.43 -46.03
CA LEU D 477 -16.46 -27.01 -47.33
C LEU D 477 -15.07 -27.56 -47.56
N LYS D 478 -14.29 -27.78 -46.50
CA LYS D 478 -12.96 -28.35 -46.58
C LYS D 478 -13.05 -29.85 -46.80
N ASP D 479 -13.94 -30.54 -46.05
CA ASP D 479 -14.20 -31.99 -46.12
C ASP D 479 -14.70 -32.42 -47.50
N HIS D 480 -15.50 -31.57 -48.16
CA HIS D 480 -16.01 -31.84 -49.50
C HIS D 480 -15.05 -31.34 -50.60
N ARG D 481 -13.86 -30.84 -50.19
CA ARG D 481 -12.77 -30.34 -51.03
C ARG D 481 -13.09 -29.08 -51.87
N LEU D 482 -14.14 -28.34 -51.49
CA LEU D 482 -14.58 -27.10 -52.14
C LEU D 482 -13.76 -25.89 -51.66
N LEU D 483 -13.09 -26.05 -50.52
CA LEU D 483 -12.27 -25.02 -49.88
C LEU D 483 -10.94 -25.65 -49.51
N ARG D 484 -9.86 -24.87 -49.68
CA ARG D 484 -8.49 -25.30 -49.38
C ARG D 484 -8.27 -25.54 -47.89
N SER D 485 -7.48 -26.58 -47.55
CA SER D 485 -7.12 -26.89 -46.16
C SER D 485 -6.42 -25.69 -45.49
N ASP D 486 -5.65 -24.92 -46.29
CA ASP D 486 -4.89 -23.75 -45.88
C ASP D 486 -5.58 -22.42 -46.20
N PHE D 487 -6.93 -22.40 -46.09
CA PHE D 487 -7.78 -21.20 -46.26
C PHE D 487 -7.46 -20.25 -45.10
N SER D 488 -7.25 -18.96 -45.41
CA SER D 488 -6.88 -17.96 -44.41
C SER D 488 -7.85 -16.78 -44.30
N GLY D 489 -9.13 -17.04 -44.52
CA GLY D 489 -10.17 -16.02 -44.39
C GLY D 489 -10.47 -15.17 -45.59
N ASP D 490 -10.06 -15.64 -46.79
CA ASP D 490 -10.32 -14.89 -48.01
C ASP D 490 -11.80 -14.98 -48.37
N VAL D 491 -12.48 -13.81 -48.36
CA VAL D 491 -13.91 -13.61 -48.63
C VAL D 491 -14.41 -14.36 -49.89
N GLU D 492 -13.87 -14.00 -51.08
CA GLU D 492 -14.30 -14.56 -52.36
C GLU D 492 -14.02 -16.04 -52.56
N GLU D 493 -13.02 -16.56 -51.86
CA GLU D 493 -12.70 -17.99 -51.86
C GLU D 493 -13.84 -18.69 -51.12
N LEU D 494 -14.19 -18.14 -49.92
CA LEU D 494 -15.26 -18.64 -49.08
C LEU D 494 -16.61 -18.58 -49.79
N ALA D 495 -16.96 -17.42 -50.39
CA ALA D 495 -18.21 -17.25 -51.17
C ALA D 495 -18.31 -18.27 -52.31
N GLU D 496 -17.18 -18.53 -53.05
CA GLU D 496 -17.18 -19.51 -54.15
C GLU D 496 -17.49 -20.93 -53.69
N ALA D 497 -16.85 -21.41 -52.61
CA ALA D 497 -17.09 -22.74 -52.06
C ALA D 497 -18.51 -22.90 -51.50
N ALA D 498 -19.00 -21.88 -50.77
CA ALA D 498 -20.34 -21.85 -50.17
C ALA D 498 -21.40 -21.85 -51.26
N ARG D 499 -21.23 -21.01 -52.30
CA ARG D 499 -22.13 -20.95 -53.46
C ARG D 499 -22.35 -22.34 -54.08
N GLU D 500 -21.27 -23.12 -54.27
CA GLU D 500 -21.34 -24.47 -54.85
C GLU D 500 -22.13 -25.42 -53.95
N PHE D 501 -21.72 -25.51 -52.65
CA PHE D 501 -22.32 -26.35 -51.62
C PHE D 501 -23.79 -25.99 -51.37
N CYS D 502 -24.09 -24.70 -51.34
CA CYS D 502 -25.44 -24.22 -51.04
C CYS D 502 -26.43 -24.43 -52.18
N SER D 503 -25.90 -24.74 -53.40
CA SER D 503 -26.65 -25.09 -54.60
C SER D 503 -27.06 -26.58 -54.61
N SER D 504 -26.62 -27.36 -53.58
CA SER D 504 -26.97 -28.78 -53.38
C SER D 504 -28.48 -29.04 -53.33
N GLU D 505 -28.88 -30.26 -53.74
CA GLU D 505 -30.26 -30.74 -53.77
C GLU D 505 -30.53 -31.78 -52.68
N VAL D 506 -31.62 -31.59 -51.90
CA VAL D 506 -32.05 -32.51 -50.86
C VAL D 506 -32.84 -33.65 -51.53
N ILE D 507 -32.42 -34.92 -51.30
CA ILE D 507 -33.04 -36.12 -51.84
C ILE D 507 -33.36 -37.10 -50.69
N ILE D 508 -34.59 -37.63 -50.66
CA ILE D 508 -35.04 -38.57 -49.62
C ILE D 508 -34.71 -40.01 -50.08
N ARG D 509 -33.89 -40.71 -49.29
CA ARG D 509 -33.45 -42.08 -49.57
C ARG D 509 -33.82 -43.11 -48.47
N THR D 510 -33.41 -44.39 -48.67
CA THR D 510 -33.62 -45.54 -47.77
C THR D 510 -33.08 -45.31 -46.33
N ASP D 511 -31.81 -44.88 -46.22
CA ASP D 511 -31.11 -44.64 -44.97
C ASP D 511 -31.51 -43.30 -44.33
N GLY D 512 -32.20 -42.44 -45.09
CA GLY D 512 -32.67 -41.13 -44.65
C GLY D 512 -32.45 -40.00 -45.65
N PRO D 513 -32.63 -38.72 -45.23
CA PRO D 513 -32.42 -37.61 -46.18
C PRO D 513 -30.94 -37.34 -46.43
N VAL D 514 -30.61 -36.95 -47.68
CA VAL D 514 -29.22 -36.75 -48.11
C VAL D 514 -29.03 -35.42 -48.88
N ILE D 515 -27.90 -34.73 -48.62
CA ILE D 515 -27.47 -33.50 -49.27
C ILE D 515 -26.62 -33.92 -50.48
N GLN D 516 -27.16 -33.78 -51.71
CA GLN D 516 -26.43 -34.14 -52.93
C GLN D 516 -25.76 -32.92 -53.57
N LEU D 517 -24.42 -32.92 -53.60
CA LEU D 517 -23.63 -31.83 -54.16
C LEU D 517 -23.68 -31.78 -55.70
N PRO D 518 -23.70 -30.57 -56.32
CA PRO D 518 -23.71 -30.50 -57.80
C PRO D 518 -22.44 -31.08 -58.45
N ASN D 519 -22.56 -31.53 -59.71
CA ASN D 519 -21.48 -32.09 -60.55
C ASN D 519 -20.75 -33.32 -59.94
N ALA D 520 -21.54 -34.29 -59.40
CA ALA D 520 -21.07 -35.55 -58.77
C ALA D 520 -19.99 -35.39 -57.67
N ARG D 521 -19.92 -34.18 -57.07
CA ARG D 521 -18.95 -33.80 -56.04
C ARG D 521 -19.06 -34.51 -54.68
N GLY D 522 -20.13 -35.28 -54.47
CA GLY D 522 -20.34 -36.03 -53.24
C GLY D 522 -21.69 -35.84 -52.57
N GLU D 523 -21.87 -36.55 -51.46
CA GLU D 523 -23.10 -36.52 -50.65
C GLU D 523 -22.85 -36.78 -49.17
N GLN D 524 -23.67 -36.15 -48.32
CA GLN D 524 -23.65 -36.33 -46.86
C GLN D 524 -25.08 -36.33 -46.32
N LYS D 525 -25.27 -36.92 -45.13
CA LYS D 525 -26.56 -37.01 -44.46
C LYS D 525 -27.09 -35.62 -44.16
N LEU D 526 -28.40 -35.41 -44.38
CA LEU D 526 -29.06 -34.17 -44.01
C LEU D 526 -29.63 -34.41 -42.60
N ASN D 527 -29.24 -33.56 -41.65
CA ASN D 527 -29.70 -33.68 -40.27
C ASN D 527 -30.21 -32.34 -39.69
N SER D 528 -30.68 -32.39 -38.44
CA SER D 528 -31.22 -31.26 -37.66
C SER D 528 -30.15 -30.19 -37.38
N LEU D 529 -28.86 -30.55 -37.38
CA LEU D 529 -27.78 -29.62 -37.14
C LEU D 529 -27.26 -28.87 -38.39
N ASN D 530 -27.30 -29.52 -39.58
CA ASN D 530 -26.71 -28.95 -40.81
C ASN D 530 -27.65 -28.43 -41.91
N PHE D 531 -28.99 -28.69 -41.81
CA PHE D 531 -29.97 -28.29 -42.84
C PHE D 531 -29.94 -26.77 -43.12
N ASP D 532 -29.58 -26.01 -42.09
CA ASP D 532 -29.55 -24.56 -42.00
C ASP D 532 -28.16 -23.92 -42.20
N LEU D 533 -27.09 -24.75 -42.26
CA LEU D 533 -25.67 -24.37 -42.36
C LEU D 533 -25.26 -23.22 -43.29
N CYS D 534 -25.98 -23.02 -44.40
CA CYS D 534 -25.69 -21.96 -45.38
C CYS D 534 -25.84 -20.55 -44.85
N LYS D 535 -26.75 -20.36 -43.89
CA LYS D 535 -26.96 -19.08 -43.19
C LYS D 535 -25.70 -18.75 -42.38
N THR D 536 -25.04 -19.78 -41.82
CA THR D 536 -23.80 -19.61 -41.05
C THR D 536 -22.65 -19.26 -42.00
N MET D 537 -22.63 -19.85 -43.23
CA MET D 537 -21.62 -19.52 -44.23
C MET D 537 -21.78 -18.05 -44.68
N ALA D 538 -23.05 -17.58 -44.83
CA ALA D 538 -23.42 -16.22 -45.23
C ALA D 538 -23.09 -15.21 -44.15
N LEU D 539 -23.28 -15.58 -42.87
CA LEU D 539 -22.90 -14.75 -41.73
C LEU D 539 -21.37 -14.58 -41.71
N THR D 540 -20.62 -15.67 -41.98
CA THR D 540 -19.15 -15.64 -42.04
C THR D 540 -18.67 -14.73 -43.18
N VAL D 541 -19.25 -14.87 -44.40
CA VAL D 541 -18.92 -14.02 -45.57
C VAL D 541 -19.16 -12.54 -45.21
N SER D 542 -20.31 -12.26 -44.57
CA SER D 542 -20.70 -10.92 -44.13
C SER D 542 -19.76 -10.35 -43.06
N LEU D 543 -19.36 -11.18 -42.06
CA LEU D 543 -18.44 -10.73 -41.00
C LEU D 543 -17.08 -10.33 -41.60
N LEU D 544 -16.53 -11.22 -42.48
CA LEU D 544 -15.27 -11.02 -43.18
C LEU D 544 -15.25 -9.74 -44.05
N ARG D 545 -16.36 -9.46 -44.79
CA ARG D 545 -16.52 -8.27 -45.62
C ARG D 545 -16.51 -6.98 -44.76
N HIS D 546 -17.28 -7.00 -43.65
CA HIS D 546 -17.30 -5.89 -42.70
C HIS D 546 -15.91 -5.65 -42.06
N MET D 547 -15.16 -6.74 -41.76
CA MET D 547 -13.79 -6.64 -41.21
C MET D 547 -12.78 -6.10 -42.25
N ALA D 548 -12.85 -6.59 -43.50
CA ALA D 548 -11.98 -6.16 -44.61
C ALA D 548 -12.17 -4.68 -44.94
N ALA D 549 -13.37 -4.15 -44.65
CA ALA D 549 -13.78 -2.76 -44.90
C ALA D 549 -13.33 -1.71 -43.90
N GLY D 550 -12.94 -2.10 -42.68
CA GLY D 550 -12.46 -1.16 -41.68
C GLY D 550 -11.15 -0.47 -42.03
N GLU D 551 -10.89 0.70 -41.41
CA GLU D 551 -9.66 1.49 -41.60
C GLU D 551 -8.42 0.63 -41.32
N ASN D 552 -8.54 -0.24 -40.30
CA ASN D 552 -7.54 -1.21 -39.84
C ASN D 552 -8.09 -2.61 -40.09
N GLN D 553 -7.22 -3.53 -40.51
CA GLN D 553 -7.64 -4.90 -40.76
C GLN D 553 -6.91 -5.83 -39.80
N PRO D 554 -7.54 -6.91 -39.31
CA PRO D 554 -6.81 -7.85 -38.43
C PRO D 554 -5.53 -8.35 -39.13
N SER D 555 -4.41 -8.44 -38.40
CA SER D 555 -3.14 -8.92 -39.01
C SER D 555 -3.29 -10.32 -39.63
N PHE D 556 -4.18 -11.14 -39.07
CA PHE D 556 -4.55 -12.45 -39.59
C PHE D 556 -5.88 -12.90 -38.98
N ILE D 557 -6.61 -13.79 -39.67
CA ILE D 557 -7.87 -14.38 -39.24
C ILE D 557 -7.69 -15.91 -39.30
N LYS D 558 -8.03 -16.60 -38.19
CA LYS D 558 -7.95 -18.06 -38.08
C LYS D 558 -9.20 -18.63 -37.45
N TRP D 559 -9.57 -19.87 -37.83
CA TRP D 559 -10.71 -20.60 -37.29
C TRP D 559 -10.15 -21.68 -36.40
N GLU D 560 -10.55 -21.69 -35.12
CA GLU D 560 -10.00 -22.65 -34.16
C GLU D 560 -11.02 -23.22 -33.20
N LYS D 561 -10.80 -24.48 -32.75
CA LYS D 561 -11.58 -25.15 -31.72
C LYS D 561 -10.74 -25.21 -30.42
N SER D 562 -9.41 -25.33 -30.58
CA SER D 562 -8.42 -25.39 -29.49
C SER D 562 -7.05 -24.89 -29.98
N ILE D 563 -6.15 -24.65 -29.05
CA ILE D 563 -4.79 -24.15 -29.31
C ILE D 563 -3.83 -25.26 -28.86
N ALA D 564 -2.81 -25.57 -29.66
CA ALA D 564 -1.82 -26.57 -29.28
C ALA D 564 -1.04 -26.08 -28.04
N GLY D 565 -0.89 -26.98 -27.07
CA GLY D 565 -0.13 -26.70 -25.85
C GLY D 565 1.37 -26.82 -26.09
N PRO D 566 2.18 -26.88 -25.00
CA PRO D 566 3.65 -26.96 -25.18
C PRO D 566 4.21 -28.27 -25.74
N ASP D 567 3.51 -29.40 -25.50
CA ASP D 567 3.90 -30.74 -25.95
C ASP D 567 3.14 -31.18 -27.22
N GLY D 568 2.45 -30.23 -27.85
CA GLY D 568 1.66 -30.45 -29.06
C GLY D 568 0.17 -30.57 -28.82
N LYS D 569 -0.22 -31.37 -27.82
CA LYS D 569 -1.61 -31.62 -27.47
C LYS D 569 -2.22 -30.37 -26.78
N PRO D 570 -3.49 -29.99 -27.10
CA PRO D 570 -4.10 -28.85 -26.42
C PRO D 570 -4.23 -29.05 -24.91
N LEU D 571 -4.02 -27.99 -24.15
CA LEU D 571 -4.15 -28.06 -22.69
C LEU D 571 -5.59 -27.99 -22.29
N ALA D 572 -6.39 -27.19 -23.03
CA ALA D 572 -7.82 -27.00 -22.79
C ALA D 572 -8.51 -26.54 -24.07
N ASP D 573 -9.83 -26.44 -24.02
CA ASP D 573 -10.65 -26.01 -25.16
C ASP D 573 -10.89 -24.51 -25.10
N LEU D 574 -11.19 -23.93 -26.26
CA LEU D 574 -11.62 -22.56 -26.38
C LEU D 574 -13.05 -22.41 -25.77
N GLY D 575 -13.37 -21.21 -25.33
CA GLY D 575 -14.65 -20.95 -24.66
C GLY D 575 -14.39 -20.15 -23.41
N TRP D 576 -15.40 -19.96 -22.56
CA TRP D 576 -15.32 -19.12 -21.38
C TRP D 576 -14.77 -19.76 -20.10
N GLN D 577 -14.71 -21.11 -20.04
CA GLN D 577 -14.35 -21.87 -18.85
C GLN D 577 -12.99 -21.58 -18.24
N VAL D 578 -11.92 -21.53 -19.07
CA VAL D 578 -10.55 -21.25 -18.61
C VAL D 578 -10.48 -19.81 -18.07
N GLY D 579 -11.08 -18.85 -18.79
CA GLY D 579 -11.15 -17.45 -18.36
C GLY D 579 -11.86 -17.27 -17.03
N VAL D 580 -12.89 -18.08 -16.77
CA VAL D 580 -13.64 -18.04 -15.51
C VAL D 580 -12.71 -18.47 -14.36
N ILE D 581 -11.94 -19.58 -14.55
CA ILE D 581 -10.94 -20.05 -13.58
C ILE D 581 -9.92 -18.97 -13.32
N LEU D 582 -9.33 -18.44 -14.39
CA LEU D 582 -8.31 -17.41 -14.36
C LEU D 582 -8.69 -16.16 -13.59
N HIS D 583 -9.93 -15.67 -13.73
CA HIS D 583 -10.38 -14.48 -13.03
C HIS D 583 -10.48 -14.62 -11.51
N HIS D 584 -10.40 -15.87 -11.01
CA HIS D 584 -10.39 -16.12 -9.57
C HIS D 584 -8.95 -16.38 -9.09
N VAL D 585 -8.32 -17.32 -9.74
CA VAL D 585 -7.01 -17.88 -9.50
C VAL D 585 -5.88 -16.85 -9.62
N LEU D 586 -6.01 -15.87 -10.52
CA LEU D 586 -4.99 -14.84 -10.73
C LEU D 586 -4.87 -13.81 -9.60
N PHE D 587 -5.94 -13.64 -8.83
CA PHE D 587 -5.99 -12.75 -7.68
C PHE D 587 -5.52 -13.61 -6.49
N THR D 588 -4.19 -13.74 -6.38
CA THR D 588 -3.44 -14.56 -5.40
C THR D 588 -3.98 -14.58 -3.96
N GLU D 589 -4.04 -13.40 -3.31
CA GLU D 589 -4.49 -13.27 -1.91
C GLU D 589 -5.93 -13.70 -1.72
N GLU D 590 -6.82 -13.25 -2.60
CA GLU D 590 -8.24 -13.55 -2.55
C GLU D 590 -8.49 -15.03 -2.80
N TRP D 591 -7.82 -15.63 -3.81
CA TRP D 591 -7.92 -17.06 -4.10
C TRP D 591 -7.46 -17.88 -2.89
N GLY D 592 -6.33 -17.51 -2.32
CA GLY D 592 -5.76 -18.18 -1.16
C GLY D 592 -6.70 -18.20 0.03
N ARG D 593 -7.39 -17.09 0.27
CA ARG D 593 -8.36 -16.98 1.35
C ARG D 593 -9.59 -17.85 1.09
N ASN D 594 -10.22 -17.72 -0.07
CA ASN D 594 -11.42 -18.48 -0.42
C ASN D 594 -11.20 -19.95 -0.68
N ALA D 595 -10.21 -20.32 -1.54
CA ALA D 595 -9.96 -21.74 -1.88
C ALA D 595 -9.28 -22.56 -0.79
N TYR D 596 -8.37 -21.93 -0.02
CA TYR D 596 -7.60 -22.69 0.96
C TYR D 596 -7.89 -22.37 2.42
N GLU D 597 -7.96 -21.08 2.80
CA GLU D 597 -8.22 -20.68 4.19
C GLU D 597 -9.62 -21.02 4.59
N ALA D 598 -10.64 -20.55 3.82
CA ALA D 598 -12.05 -20.91 4.05
C ALA D 598 -12.23 -22.39 3.61
N GLY D 599 -12.03 -22.66 2.32
CA GLY D 599 -12.05 -23.98 1.69
C GLY D 599 -13.33 -24.79 1.83
N TYR D 600 -13.22 -26.12 1.76
CA TYR D 600 -14.37 -26.98 1.97
C TYR D 600 -14.71 -26.99 3.50
N SER D 601 -13.75 -26.64 4.38
CA SER D 601 -13.98 -26.65 5.84
C SER D 601 -14.96 -25.62 6.33
N HIS D 602 -15.27 -24.61 5.49
CA HIS D 602 -16.29 -23.58 5.76
C HIS D 602 -17.66 -24.28 5.90
N ASN D 603 -17.83 -25.40 5.18
CA ASN D 603 -19.04 -26.22 5.15
C ASN D 603 -19.25 -27.15 6.38
N LEU D 604 -18.30 -27.17 7.35
CA LEU D 604 -18.46 -27.96 8.59
C LEU D 604 -19.67 -27.41 9.38
N GLU D 605 -20.54 -28.31 9.89
CA GLU D 605 -21.73 -27.94 10.66
C GLU D 605 -21.43 -27.79 12.14
#